data_5N8R
#
_entry.id   5N8R
#
_cell.length_a   300.866
_cell.length_b   51.477
_cell.length_c   164.393
_cell.angle_alpha   90.00
_cell.angle_beta   114.22
_cell.angle_gamma   90.00
#
_symmetry.space_group_name_H-M   'C 1 2 1'
#
loop_
_entity.id
_entity.type
_entity.pdbx_description
1 polymer 'CG9323, isoform A'
2 polymer "DNA (5'-D(P*GP*AP*GP*CP*AP*CP*TP*GP*C)-3')"
3 water water
#
loop_
_entity_poly.entity_id
_entity_poly.type
_entity_poly.pdbx_seq_one_letter_code
_entity_poly.pdbx_strand_id
1 'polypeptide(L)'
;MQRDRDSSGSNARKGNRPPGLRGKDIGLYYRNLARQQKKDRGENAESKEPQIRLGCNVSAPSGVLERVKELMEDYSRAPS
RQNVDDKNVDAKFQQQFRHLLSVNFEEFVAETKERNADLDWVNPKLDERLQLELGQRQLEENAKKRLEARKKLPTMKYAD
DIIQAVRENQVILIVGSTGCGKTTQVPQILLDDAISRGCASSCRIICTQPRRISAIAIAEWVSYERCESLGNSVGYQIRL
ESRKARERASITYCTTGVLLQQLQSDPLMHNLSVLILDEIHERSVETDLLMGLLKVILPHRPDLKVILMSATVREQDFCD
YFNNCPMFRIEGVMFPVKMLYLEDVLSKTNYEFQKFRDRRPKRDPPERRMKHEAMIEPYLRRIRNSYDSRVLDKLRLPES
EGCEDIDFIADLVYYICENEPEGAILVFLPGYDKISQLYNILDKPKTSKGQRWRDHMAVFPLHSLMQSGEQQAVFRRPPA
GQRKVIISTIIAETSVTIDDVVYVINSGRTKATNYDIETNIQSLDEVWVTKANTQQRRGRAGRVRPGICYNLFSRAREDR
MDDIPTPEILRSKLESIILSLKLLHIDDPYRFLQTLINAPNPEAIKMGVELLKRIEALDQTGTLTPLGMHLAKLPIDPQM
GKMILMSALFCCLDPITSAAAALSFKSPFYSPLGKESRVDEIKRRMARNMRSDHLMVHNTIIAYRDSRYSHAERDFCYKN
FLSSMTLQQLERMKNQFSELLYNYKFLASSNCKDAASNKNSEKIPLLRAIIGAGLYPNMAHLRKSRQIKNRVRAIHTMAT
DDGRRVNFHPSSVNSGESGFDSAYFVYFQRQKSTDLFLLDSTMVFPMALIIFGDGVEAGVTQNTPYLCVAKTYYFKCNRE
TADVVIQLRSNLEKLLLKKALYPAPIEENGYEKQLIKAIELLLSLDERLGEDYISSDEIDDIVD
;
A,B
2 'polydeoxyribonucleotide' (DG)(DA)(DG)(DC)(DA)(DC)(DT)(DG)(DC) C,D
#
# COMPACT_ATOMS: atom_id res chain seq x y z
N ILE A 52 47.04 -38.77 19.12
CA ILE A 52 46.13 -37.78 19.68
C ILE A 52 46.71 -37.13 20.94
N ARG A 53 46.71 -35.80 20.94
CA ARG A 53 47.22 -35.01 22.05
C ARG A 53 46.05 -34.33 22.77
N LEU A 54 45.95 -34.56 24.07
CA LEU A 54 44.80 -34.10 24.84
C LEU A 54 45.00 -32.72 25.42
N GLY A 55 44.04 -31.82 25.20
CA GLY A 55 44.15 -30.44 25.61
C GLY A 55 43.57 -30.23 26.99
N CYS A 56 43.32 -28.96 27.32
CA CYS A 56 42.91 -28.59 28.66
C CYS A 56 41.53 -29.17 29.00
N ASN A 57 41.27 -29.25 30.30
CA ASN A 57 40.03 -29.85 30.80
C ASN A 57 38.87 -28.86 30.64
N VAL A 58 37.81 -29.29 29.97
CA VAL A 58 36.63 -28.44 29.76
C VAL A 58 35.47 -28.81 30.68
N SER A 59 35.67 -29.74 31.63
CA SER A 59 34.56 -30.16 32.48
C SER A 59 33.96 -28.96 33.21
N ALA A 60 32.64 -28.99 33.38
CA ALA A 60 31.99 -27.90 34.09
C ALA A 60 31.56 -28.34 35.50
N PRO A 61 31.41 -27.43 36.46
CA PRO A 61 31.01 -27.87 37.80
C PRO A 61 29.59 -28.44 37.81
N SER A 62 29.37 -29.36 38.76
CA SER A 62 28.07 -30.02 38.91
C SER A 62 26.93 -29.02 39.09
N GLY A 63 27.16 -27.97 39.88
CA GLY A 63 26.10 -27.00 40.09
C GLY A 63 25.66 -26.33 38.81
N VAL A 64 26.59 -26.12 37.89
CA VAL A 64 26.25 -25.51 36.62
C VAL A 64 25.56 -26.52 35.71
N LEU A 65 26.13 -27.73 35.63
CA LEU A 65 25.50 -28.81 34.87
C LEU A 65 24.06 -29.01 35.28
N GLU A 66 23.79 -28.98 36.59
CA GLU A 66 22.44 -29.20 37.10
C GLU A 66 21.51 -28.13 36.54
N ARG A 67 21.98 -26.88 36.59
CA ARG A 67 21.16 -25.79 36.09
C ARG A 67 20.99 -25.86 34.57
N VAL A 68 22.04 -26.25 33.84
CA VAL A 68 21.90 -26.39 32.39
C VAL A 68 20.83 -27.41 32.05
N LYS A 69 20.77 -28.53 32.79
CA LYS A 69 19.78 -29.56 32.47
C LYS A 69 18.38 -29.13 32.84
N GLU A 70 18.21 -28.38 33.93
CA GLU A 70 16.92 -27.77 34.21
C GLU A 70 16.50 -26.86 33.08
N LEU A 71 17.43 -26.06 32.55
CA LEU A 71 17.09 -25.11 31.52
C LEU A 71 16.75 -25.81 30.21
N MET A 72 17.51 -26.86 29.85
CA MET A 72 17.20 -27.63 28.67
C MET A 72 15.84 -28.31 28.81
N GLU A 73 15.51 -28.82 30.00
CA GLU A 73 14.21 -29.49 30.08
C GLU A 73 13.06 -28.50 30.11
N ASP A 74 13.27 -27.27 30.62
CA ASP A 74 12.25 -26.23 30.42
C ASP A 74 12.07 -25.93 28.94
N TYR A 75 13.18 -25.87 28.19
CA TYR A 75 13.09 -25.63 26.76
C TYR A 75 12.36 -26.76 26.05
N SER A 76 12.56 -28.01 26.50
CA SER A 76 11.95 -29.19 25.89
C SER A 76 10.46 -29.32 26.16
N ARG A 77 9.90 -28.58 27.10
CA ARG A 77 8.47 -28.60 27.38
C ARG A 77 7.67 -27.62 26.52
N ALA A 78 8.32 -26.96 25.57
CA ALA A 78 7.60 -26.08 24.65
C ALA A 78 6.71 -26.91 23.73
N PRO A 79 5.51 -26.39 23.37
CA PRO A 79 4.62 -27.04 22.40
C PRO A 79 5.23 -27.13 21.00
N ASP A 90 2.43 -16.15 13.26
CA ASP A 90 2.07 -16.71 11.96
C ASP A 90 3.35 -16.77 11.09
N ALA A 91 3.40 -17.70 10.15
CA ALA A 91 4.60 -17.88 9.34
C ALA A 91 4.34 -17.67 7.85
N LYS A 92 4.65 -16.48 7.35
CA LYS A 92 4.67 -16.27 5.91
C LYS A 92 6.02 -16.57 5.31
N PHE A 93 7.09 -16.60 6.11
CA PHE A 93 8.37 -16.93 5.52
C PHE A 93 8.42 -18.40 5.14
N GLN A 94 7.85 -19.27 5.97
CA GLN A 94 7.84 -20.69 5.64
C GLN A 94 7.07 -20.94 4.35
N GLN A 95 6.01 -20.18 4.09
CA GLN A 95 5.24 -20.41 2.86
C GLN A 95 6.00 -19.90 1.64
N GLN A 96 6.75 -18.80 1.78
CA GLN A 96 7.58 -18.35 0.68
C GLN A 96 8.71 -19.34 0.40
N PHE A 97 9.29 -19.92 1.45
CA PHE A 97 10.38 -20.87 1.25
C PHE A 97 9.85 -22.15 0.62
N ARG A 98 8.70 -22.64 1.08
CA ARG A 98 8.13 -23.82 0.44
C ARG A 98 7.81 -23.54 -1.02
N HIS A 99 7.26 -22.35 -1.30
CA HIS A 99 6.87 -22.02 -2.67
C HIS A 99 8.09 -21.96 -3.58
N LEU A 100 9.17 -21.33 -3.12
CA LEU A 100 10.40 -21.27 -3.92
C LEU A 100 10.86 -22.66 -4.31
N LEU A 101 10.79 -23.61 -3.36
CA LEU A 101 11.28 -24.96 -3.64
C LEU A 101 10.35 -25.75 -4.55
N SER A 102 9.06 -25.43 -4.58
CA SER A 102 8.12 -26.24 -5.33
C SER A 102 7.93 -25.78 -6.79
N VAL A 103 8.42 -24.63 -7.20
CA VAL A 103 8.16 -24.20 -8.57
C VAL A 103 9.34 -24.57 -9.46
N ASN A 104 9.04 -24.99 -10.69
CA ASN A 104 10.11 -25.17 -11.66
C ASN A 104 10.43 -23.82 -12.30
N PHE A 105 11.44 -23.80 -13.18
CA PHE A 105 11.90 -22.53 -13.73
C PHE A 105 10.83 -21.90 -14.63
N GLU A 106 10.10 -22.71 -15.40
CA GLU A 106 9.03 -22.17 -16.23
C GLU A 106 7.99 -21.44 -15.40
N GLU A 107 7.59 -22.02 -14.26
CA GLU A 107 6.62 -21.36 -13.38
C GLU A 107 7.22 -20.12 -12.75
N PHE A 108 8.49 -20.20 -12.33
CA PHE A 108 9.19 -19.07 -11.75
C PHE A 108 9.15 -17.87 -12.70
N VAL A 109 9.37 -18.14 -13.99
CA VAL A 109 9.35 -17.09 -15.01
C VAL A 109 7.94 -16.50 -15.14
N ALA A 110 6.93 -17.35 -15.27
CA ALA A 110 5.55 -16.85 -15.34
C ALA A 110 5.19 -16.01 -14.12
N GLU A 111 5.53 -16.49 -12.91
CA GLU A 111 5.10 -15.76 -11.70
C GLU A 111 5.80 -14.41 -11.58
N THR A 112 7.08 -14.33 -11.94
CA THR A 112 7.74 -13.04 -11.78
C THR A 112 7.23 -12.04 -12.80
N LYS A 113 6.78 -12.52 -13.96
CA LYS A 113 6.18 -11.65 -14.95
C LYS A 113 4.96 -10.95 -14.38
N GLU A 114 4.07 -11.72 -13.74
CA GLU A 114 2.84 -11.12 -13.24
C GLU A 114 3.12 -10.15 -12.11
N ARG A 115 4.12 -10.45 -11.27
CA ARG A 115 4.38 -9.60 -10.11
C ARG A 115 5.08 -8.30 -10.46
N ASN A 116 5.95 -8.29 -11.49
CA ASN A 116 6.55 -7.03 -11.93
C ASN A 116 5.95 -6.73 -13.30
N ALA A 117 4.80 -6.05 -13.29
CA ALA A 117 4.07 -5.62 -14.47
C ALA A 117 4.05 -4.12 -14.68
N ASP A 118 4.67 -3.33 -13.79
CA ASP A 118 4.43 -1.90 -13.77
C ASP A 118 4.74 -1.26 -15.12
N LEU A 119 5.82 -1.72 -15.78
CA LEU A 119 6.20 -1.14 -17.05
C LEU A 119 5.24 -1.52 -18.19
N ASP A 120 4.26 -2.39 -17.93
CA ASP A 120 3.16 -2.57 -18.88
C ASP A 120 2.24 -1.35 -18.94
N TRP A 121 2.43 -0.38 -18.04
CA TRP A 121 1.56 0.78 -17.96
C TRP A 121 2.30 2.02 -18.42
N VAL A 122 1.66 2.78 -19.33
CA VAL A 122 2.21 4.02 -19.86
C VAL A 122 1.22 5.14 -19.57
N ASN A 123 1.71 6.37 -19.64
CA ASN A 123 1.00 7.58 -19.23
C ASN A 123 0.94 8.52 -20.43
N PRO A 124 -0.11 8.45 -21.25
CA PRO A 124 -0.08 9.22 -22.52
C PRO A 124 0.01 10.73 -22.31
N LYS A 125 -0.58 11.26 -21.21
CA LYS A 125 -0.46 12.69 -20.95
C LYS A 125 0.96 13.07 -20.56
N LEU A 126 1.61 12.23 -19.76
CA LEU A 126 3.02 12.46 -19.46
C LEU A 126 3.88 12.38 -20.72
N ASP A 127 3.60 11.38 -21.58
CA ASP A 127 4.32 11.27 -22.84
C ASP A 127 4.18 12.54 -23.67
N GLU A 128 2.96 13.06 -23.77
CA GLU A 128 2.75 14.25 -24.57
C GLU A 128 3.40 15.48 -23.93
N ARG A 129 3.33 15.56 -22.60
CA ARG A 129 3.87 16.72 -21.91
C ARG A 129 5.39 16.78 -22.00
N LEU A 130 6.08 15.66 -21.82
CA LEU A 130 7.53 15.71 -21.90
C LEU A 130 8.01 15.87 -23.34
N GLN A 131 7.25 15.38 -24.31
CA GLN A 131 7.62 15.66 -25.69
C GLN A 131 7.52 17.15 -25.99
N LEU A 132 6.43 17.77 -25.55
CA LEU A 132 6.24 19.21 -25.77
C LEU A 132 7.33 20.02 -25.08
N GLU A 133 7.63 19.69 -23.82
CA GLU A 133 8.62 20.43 -23.05
C GLU A 133 10.01 20.25 -23.61
N LEU A 134 10.31 19.11 -24.20
CA LEU A 134 11.64 18.93 -24.79
C LEU A 134 11.84 19.85 -25.98
N GLY A 135 10.91 19.82 -26.94
CA GLY A 135 11.02 20.70 -28.09
C GLY A 135 11.14 22.17 -27.72
N GLN A 136 10.35 22.62 -26.74
CA GLN A 136 10.42 24.00 -26.30
C GLN A 136 11.79 24.31 -25.69
N ARG A 137 12.19 23.57 -24.65
CA ARG A 137 13.38 23.95 -23.93
C ARG A 137 14.66 23.76 -24.74
N GLN A 138 14.58 23.12 -25.91
CA GLN A 138 15.69 23.10 -26.86
C GLN A 138 15.83 24.41 -27.61
N LEU A 139 14.88 25.33 -27.48
CA LEU A 139 15.07 26.69 -27.95
C LEU A 139 15.42 27.65 -26.82
N GLU A 140 15.49 27.19 -25.58
CA GLU A 140 15.94 28.07 -24.53
C GLU A 140 17.45 28.19 -24.50
N GLU A 141 17.92 29.34 -24.00
CA GLU A 141 19.34 29.58 -23.95
C GLU A 141 19.78 29.29 -22.52
N ASN A 142 19.95 28.00 -22.27
CA ASN A 142 20.69 27.30 -21.22
C ASN A 142 21.28 26.06 -21.90
N ALA A 143 20.39 25.25 -22.50
CA ALA A 143 20.76 24.29 -23.54
C ALA A 143 20.98 25.02 -24.87
N LYS A 144 21.41 24.26 -25.85
CA LYS A 144 21.77 24.75 -27.18
C LYS A 144 23.13 25.47 -27.17
N LYS A 145 23.65 25.88 -25.99
CA LYS A 145 25.11 25.96 -25.85
C LYS A 145 25.64 24.57 -25.56
N ARG A 146 25.16 24.02 -24.46
CA ARG A 146 25.54 22.70 -24.00
C ARG A 146 25.14 21.61 -24.98
N LEU A 147 24.18 21.85 -25.89
CA LEU A 147 24.00 20.89 -26.97
C LEU A 147 25.07 21.01 -28.04
N GLU A 148 25.56 22.23 -28.31
CA GLU A 148 26.65 22.35 -29.26
C GLU A 148 27.95 21.82 -28.66
N ALA A 149 28.12 21.96 -27.34
CA ALA A 149 29.28 21.36 -26.69
C ALA A 149 29.19 19.83 -26.67
N ARG A 150 28.00 19.27 -26.45
CA ARG A 150 27.87 17.82 -26.48
C ARG A 150 28.21 17.26 -27.85
N LYS A 151 27.85 17.98 -28.91
CA LYS A 151 28.05 17.45 -30.25
C LYS A 151 29.52 17.39 -30.63
N LYS A 152 30.37 18.10 -29.90
CA LYS A 152 31.81 17.93 -30.01
C LYS A 152 32.29 16.57 -29.50
N LEU A 153 31.47 15.86 -28.70
CA LEU A 153 31.84 14.53 -28.21
C LEU A 153 31.68 13.52 -29.35
N PRO A 154 32.69 12.65 -29.57
CA PRO A 154 32.59 11.69 -30.68
C PRO A 154 31.33 10.85 -30.65
N THR A 155 30.83 10.48 -29.47
CA THR A 155 29.64 9.63 -29.43
C THR A 155 28.44 10.28 -30.12
N MET A 156 28.31 11.61 -30.04
CA MET A 156 27.14 12.28 -30.62
C MET A 156 27.14 12.19 -32.14
N LYS A 157 28.33 12.07 -32.76
CA LYS A 157 28.39 11.86 -34.20
C LYS A 157 27.66 10.58 -34.62
N TYR A 158 27.59 9.60 -33.72
CA TYR A 158 27.02 8.29 -34.04
C TYR A 158 25.59 8.12 -33.54
N ALA A 159 24.97 9.17 -33.00
CA ALA A 159 23.68 9.04 -32.32
C ALA A 159 22.65 8.28 -33.17
N ASP A 160 22.46 8.70 -34.42
CA ASP A 160 21.41 8.10 -35.22
C ASP A 160 21.70 6.63 -35.52
N ASP A 161 22.96 6.28 -35.77
CA ASP A 161 23.32 4.88 -36.00
C ASP A 161 23.13 4.03 -34.74
N ILE A 162 23.37 4.61 -33.56
CA ILE A 162 23.14 3.84 -32.33
C ILE A 162 21.64 3.64 -32.11
N ILE A 163 20.85 4.69 -32.33
CA ILE A 163 19.40 4.55 -32.19
C ILE A 163 18.89 3.45 -33.12
N GLN A 164 19.31 3.48 -34.37
CA GLN A 164 18.87 2.45 -35.31
C GLN A 164 19.36 1.06 -34.90
N ALA A 165 20.63 0.93 -34.48
CA ALA A 165 21.13 -0.39 -34.09
C ALA A 165 20.39 -0.91 -32.84
N VAL A 166 20.06 -0.03 -31.88
CA VAL A 166 19.30 -0.50 -30.72
C VAL A 166 17.92 -0.97 -31.15
N ARG A 167 17.26 -0.18 -32.01
CA ARG A 167 15.93 -0.56 -32.50
C ARG A 167 15.95 -1.93 -33.17
N GLU A 168 17.02 -2.24 -33.90
CA GLU A 168 17.09 -3.46 -34.69
C GLU A 168 17.74 -4.64 -33.96
N ASN A 169 18.37 -4.43 -32.80
CA ASN A 169 19.04 -5.53 -32.10
C ASN A 169 18.81 -5.47 -30.60
N GLN A 170 18.70 -6.66 -30.01
CA GLN A 170 18.49 -6.79 -28.57
C GLN A 170 19.75 -6.39 -27.82
N VAL A 171 20.92 -6.80 -28.32
CA VAL A 171 22.19 -6.51 -27.69
C VAL A 171 23.09 -5.81 -28.71
N ILE A 172 23.64 -4.65 -28.35
CA ILE A 172 24.74 -4.09 -29.11
C ILE A 172 25.89 -3.79 -28.16
N LEU A 173 27.05 -3.57 -28.76
CA LEU A 173 28.29 -3.33 -28.02
C LEU A 173 28.87 -2.01 -28.52
N ILE A 174 29.20 -1.13 -27.59
CA ILE A 174 29.83 0.15 -27.92
C ILE A 174 31.22 0.16 -27.30
N VAL A 175 32.23 0.33 -28.14
CA VAL A 175 33.62 0.24 -27.73
C VAL A 175 34.23 1.62 -27.87
N GLY A 176 34.80 2.15 -26.79
CA GLY A 176 35.48 3.42 -26.94
C GLY A 176 36.39 3.75 -25.79
N SER A 177 37.36 4.61 -26.07
CA SER A 177 38.39 4.99 -25.12
C SER A 177 38.05 6.33 -24.48
N THR A 178 38.87 6.69 -23.50
CA THR A 178 38.64 7.87 -22.68
C THR A 178 38.40 9.11 -23.52
N GLY A 179 37.37 9.87 -23.12
CA GLY A 179 36.97 11.05 -23.83
C GLY A 179 35.90 10.84 -24.88
N CYS A 180 35.58 9.60 -25.25
CA CYS A 180 34.62 9.46 -26.36
C CYS A 180 33.20 9.85 -25.95
N GLY A 181 32.90 9.85 -24.66
CA GLY A 181 31.61 10.30 -24.21
C GLY A 181 30.53 9.25 -24.20
N LYS A 182 30.86 7.98 -24.39
CA LYS A 182 29.81 6.96 -24.45
C LYS A 182 29.03 6.87 -23.13
N THR A 183 29.70 7.06 -21.99
CA THR A 183 29.00 6.86 -20.72
C THR A 183 27.99 7.99 -20.47
N THR A 184 28.36 9.23 -20.76
CA THR A 184 27.43 10.32 -20.53
C THR A 184 26.41 10.47 -21.66
N GLN A 185 26.82 10.21 -22.91
CA GLN A 185 25.92 10.53 -24.03
C GLN A 185 24.97 9.42 -24.48
N VAL A 186 25.36 8.14 -24.42
CA VAL A 186 24.47 7.09 -24.91
C VAL A 186 23.15 7.08 -24.16
N PRO A 187 23.10 7.08 -22.81
CA PRO A 187 21.79 7.10 -22.14
C PRO A 187 20.95 8.28 -22.55
N GLN A 188 21.57 9.44 -22.74
CA GLN A 188 20.82 10.63 -23.11
C GLN A 188 20.24 10.49 -24.51
N ILE A 189 21.04 9.99 -25.45
CA ILE A 189 20.59 9.78 -26.83
C ILE A 189 19.33 8.93 -26.85
N LEU A 190 19.35 7.81 -26.11
CA LEU A 190 18.21 6.90 -26.12
C LEU A 190 17.02 7.51 -25.39
N LEU A 191 17.28 8.23 -24.29
CA LEU A 191 16.18 8.84 -23.53
C LEU A 191 15.52 9.95 -24.35
N ASP A 192 16.32 10.84 -24.93
CA ASP A 192 15.74 11.94 -25.69
C ASP A 192 15.05 11.44 -26.94
N ASP A 193 15.50 10.31 -27.50
CA ASP A 193 14.79 9.73 -28.63
C ASP A 193 13.42 9.20 -28.22
N ALA A 194 13.34 8.51 -27.07
CA ALA A 194 12.05 8.01 -26.61
C ALA A 194 11.08 9.15 -26.33
N ILE A 195 11.58 10.24 -25.73
CA ILE A 195 10.77 11.42 -25.47
C ILE A 195 10.33 12.07 -26.78
N SER A 196 11.24 12.18 -27.75
CA SER A 196 10.93 12.81 -29.04
C SER A 196 9.88 12.01 -29.79
N ARG A 197 9.92 10.69 -29.69
CA ARG A 197 8.94 9.85 -30.35
C ARG A 197 7.62 9.75 -29.59
N GLY A 198 7.46 10.46 -28.47
CA GLY A 198 6.20 10.42 -27.74
C GLY A 198 5.98 9.16 -26.94
N CYS A 199 7.07 8.42 -26.67
CA CYS A 199 7.12 7.19 -25.89
C CYS A 199 7.65 7.36 -24.47
N ALA A 200 7.80 8.59 -23.98
CA ALA A 200 8.64 8.88 -22.80
C ALA A 200 8.40 7.91 -21.64
N SER A 201 7.14 7.66 -21.28
CA SER A 201 6.91 6.94 -20.04
C SER A 201 7.25 5.45 -20.16
N SER A 202 7.48 4.95 -21.38
CA SER A 202 7.97 3.59 -21.52
C SER A 202 9.47 3.46 -21.27
N CYS A 203 10.19 4.56 -21.08
CA CYS A 203 11.65 4.54 -21.10
C CYS A 203 12.21 4.62 -19.68
N ARG A 204 12.81 3.53 -19.21
CA ARG A 204 13.52 3.54 -17.93
C ARG A 204 14.90 2.93 -18.16
N ILE A 205 15.93 3.76 -18.07
CA ILE A 205 17.28 3.35 -18.44
C ILE A 205 18.11 3.20 -17.17
N ILE A 206 18.77 2.05 -17.03
CA ILE A 206 19.72 1.76 -15.95
C ILE A 206 21.11 1.61 -16.56
N CYS A 207 22.09 2.36 -16.06
CA CYS A 207 23.48 2.24 -16.46
C CYS A 207 24.31 1.84 -15.24
N THR A 208 24.91 0.65 -15.29
CA THR A 208 25.77 0.19 -14.22
C THR A 208 27.19 0.71 -14.40
N GLN A 209 27.85 0.94 -13.28
CA GLN A 209 29.22 1.37 -13.10
C GLN A 209 29.93 0.44 -12.12
N PRO A 210 31.23 0.23 -12.30
CA PRO A 210 31.95 -0.60 -11.32
C PRO A 210 32.11 0.09 -9.96
N ARG A 211 32.17 1.41 -9.91
CA ARG A 211 32.64 2.09 -8.71
C ARG A 211 31.66 3.15 -8.26
N ARG A 212 31.50 3.25 -6.93
CA ARG A 212 30.55 4.17 -6.32
C ARG A 212 30.78 5.60 -6.76
N ILE A 213 32.03 6.07 -6.67
CA ILE A 213 32.33 7.47 -6.94
C ILE A 213 32.00 7.82 -8.40
N SER A 214 32.17 6.86 -9.32
CA SER A 214 31.82 7.10 -10.71
C SER A 214 30.30 7.20 -10.88
N ALA A 215 29.53 6.31 -10.23
CA ALA A 215 28.08 6.42 -10.35
C ALA A 215 27.61 7.80 -9.94
N ILE A 216 28.11 8.34 -8.83
CA ILE A 216 27.69 9.65 -8.38
C ILE A 216 28.13 10.73 -9.36
N ALA A 217 29.42 10.77 -9.69
CA ALA A 217 30.00 11.85 -10.49
C ALA A 217 29.40 11.91 -11.89
N ILE A 218 29.18 10.74 -12.50
CA ILE A 218 28.59 10.75 -13.84
C ILE A 218 27.15 11.23 -13.78
N ALA A 219 26.40 10.78 -12.78
CA ALA A 219 25.02 11.21 -12.66
C ALA A 219 24.93 12.71 -12.46
N GLU A 220 25.82 13.27 -11.63
CA GLU A 220 25.83 14.71 -11.41
C GLU A 220 26.20 15.46 -12.68
N TRP A 221 27.14 14.91 -13.45
CA TRP A 221 27.56 15.57 -14.67
C TRP A 221 26.45 15.59 -15.70
N VAL A 222 25.85 14.43 -15.96
CA VAL A 222 24.76 14.35 -16.93
C VAL A 222 23.59 15.23 -16.49
N SER A 223 23.32 15.27 -15.19
CA SER A 223 22.23 16.10 -14.71
C SER A 223 22.52 17.56 -15.01
N TYR A 224 23.77 17.98 -14.77
CA TYR A 224 24.18 19.34 -15.09
C TYR A 224 24.06 19.62 -16.59
N GLU A 225 24.46 18.65 -17.44
CA GLU A 225 24.36 18.84 -18.89
C GLU A 225 22.93 19.07 -19.33
N ARG A 226 21.96 18.60 -18.56
CA ARG A 226 20.55 18.74 -18.86
C ARG A 226 19.92 19.93 -18.15
N CYS A 227 20.70 20.71 -17.39
CA CYS A 227 20.22 21.86 -16.60
C CYS A 227 19.20 21.40 -15.55
N GLU A 228 19.49 20.29 -14.88
CA GLU A 228 18.60 19.73 -13.88
C GLU A 228 19.37 19.45 -12.60
N SER A 229 18.68 19.61 -11.48
CA SER A 229 19.18 19.08 -10.23
C SER A 229 19.09 17.56 -10.26
N LEU A 230 20.01 16.91 -9.56
CA LEU A 230 19.94 15.47 -9.44
C LEU A 230 18.55 15.07 -8.97
N GLY A 231 18.01 14.00 -9.54
CA GLY A 231 16.73 13.51 -9.10
C GLY A 231 15.58 13.81 -10.01
N ASN A 232 15.80 14.44 -11.18
CA ASN A 232 14.69 14.54 -12.10
C ASN A 232 14.80 13.50 -13.22
N SER A 233 15.45 13.83 -14.35
CA SER A 233 15.56 12.81 -15.38
C SER A 233 16.77 11.93 -15.17
N VAL A 234 17.73 12.36 -14.34
CA VAL A 234 18.95 11.61 -14.04
C VAL A 234 19.03 11.38 -12.54
N GLY A 235 19.47 10.18 -12.15
CA GLY A 235 19.65 9.83 -10.75
C GLY A 235 20.78 8.82 -10.57
N TYR A 236 21.10 8.50 -9.32
CA TYR A 236 22.03 7.40 -9.05
C TYR A 236 21.58 6.61 -7.85
N GLN A 237 21.97 5.34 -7.82
CA GLN A 237 21.77 4.52 -6.65
C GLN A 237 23.02 3.69 -6.41
N ILE A 238 23.59 3.81 -5.21
CA ILE A 238 24.63 2.92 -4.72
C ILE A 238 24.18 2.41 -3.36
N ARG A 239 24.99 1.54 -2.76
CA ARG A 239 24.56 0.94 -1.50
C ARG A 239 24.38 2.02 -0.45
N LEU A 240 23.19 2.07 0.13
CA LEU A 240 22.82 2.98 1.23
C LEU A 240 22.92 4.46 0.87
N GLU A 241 22.96 4.80 -0.41
CA GLU A 241 22.82 6.21 -0.77
C GLU A 241 22.24 6.30 -2.16
N SER A 242 21.30 7.21 -2.36
CA SER A 242 20.70 7.34 -3.67
C SER A 242 20.21 8.76 -3.84
N ARG A 243 20.24 9.25 -5.07
CA ARG A 243 19.38 10.37 -5.42
C ARG A 243 18.55 9.82 -6.57
N LYS A 244 17.31 9.45 -6.31
CA LYS A 244 16.58 8.66 -7.27
C LYS A 244 16.02 9.58 -8.33
N ALA A 245 16.08 9.13 -9.58
CA ALA A 245 15.45 9.88 -10.65
C ALA A 245 13.94 9.73 -10.54
N ARG A 246 13.22 10.49 -11.34
CA ARG A 246 11.79 10.24 -11.49
C ARG A 246 11.59 8.85 -12.07
N GLU A 247 10.38 8.33 -11.88
CA GLU A 247 10.17 6.91 -12.15
C GLU A 247 10.33 6.58 -13.63
N ARG A 248 9.79 7.40 -14.52
CA ARG A 248 9.78 7.17 -15.96
C ARG A 248 10.52 8.26 -16.72
N ALA A 249 10.94 7.91 -17.94
CA ALA A 249 11.73 8.81 -18.78
C ALA A 249 12.97 9.28 -18.03
N SER A 250 13.78 8.30 -17.61
CA SER A 250 14.84 8.62 -16.67
C SER A 250 16.02 7.70 -16.90
N ILE A 251 17.18 8.18 -16.45
CA ILE A 251 18.44 7.45 -16.49
C ILE A 251 18.91 7.32 -15.04
N THR A 252 19.17 6.09 -14.61
CA THR A 252 19.76 5.87 -13.30
C THR A 252 21.12 5.21 -13.43
N TYR A 253 22.16 5.85 -12.87
CA TYR A 253 23.47 5.22 -12.75
C TYR A 253 23.58 4.46 -11.42
N CYS A 254 24.02 3.19 -11.46
CA CYS A 254 24.15 2.45 -10.22
C CYS A 254 25.39 1.59 -10.28
N THR A 255 25.89 1.18 -9.11
CA THR A 255 26.92 0.14 -9.08
C THR A 255 26.33 -1.18 -9.54
N THR A 256 27.17 -2.01 -10.16
CA THR A 256 26.70 -3.27 -10.73
C THR A 256 26.07 -4.13 -9.64
N GLY A 257 26.63 -4.09 -8.43
CA GLY A 257 26.09 -4.88 -7.34
C GLY A 257 24.68 -4.49 -6.92
N VAL A 258 24.33 -3.20 -7.01
CA VAL A 258 22.94 -2.81 -6.72
C VAL A 258 21.98 -3.54 -7.65
N LEU A 259 22.29 -3.56 -8.95
CA LEU A 259 21.40 -4.24 -9.89
C LEU A 259 21.36 -5.74 -9.59
N LEU A 260 22.50 -6.35 -9.28
CA LEU A 260 22.47 -7.78 -8.96
C LEU A 260 21.56 -8.05 -7.76
N GLN A 261 21.63 -7.21 -6.72
CA GLN A 261 20.78 -7.38 -5.56
C GLN A 261 19.30 -7.24 -5.92
N GLN A 262 18.97 -6.29 -6.79
CA GLN A 262 17.57 -6.07 -7.18
C GLN A 262 17.02 -7.24 -8.00
N LEU A 263 17.90 -8.07 -8.58
CA LEU A 263 17.43 -9.27 -9.28
C LEU A 263 16.61 -10.18 -8.37
N GLN A 264 16.85 -10.14 -7.06
CA GLN A 264 16.12 -11.06 -6.18
C GLN A 264 14.62 -10.79 -6.22
N SER A 265 14.23 -9.52 -6.31
CA SER A 265 12.84 -9.12 -6.50
C SER A 265 12.41 -9.04 -7.96
N ASP A 266 13.32 -8.92 -8.91
CA ASP A 266 12.94 -8.75 -10.32
C ASP A 266 13.93 -9.53 -11.17
N PRO A 267 13.88 -10.87 -11.08
CA PRO A 267 14.95 -11.70 -11.68
C PRO A 267 15.02 -11.61 -13.19
N LEU A 268 13.91 -11.31 -13.87
CA LEU A 268 13.95 -11.16 -15.32
C LEU A 268 13.97 -9.71 -15.76
N MET A 269 14.18 -8.76 -14.83
CA MET A 269 14.42 -7.36 -15.15
C MET A 269 13.24 -6.71 -15.88
N HIS A 270 12.03 -7.01 -15.43
CA HIS A 270 10.87 -6.36 -16.02
C HIS A 270 10.77 -4.89 -15.66
N ASN A 271 11.55 -4.41 -14.69
CA ASN A 271 11.32 -3.05 -14.20
C ASN A 271 12.18 -2.00 -14.90
N LEU A 272 12.89 -2.35 -15.97
CA LEU A 272 13.64 -1.41 -16.78
C LEU A 272 13.48 -1.77 -18.26
N SER A 273 13.55 -0.76 -19.13
CA SER A 273 13.50 -0.93 -20.58
C SER A 273 14.86 -1.05 -21.25
N VAL A 274 15.89 -0.43 -20.70
CA VAL A 274 17.21 -0.44 -21.31
C VAL A 274 18.23 -0.67 -20.21
N LEU A 275 19.10 -1.65 -20.40
CA LEU A 275 20.21 -1.93 -19.51
C LEU A 275 21.51 -1.59 -20.22
N ILE A 276 22.33 -0.75 -19.60
CA ILE A 276 23.62 -0.39 -20.14
C ILE A 276 24.66 -0.85 -19.11
N LEU A 277 25.47 -1.86 -19.48
CA LEU A 277 26.59 -2.32 -18.66
C LEU A 277 27.86 -1.65 -19.15
N ASP A 278 28.50 -0.89 -18.28
CA ASP A 278 29.68 -0.12 -18.62
C ASP A 278 30.93 -0.75 -18.03
N GLU A 279 32.06 -0.55 -18.70
CA GLU A 279 33.38 -1.00 -18.24
C GLU A 279 33.47 -2.53 -18.10
N ILE A 280 32.82 -3.26 -19.02
CA ILE A 280 32.90 -4.72 -18.94
C ILE A 280 34.31 -5.25 -19.22
N HIS A 281 35.16 -4.50 -19.94
CA HIS A 281 36.54 -4.95 -20.17
C HIS A 281 37.32 -5.16 -18.87
N GLU A 282 36.86 -4.58 -17.76
CA GLU A 282 37.55 -4.74 -16.49
C GLU A 282 37.33 -6.13 -15.88
N ARG A 283 36.32 -6.86 -16.35
CA ARG A 283 36.03 -8.22 -15.93
C ARG A 283 35.87 -8.37 -14.40
N SER A 284 35.09 -7.47 -13.81
CA SER A 284 34.69 -7.68 -12.42
C SER A 284 33.77 -8.89 -12.35
N VAL A 285 33.73 -9.50 -11.16
CA VAL A 285 32.78 -10.58 -10.91
C VAL A 285 31.38 -10.15 -11.33
N GLU A 286 30.98 -8.93 -10.97
CA GLU A 286 29.61 -8.48 -11.15
C GLU A 286 29.21 -8.44 -12.62
N THR A 287 30.02 -7.79 -13.47
CA THR A 287 29.62 -7.70 -14.87
C THR A 287 29.75 -9.04 -15.58
N ASP A 288 30.79 -9.81 -15.26
CA ASP A 288 30.87 -11.17 -15.79
C ASP A 288 29.64 -11.97 -15.43
N LEU A 289 29.22 -11.87 -14.16
CA LEU A 289 28.03 -12.61 -13.76
C LEU A 289 26.81 -12.05 -14.45
N LEU A 290 26.70 -10.72 -14.51
CA LEU A 290 25.53 -10.12 -15.16
C LEU A 290 25.37 -10.62 -16.58
N MET A 291 26.48 -10.68 -17.33
CA MET A 291 26.40 -11.08 -18.72
C MET A 291 25.96 -12.53 -18.84
N GLY A 292 26.45 -13.40 -17.95
CA GLY A 292 25.96 -14.75 -17.91
C GLY A 292 24.47 -14.82 -17.60
N LEU A 293 24.02 -14.00 -16.64
CA LEU A 293 22.60 -13.99 -16.32
C LEU A 293 21.76 -13.47 -17.49
N LEU A 294 22.29 -12.56 -18.32
CA LEU A 294 21.52 -12.08 -19.46
C LEU A 294 21.23 -13.20 -20.45
N LYS A 295 22.15 -14.18 -20.55
CA LYS A 295 21.86 -15.33 -21.43
C LYS A 295 20.68 -16.13 -20.91
N VAL A 296 20.44 -16.11 -19.59
CA VAL A 296 19.26 -16.78 -19.06
C VAL A 296 18.04 -15.90 -19.27
N ILE A 297 18.21 -14.59 -19.08
CA ILE A 297 17.08 -13.66 -19.02
C ILE A 297 16.57 -13.30 -20.42
N LEU A 298 17.47 -12.96 -21.33
CA LEU A 298 17.04 -12.35 -22.58
C LEU A 298 16.07 -13.20 -23.40
N PRO A 299 16.18 -14.53 -23.49
CA PRO A 299 15.17 -15.30 -24.23
C PRO A 299 13.76 -15.08 -23.70
N HIS A 300 13.60 -14.68 -22.44
CA HIS A 300 12.27 -14.42 -21.89
C HIS A 300 11.90 -12.95 -21.91
N ARG A 301 12.75 -12.09 -22.45
CA ARG A 301 12.50 -10.65 -22.44
C ARG A 301 12.76 -10.05 -23.82
N PRO A 302 11.90 -10.36 -24.81
CA PRO A 302 12.14 -9.87 -26.17
C PRO A 302 12.23 -8.36 -26.29
N ASP A 303 11.49 -7.62 -25.46
CA ASP A 303 11.45 -6.17 -25.59
C ASP A 303 12.58 -5.46 -24.85
N LEU A 304 13.38 -6.17 -24.06
CA LEU A 304 14.44 -5.52 -23.30
C LEU A 304 15.62 -5.21 -24.21
N LYS A 305 16.24 -4.05 -24.01
CA LYS A 305 17.41 -3.66 -24.76
C LYS A 305 18.65 -3.64 -23.87
N VAL A 306 19.76 -4.12 -24.40
CA VAL A 306 21.01 -4.16 -23.68
C VAL A 306 22.07 -3.48 -24.52
N ILE A 307 22.76 -2.52 -23.91
CA ILE A 307 23.93 -1.88 -24.53
C ILE A 307 25.12 -2.23 -23.67
N LEU A 308 26.03 -3.04 -24.20
CA LEU A 308 27.28 -3.32 -23.53
C LEU A 308 28.30 -2.25 -23.91
N MET A 309 29.10 -1.82 -22.92
CA MET A 309 30.10 -0.79 -23.17
C MET A 309 31.46 -1.20 -22.61
N SER A 310 32.49 -0.98 -23.41
CA SER A 310 33.83 -1.48 -23.15
C SER A 310 34.86 -0.45 -23.61
N ALA A 311 35.99 -0.40 -22.90
CA ALA A 311 37.15 0.22 -23.51
C ALA A 311 37.74 -0.73 -24.53
N THR A 312 38.77 -0.30 -25.26
CA THR A 312 39.28 -1.21 -26.29
C THR A 312 40.34 -2.07 -25.61
N VAL A 313 39.85 -3.10 -24.94
CA VAL A 313 40.68 -4.07 -24.23
C VAL A 313 40.01 -5.41 -24.45
N ARG A 314 40.58 -6.23 -25.33
CA ARG A 314 39.95 -7.48 -25.77
C ARG A 314 38.45 -7.31 -25.98
N GLU A 315 38.05 -6.20 -26.62
CA GLU A 315 36.63 -5.91 -26.84
C GLU A 315 35.93 -7.03 -27.61
N GLN A 316 36.67 -7.75 -28.47
CA GLN A 316 36.07 -8.77 -29.32
C GLN A 316 35.54 -9.94 -28.50
N ASP A 317 36.06 -10.13 -27.28
CA ASP A 317 35.56 -11.19 -26.40
C ASP A 317 34.07 -11.07 -26.16
N PHE A 318 33.59 -9.85 -25.90
CA PHE A 318 32.18 -9.63 -25.58
C PHE A 318 31.31 -9.69 -26.81
N CYS A 319 31.83 -9.21 -27.93
CA CYS A 319 31.12 -9.40 -29.19
C CYS A 319 30.88 -10.87 -29.46
N ASP A 320 31.96 -11.68 -29.37
CA ASP A 320 31.85 -13.13 -29.56
C ASP A 320 30.92 -13.75 -28.54
N TYR A 321 30.94 -13.25 -27.31
CA TYR A 321 30.15 -13.88 -26.26
C TYR A 321 28.66 -13.74 -26.52
N PHE A 322 28.20 -12.61 -27.03
CA PHE A 322 26.77 -12.51 -27.37
C PHE A 322 26.64 -12.74 -28.87
N ASN A 323 26.54 -14.00 -29.24
CA ASN A 323 26.41 -14.37 -30.64
C ASN A 323 27.50 -13.56 -31.34
N ASN A 324 27.21 -12.93 -32.46
CA ASN A 324 28.14 -11.98 -33.10
C ASN A 324 27.64 -10.54 -33.12
N CYS A 325 27.02 -10.06 -32.02
CA CYS A 325 26.29 -8.79 -31.97
C CYS A 325 27.05 -7.58 -32.53
N PRO A 326 26.32 -6.57 -33.03
CA PRO A 326 26.97 -5.39 -33.65
C PRO A 326 27.83 -4.58 -32.69
N MET A 327 28.92 -4.03 -33.23
CA MET A 327 29.94 -3.36 -32.43
C MET A 327 30.27 -2.00 -33.04
N PHE A 328 30.06 -0.93 -32.27
CA PHE A 328 30.48 0.42 -32.65
C PHE A 328 31.84 0.73 -32.02
N ARG A 329 32.76 1.23 -32.83
CA ARG A 329 34.05 1.74 -32.35
C ARG A 329 34.02 3.26 -32.43
N ILE A 330 34.10 3.90 -31.25
CA ILE A 330 33.96 5.35 -31.12
C ILE A 330 35.31 5.93 -30.72
N GLU A 331 35.84 6.85 -31.52
CA GLU A 331 37.17 7.42 -31.25
C GLU A 331 37.17 8.21 -29.94
N GLY A 332 38.37 8.32 -29.34
CA GLY A 332 38.54 9.03 -28.08
C GLY A 332 38.86 10.51 -28.27
N VAL A 333 39.06 11.18 -27.14
CA VAL A 333 39.65 12.51 -27.07
C VAL A 333 40.70 12.46 -25.98
N MET A 334 41.96 12.58 -26.33
CA MET A 334 43.03 12.66 -25.34
C MET A 334 44.20 13.36 -25.99
N PHE A 335 45.01 14.02 -25.15
CA PHE A 335 46.27 14.54 -25.67
C PHE A 335 47.26 13.39 -25.84
N PRO A 336 48.14 13.47 -26.84
CA PRO A 336 49.14 12.40 -27.04
C PRO A 336 50.03 12.25 -25.82
N VAL A 337 50.38 11.01 -25.51
CA VAL A 337 51.32 10.69 -24.45
C VAL A 337 52.41 9.82 -25.06
N LYS A 338 53.63 10.33 -25.08
CA LYS A 338 54.72 9.57 -25.66
C LYS A 338 55.11 8.46 -24.69
N MET A 339 55.38 7.28 -25.24
CA MET A 339 55.74 6.11 -24.45
C MET A 339 57.23 5.89 -24.54
N LEU A 340 57.91 5.95 -23.40
CA LEU A 340 59.31 5.57 -23.34
C LEU A 340 59.42 4.24 -22.61
N TYR A 341 60.39 3.44 -23.01
CA TYR A 341 60.70 2.20 -22.30
C TYR A 341 62.08 2.33 -21.65
N LEU A 342 62.50 1.26 -20.97
CA LEU A 342 63.68 1.39 -20.12
C LEU A 342 64.90 1.82 -20.93
N GLU A 343 65.05 1.28 -22.14
CA GLU A 343 66.13 1.69 -23.03
C GLU A 343 66.10 3.19 -23.28
N ASP A 344 64.91 3.76 -23.48
CA ASP A 344 64.82 5.20 -23.74
C ASP A 344 65.09 6.01 -22.48
N VAL A 345 64.62 5.52 -21.33
CA VAL A 345 64.84 6.22 -20.06
C VAL A 345 66.33 6.32 -19.76
N LEU A 346 67.02 5.18 -19.84
CA LEU A 346 68.44 5.19 -19.52
C LEU A 346 69.23 6.00 -20.53
N SER A 347 68.81 5.97 -21.80
CA SER A 347 69.46 6.81 -22.80
C SER A 347 69.31 8.30 -22.47
N LYS A 348 68.25 8.67 -21.75
CA LYS A 348 68.14 10.06 -21.30
C LYS A 348 68.90 10.33 -20.01
N THR A 349 68.69 9.50 -18.98
CA THR A 349 69.31 9.80 -17.68
C THR A 349 70.75 9.32 -17.56
N ASN A 350 71.14 8.27 -18.30
CA ASN A 350 72.47 7.65 -18.20
C ASN A 350 72.77 7.23 -16.77
N TYR A 351 71.72 6.86 -16.03
CA TYR A 351 71.89 6.44 -14.65
C TYR A 351 72.78 5.20 -14.56
N GLU A 352 73.65 5.17 -13.54
CA GLU A 352 74.56 4.06 -13.30
C GLU A 352 74.12 3.30 -12.05
N PHE A 353 74.00 1.98 -12.16
CA PHE A 353 73.55 1.12 -11.06
C PHE A 353 74.72 0.55 -10.28
N GLN A 354 74.59 0.54 -8.95
CA GLN A 354 75.05 -0.56 -8.09
C GLN A 354 74.94 -0.14 -6.62
N LYS A 355 75.03 -1.12 -5.72
CA LYS A 355 75.01 -0.88 -4.27
C LYS A 355 76.35 -1.16 -3.59
N ARG A 369 65.47 -16.04 -11.91
CA ARG A 369 66.75 -16.42 -12.48
C ARG A 369 66.99 -15.69 -13.80
N MET A 370 67.91 -16.23 -14.60
CA MET A 370 68.00 -15.87 -16.00
C MET A 370 67.82 -17.15 -16.83
N LYS A 371 66.68 -17.37 -17.51
CA LYS A 371 65.47 -16.54 -17.56
C LYS A 371 65.65 -15.13 -18.16
N HIS A 372 65.80 -14.13 -17.30
CA HIS A 372 65.99 -12.75 -17.74
C HIS A 372 66.99 -12.63 -18.88
N GLU A 373 68.05 -13.45 -18.88
CA GLU A 373 69.03 -13.36 -19.97
C GLU A 373 68.44 -13.86 -21.28
N ALA A 374 67.62 -14.93 -21.23
CA ALA A 374 66.97 -15.40 -22.44
C ALA A 374 65.99 -14.37 -22.98
N MET A 375 65.48 -13.50 -22.11
CA MET A 375 64.56 -12.46 -22.57
C MET A 375 65.30 -11.28 -23.21
N ILE A 376 66.38 -10.82 -22.57
CA ILE A 376 66.95 -9.54 -22.97
C ILE A 376 67.90 -9.66 -24.15
N GLU A 377 68.64 -10.78 -24.28
CA GLU A 377 69.72 -10.78 -25.27
C GLU A 377 69.21 -10.77 -26.72
N PRO A 378 68.19 -11.55 -27.10
CA PRO A 378 67.61 -11.38 -28.46
C PRO A 378 67.15 -9.97 -28.72
N TYR A 379 66.49 -9.35 -27.73
CA TYR A 379 66.02 -7.98 -27.89
C TYR A 379 67.20 -7.02 -28.06
N LEU A 380 68.28 -7.20 -27.28
CA LEU A 380 69.42 -6.31 -27.44
C LEU A 380 70.01 -6.41 -28.84
N ARG A 381 69.95 -7.59 -29.44
CA ARG A 381 70.33 -7.77 -30.84
C ARG A 381 69.44 -6.96 -31.77
N ARG A 382 68.11 -7.03 -31.60
CA ARG A 382 67.22 -6.37 -32.54
C ARG A 382 67.39 -4.86 -32.52
N ILE A 383 67.65 -4.27 -31.35
CA ILE A 383 67.78 -2.82 -31.22
C ILE A 383 69.23 -2.36 -31.20
N ARG A 384 70.18 -3.25 -31.48
CA ARG A 384 71.60 -2.94 -31.29
C ARG A 384 72.04 -1.63 -31.93
N ASN A 385 71.43 -1.24 -33.04
CA ASN A 385 71.85 -0.02 -33.75
C ASN A 385 71.10 1.23 -33.32
N SER A 386 70.04 1.09 -32.53
CA SER A 386 69.25 2.25 -32.11
C SER A 386 69.70 2.84 -30.78
N TYR A 387 70.58 2.17 -30.04
CA TYR A 387 70.99 2.66 -28.73
C TYR A 387 72.48 2.43 -28.53
N ASP A 388 73.06 3.23 -27.66
CA ASP A 388 74.46 3.07 -27.29
C ASP A 388 74.66 1.76 -26.52
N SER A 389 75.78 1.09 -26.79
CA SER A 389 75.99 -0.23 -26.21
C SER A 389 76.02 -0.20 -24.68
N ARG A 390 76.52 0.88 -24.08
CA ARG A 390 76.50 0.95 -22.62
C ARG A 390 75.08 1.09 -22.09
N VAL A 391 74.19 1.73 -22.85
CA VAL A 391 72.78 1.75 -22.45
C VAL A 391 72.21 0.35 -22.49
N LEU A 392 72.38 -0.33 -23.63
CA LEU A 392 71.88 -1.70 -23.80
C LEU A 392 72.43 -2.61 -22.73
N ASP A 393 73.69 -2.43 -22.35
CA ASP A 393 74.31 -3.31 -21.37
C ASP A 393 73.66 -3.21 -20.01
N LYS A 394 73.07 -2.05 -19.67
CA LYS A 394 72.36 -1.91 -18.40
C LYS A 394 71.09 -2.75 -18.37
N LEU A 395 70.47 -2.98 -19.54
CA LEU A 395 69.27 -3.81 -19.61
C LEU A 395 69.55 -5.26 -19.25
N ARG A 396 70.81 -5.71 -19.31
CA ARG A 396 71.14 -7.06 -18.84
C ARG A 396 71.13 -7.20 -17.32
N LEU A 397 71.15 -6.08 -16.58
CA LEU A 397 71.02 -6.17 -15.14
C LEU A 397 69.55 -6.46 -14.80
N PRO A 398 69.24 -7.56 -14.10
CA PRO A 398 67.85 -7.80 -13.69
C PRO A 398 67.25 -6.69 -12.84
N GLU A 399 68.05 -5.95 -12.09
CA GLU A 399 67.42 -4.92 -11.27
C GLU A 399 67.24 -3.60 -12.02
N SER A 400 67.58 -3.55 -13.32
CA SER A 400 67.27 -2.36 -14.10
C SER A 400 65.78 -2.21 -14.38
N GLU A 401 65.00 -3.29 -14.31
CA GLU A 401 63.58 -3.24 -14.65
C GLU A 401 62.70 -3.31 -13.39
N GLY A 402 61.54 -2.68 -13.46
CA GLY A 402 60.65 -2.74 -12.33
C GLY A 402 60.98 -1.67 -11.31
N CYS A 403 60.78 -1.97 -10.02
CA CYS A 403 61.12 -1.05 -8.95
C CYS A 403 62.26 -1.53 -8.08
N GLU A 404 63.03 -2.51 -8.52
CA GLU A 404 64.04 -3.08 -7.64
C GLU A 404 65.07 -2.04 -7.16
N ASP A 405 65.41 -1.03 -7.98
CA ASP A 405 66.33 0.04 -7.57
C ASP A 405 65.57 1.36 -7.43
N ILE A 406 65.38 1.81 -6.19
CA ILE A 406 64.58 3.00 -5.92
C ILE A 406 65.37 4.27 -6.21
N ASP A 407 66.70 4.24 -6.04
CA ASP A 407 67.50 5.42 -6.37
C ASP A 407 67.48 5.70 -7.87
N PHE A 408 67.42 4.66 -8.70
CA PHE A 408 67.18 4.83 -10.12
C PHE A 408 65.89 5.59 -10.36
N ILE A 409 64.82 5.24 -9.65
CA ILE A 409 63.54 5.92 -9.83
C ILE A 409 63.61 7.36 -9.33
N ALA A 410 64.17 7.56 -8.13
CA ALA A 410 64.38 8.92 -7.62
C ALA A 410 65.15 9.76 -8.63
N ASP A 411 66.15 9.15 -9.29
CA ASP A 411 66.96 9.91 -10.25
C ASP A 411 66.12 10.29 -11.46
N LEU A 412 65.21 9.41 -11.88
CA LEU A 412 64.29 9.78 -12.95
C LEU A 412 63.35 10.90 -12.51
N VAL A 413 62.89 10.89 -11.25
CA VAL A 413 62.08 12.00 -10.77
C VAL A 413 62.89 13.30 -10.85
N TYR A 414 64.14 13.26 -10.36
CA TYR A 414 64.98 14.44 -10.43
C TYR A 414 65.20 14.89 -11.87
N TYR A 415 65.38 13.92 -12.77
CA TYR A 415 65.55 14.25 -14.19
C TYR A 415 64.36 15.02 -14.73
N ILE A 416 63.14 14.58 -14.41
CA ILE A 416 61.97 15.29 -14.90
C ILE A 416 61.89 16.66 -14.24
N CYS A 417 62.26 16.78 -12.97
CA CYS A 417 62.19 18.07 -12.32
C CYS A 417 63.12 19.09 -13.01
N GLU A 418 64.29 18.63 -13.46
CA GLU A 418 65.27 19.55 -14.04
C GLU A 418 64.93 19.92 -15.48
N ASN A 419 64.60 18.93 -16.30
CA ASN A 419 64.21 19.13 -17.69
C ASN A 419 62.69 19.10 -17.74
N GLU A 420 62.13 19.19 -18.92
CA GLU A 420 60.69 19.06 -19.15
C GLU A 420 59.80 20.16 -18.56
N PRO A 421 58.68 20.45 -19.21
CA PRO A 421 57.79 21.52 -18.74
C PRO A 421 57.14 21.20 -17.40
N GLU A 422 56.58 22.24 -16.78
CA GLU A 422 55.86 22.07 -15.54
C GLU A 422 54.71 21.08 -15.71
N GLY A 423 54.51 20.25 -14.71
CA GLY A 423 53.39 19.34 -14.60
C GLY A 423 53.66 18.34 -13.50
N ALA A 424 52.61 17.67 -13.01
CA ALA A 424 52.78 16.75 -11.90
C ALA A 424 53.33 15.40 -12.37
N ILE A 425 54.06 14.74 -11.47
CA ILE A 425 54.62 13.41 -11.70
C ILE A 425 53.80 12.40 -10.92
N LEU A 426 53.36 11.33 -11.58
CA LEU A 426 52.65 10.25 -10.91
C LEU A 426 53.48 8.97 -11.05
N VAL A 427 53.93 8.44 -9.91
CA VAL A 427 54.83 7.28 -9.86
C VAL A 427 54.03 6.07 -9.39
N PHE A 428 53.92 5.06 -10.26
CA PHE A 428 53.23 3.82 -9.94
C PHE A 428 54.23 2.81 -9.37
N LEU A 429 54.06 2.47 -8.10
CA LEU A 429 54.82 1.46 -7.38
C LEU A 429 53.89 0.35 -6.89
N PRO A 430 54.42 -0.85 -6.62
CA PRO A 430 53.54 -1.98 -6.28
C PRO A 430 52.79 -1.82 -4.96
N GLY A 431 53.46 -1.40 -3.89
CA GLY A 431 52.80 -1.44 -2.59
C GLY A 431 53.39 -0.49 -1.57
N TYR A 432 52.85 -0.59 -0.36
CA TYR A 432 53.22 0.26 0.77
C TYR A 432 54.73 0.35 0.96
N ASP A 433 55.40 -0.81 1.02
CA ASP A 433 56.82 -0.82 1.32
C ASP A 433 57.62 0.00 0.30
N LYS A 434 57.36 -0.16 -1.00
CA LYS A 434 58.19 0.59 -1.95
C LYS A 434 57.79 2.05 -2.02
N ILE A 435 56.52 2.36 -1.77
CA ILE A 435 56.12 3.75 -1.60
C ILE A 435 56.90 4.41 -0.46
N SER A 436 57.03 3.69 0.66
CA SER A 436 57.75 4.21 1.80
C SER A 436 59.21 4.47 1.46
N GLN A 437 59.84 3.57 0.69
CA GLN A 437 61.24 3.74 0.34
C GLN A 437 61.45 4.96 -0.53
N LEU A 438 60.61 5.13 -1.57
CA LEU A 438 60.81 6.28 -2.45
C LEU A 438 60.48 7.58 -1.72
N TYR A 439 59.44 7.57 -0.89
CA TYR A 439 59.12 8.77 -0.13
C TYR A 439 60.32 9.20 0.73
N ASN A 440 60.92 8.26 1.46
CA ASN A 440 62.06 8.62 2.32
C ASN A 440 63.25 9.11 1.51
N ILE A 441 63.50 8.51 0.35
CA ILE A 441 64.60 8.99 -0.49
C ILE A 441 64.35 10.43 -0.93
N LEU A 442 63.11 10.75 -1.31
CA LEU A 442 62.85 12.11 -1.78
C LEU A 442 62.75 13.08 -0.62
N ASP A 443 62.25 12.62 0.51
CA ASP A 443 62.04 13.52 1.64
C ASP A 443 63.34 13.77 2.40
N LYS A 444 64.17 12.75 2.57
CA LYS A 444 65.46 12.88 3.25
C LYS A 444 66.54 12.31 2.34
N PRO A 445 66.93 13.05 1.30
CA PRO A 445 67.89 12.53 0.33
C PRO A 445 69.29 12.48 0.90
N LYS A 446 70.00 11.39 0.57
CA LYS A 446 71.42 11.30 0.83
C LYS A 446 72.29 11.92 -0.25
N THR A 447 71.81 11.98 -1.50
CA THR A 447 72.58 12.52 -2.62
C THR A 447 72.41 14.04 -2.67
N SER A 448 73.46 14.73 -3.13
CA SER A 448 73.36 16.18 -3.28
C SER A 448 72.29 16.58 -4.31
N LYS A 449 72.18 15.84 -5.41
CA LYS A 449 71.14 16.16 -6.37
C LYS A 449 69.76 16.12 -5.72
N GLY A 450 69.55 15.17 -4.80
CA GLY A 450 68.28 15.07 -4.12
C GLY A 450 68.02 16.20 -3.14
N GLN A 451 69.06 16.60 -2.40
CA GLN A 451 68.92 17.68 -1.43
C GLN A 451 68.62 19.01 -2.10
N ARG A 452 69.10 19.19 -3.32
CA ARG A 452 68.71 20.37 -4.10
C ARG A 452 67.22 20.36 -4.42
N TRP A 453 66.66 19.18 -4.71
CA TRP A 453 65.28 19.11 -5.16
C TRP A 453 64.27 18.94 -4.04
N ARG A 454 64.71 18.70 -2.80
CA ARG A 454 63.79 18.29 -1.76
C ARG A 454 62.75 19.37 -1.48
N ASP A 455 63.19 20.62 -1.40
CA ASP A 455 62.30 21.71 -1.08
C ASP A 455 61.55 22.25 -2.29
N HIS A 456 61.83 21.73 -3.49
CA HIS A 456 61.11 22.09 -4.70
C HIS A 456 60.07 21.06 -5.13
N MET A 457 59.84 20.01 -4.34
CA MET A 457 58.82 19.01 -4.64
C MET A 457 57.75 19.00 -3.55
N ALA A 458 56.50 18.80 -3.95
CA ALA A 458 55.42 18.48 -3.03
C ALA A 458 55.07 17.00 -3.25
N VAL A 459 55.39 16.16 -2.27
CA VAL A 459 55.41 14.71 -2.46
C VAL A 459 54.25 14.08 -1.72
N PHE A 460 53.38 13.38 -2.44
CA PHE A 460 52.19 12.73 -1.87
C PHE A 460 52.26 11.22 -2.07
N PRO A 461 52.40 10.42 -1.01
CA PRO A 461 52.17 8.98 -1.12
C PRO A 461 50.68 8.70 -1.21
N LEU A 462 50.30 7.73 -2.04
CA LEU A 462 48.88 7.45 -2.27
C LEU A 462 48.66 5.96 -2.16
N HIS A 463 47.85 5.55 -1.18
CA HIS A 463 47.65 4.14 -0.87
C HIS A 463 46.30 4.00 -0.17
N SER A 464 45.63 2.86 -0.36
CA SER A 464 44.29 2.76 0.22
C SER A 464 44.32 2.80 1.74
N LEU A 465 45.47 2.57 2.38
CA LEU A 465 45.57 2.64 3.83
C LEU A 465 46.10 3.96 4.35
N MET A 466 46.39 4.91 3.48
CA MET A 466 46.94 6.19 3.88
C MET A 466 45.89 7.27 3.68
N GLN A 467 45.98 8.33 4.48
CA GLN A 467 44.93 9.35 4.49
C GLN A 467 44.96 10.24 3.25
N SER A 468 46.08 10.25 2.52
CA SER A 468 46.30 11.28 1.49
C SER A 468 45.12 11.40 0.52
N GLY A 469 44.57 10.28 0.07
CA GLY A 469 43.43 10.30 -0.84
C GLY A 469 42.16 10.87 -0.25
N GLU A 470 42.03 10.89 1.08
CA GLU A 470 40.85 11.40 1.76
C GLU A 470 40.99 12.86 2.17
N GLN A 471 42.06 13.54 1.74
CA GLN A 471 42.22 14.99 1.83
C GLN A 471 42.21 15.63 0.43
N GLN A 472 42.30 16.96 0.41
CA GLN A 472 42.20 17.73 -0.83
C GLN A 472 43.53 18.03 -1.50
N ALA A 473 44.65 17.88 -0.78
CA ALA A 473 45.90 18.51 -1.23
C ALA A 473 46.43 17.83 -2.49
N VAL A 474 46.37 16.50 -2.52
CA VAL A 474 46.90 15.73 -3.64
C VAL A 474 46.18 16.04 -4.94
N PHE A 475 44.95 16.55 -4.88
CA PHE A 475 44.23 16.95 -6.09
C PHE A 475 44.53 18.37 -6.55
N ARG A 476 44.86 19.27 -5.63
CA ARG A 476 45.11 20.65 -6.02
C ARG A 476 46.53 20.86 -6.53
N ARG A 477 46.70 21.91 -7.33
CA ARG A 477 48.00 22.24 -7.86
C ARG A 477 48.94 22.73 -6.76
N PRO A 478 50.23 22.41 -6.84
CA PRO A 478 51.16 22.69 -5.75
C PRO A 478 51.50 24.16 -5.69
N PRO A 479 52.09 24.63 -4.59
CA PRO A 479 52.58 26.02 -4.54
C PRO A 479 53.58 26.29 -5.65
N ALA A 480 53.67 27.56 -6.05
CA ALA A 480 54.56 27.94 -7.15
C ALA A 480 56.00 27.58 -6.81
N GLY A 481 56.74 27.15 -7.84
CA GLY A 481 58.10 26.71 -7.66
C GLY A 481 58.23 25.30 -7.13
N GLN A 482 57.12 24.63 -6.82
CA GLN A 482 57.14 23.25 -6.36
C GLN A 482 56.45 22.36 -7.39
N ARG A 483 57.04 21.20 -7.63
CA ARG A 483 56.44 20.23 -8.53
C ARG A 483 55.80 19.12 -7.72
N LYS A 484 54.54 18.82 -8.03
CA LYS A 484 53.83 17.77 -7.34
C LYS A 484 54.36 16.41 -7.80
N VAL A 485 54.67 15.54 -6.85
CA VAL A 485 55.11 14.18 -7.15
C VAL A 485 54.22 13.24 -6.34
N ILE A 486 53.50 12.36 -7.03
CA ILE A 486 52.57 11.44 -6.41
C ILE A 486 53.16 10.05 -6.53
N ILE A 487 53.29 9.36 -5.40
CA ILE A 487 53.85 8.00 -5.33
C ILE A 487 52.72 7.06 -4.96
N SER A 488 52.28 6.23 -5.91
CA SER A 488 50.98 5.58 -5.80
C SER A 488 51.08 4.08 -6.10
N THR A 489 50.13 3.35 -5.53
CA THR A 489 49.82 2.00 -5.98
C THR A 489 48.90 2.10 -7.19
N ILE A 490 48.38 0.94 -7.62
CA ILE A 490 47.41 0.87 -8.70
C ILE A 490 46.14 1.66 -8.39
N ILE A 491 45.96 2.12 -7.15
CA ILE A 491 44.76 2.90 -6.83
C ILE A 491 44.59 4.10 -7.75
N ALA A 492 45.69 4.69 -8.22
CA ALA A 492 45.58 5.86 -9.10
C ALA A 492 45.46 5.47 -10.57
N GLU A 493 45.39 4.17 -10.87
CA GLU A 493 45.13 3.76 -12.24
C GLU A 493 43.70 4.11 -12.65
N THR A 494 42.72 3.75 -11.82
CA THR A 494 41.31 4.04 -12.12
C THR A 494 40.63 4.69 -10.91
N SER A 495 40.68 4.01 -9.77
CA SER A 495 39.95 4.40 -8.56
C SER A 495 40.14 5.88 -8.18
N VAL A 496 41.36 6.42 -8.28
CA VAL A 496 41.68 7.79 -7.89
C VAL A 496 42.26 8.56 -9.07
N THR A 497 41.83 9.80 -9.27
CA THR A 497 42.18 10.57 -10.46
C THR A 497 42.74 11.95 -10.10
N ILE A 498 43.97 12.23 -10.56
CA ILE A 498 44.65 13.52 -10.36
C ILE A 498 44.83 14.17 -11.73
N ASP A 499 44.26 15.37 -11.89
CA ASP A 499 44.09 15.94 -13.23
C ASP A 499 45.33 16.64 -13.77
N ASP A 500 46.19 17.19 -12.92
CA ASP A 500 47.33 17.97 -13.40
C ASP A 500 48.55 17.11 -13.70
N VAL A 501 48.41 15.78 -13.68
CA VAL A 501 49.52 14.89 -14.01
C VAL A 501 49.88 15.02 -15.48
N VAL A 502 51.12 15.42 -15.74
CA VAL A 502 51.69 15.34 -17.09
C VAL A 502 52.67 14.16 -17.25
N TYR A 503 53.13 13.56 -16.16
CA TYR A 503 54.24 12.62 -16.22
C TYR A 503 53.94 11.39 -15.37
N VAL A 504 54.01 10.22 -16.00
CA VAL A 504 53.78 8.95 -15.33
C VAL A 504 55.06 8.14 -15.37
N ILE A 505 55.55 7.71 -14.21
CA ILE A 505 56.61 6.72 -14.15
C ILE A 505 55.95 5.38 -13.83
N ASN A 506 55.95 4.48 -14.79
CA ASN A 506 55.28 3.19 -14.64
C ASN A 506 56.33 2.13 -14.33
N SER A 507 56.40 1.71 -13.06
CA SER A 507 57.38 0.68 -12.71
C SER A 507 57.03 -0.66 -13.34
N GLY A 508 55.79 -0.88 -13.72
CA GLY A 508 55.37 -2.15 -14.28
C GLY A 508 55.09 -3.22 -13.25
N ARG A 509 55.13 -2.89 -11.96
CA ARG A 509 54.96 -3.88 -10.91
C ARG A 509 53.76 -3.52 -10.04
N THR A 510 52.97 -4.54 -9.70
CA THR A 510 51.87 -4.37 -8.77
C THR A 510 51.88 -5.57 -7.83
N LYS A 511 50.88 -5.63 -6.94
CA LYS A 511 50.72 -6.81 -6.09
C LYS A 511 49.39 -7.47 -6.40
N ALA A 512 49.37 -8.80 -6.29
CA ALA A 512 48.19 -9.58 -6.60
C ALA A 512 48.00 -10.62 -5.51
N THR A 513 46.74 -10.95 -5.25
CA THR A 513 46.40 -12.03 -4.33
C THR A 513 46.14 -13.27 -5.17
N ASN A 514 46.81 -14.36 -4.81
CA ASN A 514 46.72 -15.62 -5.53
C ASN A 514 46.29 -16.69 -4.56
N TYR A 515 45.31 -17.49 -4.96
CA TYR A 515 44.86 -18.63 -4.19
C TYR A 515 45.31 -19.90 -4.89
N ASP A 516 45.90 -20.80 -4.13
CA ASP A 516 46.30 -22.10 -4.66
C ASP A 516 45.31 -23.13 -4.14
N ILE A 517 44.51 -23.68 -5.07
CA ILE A 517 43.46 -24.63 -4.72
C ILE A 517 44.03 -25.83 -3.99
N GLU A 518 45.24 -26.28 -4.37
CA GLU A 518 45.71 -27.57 -3.88
C GLU A 518 46.27 -27.49 -2.46
N THR A 519 46.89 -26.36 -2.10
CA THR A 519 47.36 -26.16 -0.74
C THR A 519 46.42 -25.33 0.13
N ASN A 520 45.33 -24.82 -0.44
CA ASN A 520 44.42 -23.92 0.29
C ASN A 520 45.16 -22.71 0.86
N ILE A 521 46.14 -22.18 0.15
CA ILE A 521 46.92 -21.03 0.62
C ILE A 521 46.66 -19.82 -0.27
N GLN A 522 46.23 -18.71 0.34
CA GLN A 522 46.15 -17.42 -0.34
C GLN A 522 47.45 -16.66 -0.07
N SER A 523 48.04 -16.13 -1.14
CA SER A 523 49.29 -15.38 -1.01
C SER A 523 49.13 -14.01 -1.67
N LEU A 524 50.03 -13.09 -1.28
CA LEU A 524 50.10 -11.74 -1.84
C LEU A 524 51.49 -11.60 -2.44
N ASP A 525 51.58 -11.52 -3.76
CA ASP A 525 52.85 -11.60 -4.46
C ASP A 525 53.04 -10.37 -5.33
N GLU A 526 54.29 -9.93 -5.44
CA GLU A 526 54.61 -8.88 -6.38
C GLU A 526 54.70 -9.49 -7.78
N VAL A 527 54.00 -8.90 -8.74
CA VAL A 527 53.92 -9.42 -10.11
C VAL A 527 54.10 -8.27 -11.10
N TRP A 528 54.34 -8.65 -12.35
CA TRP A 528 54.28 -7.69 -13.44
C TRP A 528 52.84 -7.32 -13.73
N VAL A 529 52.61 -6.06 -14.08
CA VAL A 529 51.29 -5.62 -14.52
C VAL A 529 51.06 -6.17 -15.93
N THR A 530 49.88 -5.92 -16.49
CA THR A 530 49.53 -6.39 -17.82
C THR A 530 49.60 -5.25 -18.82
N LYS A 531 49.42 -5.57 -20.11
CA LYS A 531 49.40 -4.54 -21.15
C LYS A 531 48.26 -3.56 -20.97
N ALA A 532 47.09 -4.05 -20.55
CA ALA A 532 45.97 -3.17 -20.28
C ALA A 532 46.29 -2.19 -19.15
N ASN A 533 47.00 -2.65 -18.11
CA ASN A 533 47.39 -1.72 -17.05
C ASN A 533 48.29 -0.62 -17.61
N THR A 534 49.29 -0.99 -18.41
CA THR A 534 50.22 0.00 -18.96
C THR A 534 49.50 1.00 -19.84
N GLN A 535 48.57 0.52 -20.67
CA GLN A 535 47.76 1.41 -21.48
C GLN A 535 46.86 2.31 -20.63
N GLN A 536 46.34 1.81 -19.49
CA GLN A 536 45.56 2.68 -18.62
C GLN A 536 46.45 3.76 -17.96
N ARG A 537 47.66 3.39 -17.51
CA ARG A 537 48.57 4.35 -16.86
C ARG A 537 49.07 5.40 -17.82
N ARG A 538 49.20 5.04 -19.09
CA ARG A 538 49.65 5.99 -20.09
C ARG A 538 48.62 7.11 -20.26
N GLY A 539 47.33 6.76 -20.33
CA GLY A 539 46.28 7.76 -20.45
C GLY A 539 46.21 8.73 -19.29
N ARG A 540 46.72 8.32 -18.12
CA ARG A 540 46.72 9.17 -16.94
C ARG A 540 47.62 10.39 -17.08
N ALA A 541 48.44 10.45 -18.13
CA ALA A 541 49.27 11.61 -18.41
C ALA A 541 48.67 12.53 -19.46
N GLY A 542 47.54 12.18 -20.06
CA GLY A 542 47.01 12.92 -21.19
C GLY A 542 45.74 13.70 -20.93
N ARG A 543 45.42 13.98 -19.66
CA ARG A 543 44.14 14.60 -19.36
C ARG A 543 44.13 16.11 -19.60
N VAL A 544 45.22 16.79 -19.27
CA VAL A 544 45.33 18.25 -19.43
C VAL A 544 46.11 18.64 -20.68
N ARG A 545 47.30 18.09 -20.86
CA ARG A 545 48.14 18.47 -22.00
C ARG A 545 48.91 17.23 -22.47
N PRO A 546 49.70 17.33 -23.55
CA PRO A 546 50.50 16.16 -23.96
C PRO A 546 51.43 15.69 -22.85
N GLY A 547 51.38 14.39 -22.55
CA GLY A 547 52.14 13.81 -21.47
C GLY A 547 53.27 12.92 -21.95
N ILE A 548 53.95 12.33 -20.98
CA ILE A 548 54.99 11.34 -21.20
C ILE A 548 54.81 10.22 -20.19
N CYS A 549 54.92 8.98 -20.65
CA CYS A 549 54.84 7.81 -19.78
C CYS A 549 56.16 7.06 -19.83
N TYR A 550 56.86 7.01 -18.70
CA TYR A 550 58.15 6.33 -18.59
C TYR A 550 57.93 4.93 -18.03
N ASN A 551 58.14 3.91 -18.86
CA ASN A 551 58.02 2.53 -18.44
C ASN A 551 59.40 2.01 -18.09
N LEU A 552 59.53 1.51 -16.87
CA LEU A 552 60.78 1.05 -16.29
C LEU A 552 61.05 -0.40 -16.64
N PHE A 553 60.60 -0.84 -17.80
CA PHE A 553 60.95 -2.14 -18.34
C PHE A 553 61.15 -2.00 -19.85
N SER A 554 61.83 -2.99 -20.44
CA SER A 554 62.08 -3.01 -21.88
C SER A 554 60.83 -3.44 -22.65
N ARG A 555 60.82 -3.13 -23.96
CA ARG A 555 59.77 -3.65 -24.83
C ARG A 555 59.77 -5.18 -24.85
N ALA A 556 60.92 -5.81 -24.60
CA ALA A 556 60.95 -7.26 -24.51
C ALA A 556 60.18 -7.77 -23.29
N ARG A 557 60.26 -7.04 -22.17
CA ARG A 557 59.42 -7.35 -21.00
C ARG A 557 57.95 -7.16 -21.32
N GLU A 558 57.61 -6.04 -21.96
CA GLU A 558 56.22 -5.82 -22.37
C GLU A 558 55.70 -6.98 -23.20
N ASP A 559 56.52 -7.47 -24.13
CA ASP A 559 56.09 -8.56 -25.00
C ASP A 559 55.65 -9.77 -24.20
N ARG A 560 56.28 -10.01 -23.06
CA ARG A 560 55.94 -11.13 -22.19
C ARG A 560 54.73 -10.87 -21.29
N MET A 561 54.25 -9.63 -21.18
CA MET A 561 53.14 -9.39 -20.27
C MET A 561 51.84 -9.91 -20.86
N ASP A 562 50.95 -10.35 -19.98
CA ASP A 562 49.61 -10.78 -20.37
C ASP A 562 48.81 -9.59 -20.89
N ASP A 563 47.80 -9.88 -21.70
CA ASP A 563 46.89 -8.84 -22.19
C ASP A 563 46.18 -8.13 -21.05
N ILE A 564 45.54 -8.90 -20.18
CA ILE A 564 44.67 -8.37 -19.13
C ILE A 564 44.96 -9.12 -17.84
N PRO A 565 44.58 -8.55 -16.70
CA PRO A 565 44.65 -9.31 -15.44
C PRO A 565 43.77 -10.55 -15.53
N THR A 566 44.09 -11.54 -14.71
CA THR A 566 43.22 -12.70 -14.60
C THR A 566 41.80 -12.24 -14.24
N PRO A 567 40.79 -12.65 -15.00
CA PRO A 567 39.42 -12.24 -14.65
C PRO A 567 39.09 -12.58 -13.19
N GLU A 568 38.59 -11.59 -12.44
CA GLU A 568 38.55 -11.78 -10.99
C GLU A 568 37.67 -12.95 -10.56
N ILE A 569 36.69 -13.37 -11.38
CA ILE A 569 35.91 -14.53 -10.95
C ILE A 569 36.75 -15.81 -10.91
N LEU A 570 37.87 -15.88 -11.63
CA LEU A 570 38.73 -17.05 -11.46
C LEU A 570 39.57 -16.97 -10.19
N ARG A 571 39.62 -15.79 -9.59
CA ARG A 571 40.28 -15.47 -8.33
C ARG A 571 39.35 -15.54 -7.11
N SER A 572 38.06 -15.83 -7.29
CA SER A 572 37.11 -15.60 -6.21
C SER A 572 36.68 -16.83 -5.45
N LYS A 573 36.44 -16.63 -4.14
CA LYS A 573 35.71 -17.60 -3.32
C LYS A 573 34.24 -17.59 -3.80
N LEU A 574 33.64 -18.77 -3.94
CA LEU A 574 32.35 -18.87 -4.64
C LEU A 574 31.09 -19.04 -3.80
N GLU A 575 31.19 -19.15 -2.46
CA GLU A 575 30.02 -19.46 -1.64
C GLU A 575 28.90 -18.46 -1.87
N SER A 576 29.22 -17.17 -1.83
CA SER A 576 28.20 -16.14 -1.87
C SER A 576 27.49 -16.13 -3.22
N ILE A 577 28.24 -16.25 -4.31
CA ILE A 577 27.64 -16.31 -5.63
C ILE A 577 26.70 -17.50 -5.75
N ILE A 578 27.19 -18.70 -5.42
CA ILE A 578 26.39 -19.91 -5.56
C ILE A 578 25.10 -19.78 -4.76
N LEU A 579 25.20 -19.24 -3.55
CA LEU A 579 24.02 -19.08 -2.71
C LEU A 579 23.03 -18.11 -3.34
N SER A 580 23.53 -16.99 -3.86
CA SER A 580 22.65 -15.97 -4.43
C SER A 580 21.93 -16.49 -5.66
N LEU A 581 22.59 -17.35 -6.44
CA LEU A 581 21.96 -17.92 -7.62
C LEU A 581 20.69 -18.68 -7.26
N LYS A 582 20.64 -19.24 -6.04
CA LYS A 582 19.48 -20.05 -5.65
C LYS A 582 18.20 -19.22 -5.62
N LEU A 583 18.30 -17.94 -5.24
CA LEU A 583 17.13 -17.05 -5.23
C LEU A 583 16.70 -16.66 -6.62
N LEU A 584 17.56 -16.82 -7.61
CA LEU A 584 17.20 -16.64 -9.02
C LEU A 584 16.80 -17.94 -9.68
N HIS A 585 16.65 -19.01 -8.90
CA HIS A 585 16.24 -20.30 -9.45
C HIS A 585 17.29 -20.84 -10.41
N ILE A 586 18.53 -20.49 -10.20
CA ILE A 586 19.63 -21.18 -10.85
C ILE A 586 20.21 -22.09 -9.77
N ASP A 587 19.80 -23.35 -9.79
CA ASP A 587 20.09 -24.25 -8.70
C ASP A 587 21.31 -25.12 -8.99
N ASP A 588 21.74 -25.19 -10.23
CA ASP A 588 22.91 -26.01 -10.49
C ASP A 588 24.05 -25.05 -10.82
N PRO A 589 24.97 -24.80 -9.87
CA PRO A 589 26.03 -23.82 -10.13
C PRO A 589 27.08 -24.30 -11.10
N TYR A 590 27.28 -25.63 -11.21
CA TYR A 590 28.24 -26.15 -12.17
C TYR A 590 27.81 -25.84 -13.59
N ARG A 591 26.53 -26.04 -13.90
CA ARG A 591 26.01 -25.78 -15.23
C ARG A 591 26.06 -24.29 -15.58
N PHE A 592 25.66 -23.42 -14.65
CA PHE A 592 25.57 -21.99 -15.00
C PHE A 592 26.94 -21.34 -15.07
N LEU A 593 27.81 -21.60 -14.10
CA LEU A 593 29.09 -20.89 -14.08
C LEU A 593 30.00 -21.34 -15.22
N GLN A 594 29.79 -22.54 -15.75
CA GLN A 594 30.48 -22.99 -16.96
C GLN A 594 30.13 -22.14 -18.18
N THR A 595 28.99 -21.43 -18.18
CA THR A 595 28.60 -20.58 -19.30
C THR A 595 29.17 -19.16 -19.24
N LEU A 596 29.90 -18.81 -18.20
CA LEU A 596 30.52 -17.49 -18.13
C LEU A 596 31.61 -17.34 -19.20
N ILE A 597 31.99 -16.08 -19.48
CA ILE A 597 33.08 -15.82 -20.42
C ILE A 597 34.33 -16.61 -20.04
N ASN A 598 34.69 -16.61 -18.75
CA ASN A 598 35.72 -17.53 -18.25
C ASN A 598 35.11 -18.33 -17.11
N ALA A 599 35.00 -19.64 -17.32
CA ALA A 599 34.37 -20.56 -16.38
C ALA A 599 35.27 -20.79 -15.17
N PRO A 600 34.82 -20.56 -13.95
CA PRO A 600 35.65 -20.88 -12.78
C PRO A 600 35.98 -22.36 -12.72
N ASN A 601 37.07 -22.66 -12.02
CA ASN A 601 37.47 -24.06 -11.79
C ASN A 601 36.32 -24.80 -11.11
N PRO A 602 35.82 -25.91 -11.69
CA PRO A 602 34.75 -26.67 -11.01
C PRO A 602 35.10 -27.09 -9.59
N GLU A 603 36.39 -27.29 -9.32
CA GLU A 603 36.84 -27.62 -7.98
C GLU A 603 36.55 -26.47 -7.00
N ALA A 604 36.65 -25.21 -7.46
CA ALA A 604 36.26 -24.08 -6.59
C ALA A 604 34.75 -24.00 -6.38
N ILE A 605 33.96 -24.40 -7.38
CA ILE A 605 32.52 -24.47 -7.15
C ILE A 605 32.21 -25.49 -6.06
N LYS A 606 32.83 -26.68 -6.16
CA LYS A 606 32.63 -27.73 -5.15
C LYS A 606 33.05 -27.25 -3.77
N MET A 607 34.18 -26.56 -3.67
CA MET A 607 34.61 -25.99 -2.42
C MET A 607 33.58 -24.99 -1.89
N GLY A 608 32.95 -24.25 -2.80
CA GLY A 608 31.89 -23.35 -2.38
C GLY A 608 30.66 -24.08 -1.89
N VAL A 609 30.27 -25.15 -2.61
CA VAL A 609 29.09 -25.91 -2.19
C VAL A 609 29.34 -26.59 -0.85
N GLU A 610 30.54 -27.12 -0.64
CA GLU A 610 30.82 -27.84 0.60
C GLU A 610 30.81 -26.89 1.79
N LEU A 611 31.38 -25.69 1.63
CA LEU A 611 31.31 -24.69 2.70
C LEU A 611 29.86 -24.36 3.03
N LEU A 612 29.03 -24.16 2.02
CA LEU A 612 27.63 -23.84 2.26
C LEU A 612 26.88 -24.99 2.90
N LYS A 613 27.26 -26.24 2.59
CA LYS A 613 26.67 -27.35 3.32
C LYS A 613 27.16 -27.37 4.77
N ARG A 614 28.42 -27.00 4.97
CA ARG A 614 28.97 -27.03 6.32
C ARG A 614 28.27 -26.04 7.24
N ILE A 615 27.95 -24.83 6.75
CA ILE A 615 27.26 -23.87 7.62
C ILE A 615 25.76 -24.08 7.52
N GLU A 616 25.34 -25.13 6.81
CA GLU A 616 23.95 -25.54 6.69
C GLU A 616 23.09 -24.50 5.97
N ALA A 617 23.70 -23.75 5.04
CA ALA A 617 22.93 -22.95 4.09
C ALA A 617 22.32 -23.82 3.00
N LEU A 618 22.94 -24.96 2.70
CA LEU A 618 22.40 -25.98 1.83
C LEU A 618 22.32 -27.30 2.61
N ASP A 619 21.34 -28.14 2.30
CA ASP A 619 21.30 -29.47 2.92
C ASP A 619 22.22 -30.42 2.15
N GLN A 620 22.24 -31.70 2.53
CA GLN A 620 23.21 -32.61 1.94
C GLN A 620 22.95 -32.90 0.46
N THR A 621 21.72 -32.69 0.00
CA THR A 621 21.39 -32.78 -1.42
C THR A 621 21.79 -31.54 -2.20
N GLY A 622 22.28 -30.49 -1.54
CA GLY A 622 22.57 -29.23 -2.19
C GLY A 622 21.40 -28.29 -2.33
N THR A 623 20.28 -28.58 -1.67
CA THR A 623 19.08 -27.74 -1.74
C THR A 623 19.12 -26.64 -0.68
N LEU A 624 18.62 -25.46 -1.04
CA LEU A 624 18.53 -24.33 -0.14
C LEU A 624 17.76 -24.66 1.13
N THR A 625 18.33 -24.34 2.28
CA THR A 625 17.64 -24.43 3.55
C THR A 625 16.96 -23.12 3.91
N PRO A 626 16.04 -23.13 4.88
CA PRO A 626 15.51 -21.84 5.36
C PRO A 626 16.62 -20.92 5.83
N LEU A 627 17.61 -21.42 6.55
CA LEU A 627 18.74 -20.58 6.92
C LEU A 627 19.44 -20.02 5.66
N GLY A 628 19.65 -20.88 4.65
CA GLY A 628 20.31 -20.43 3.43
C GLY A 628 19.58 -19.28 2.74
N MET A 629 18.24 -19.32 2.74
CA MET A 629 17.47 -18.23 2.14
C MET A 629 17.70 -16.93 2.88
N HIS A 630 17.69 -16.97 4.22
CA HIS A 630 17.96 -15.76 4.98
C HIS A 630 19.33 -15.20 4.64
N LEU A 631 20.34 -16.08 4.54
CA LEU A 631 21.70 -15.61 4.29
C LEU A 631 21.85 -15.04 2.89
N ALA A 632 21.15 -15.61 1.90
CA ALA A 632 21.20 -15.04 0.56
C ALA A 632 20.58 -13.66 0.51
N LYS A 633 19.69 -13.34 1.44
CA LYS A 633 19.02 -12.04 1.50
C LYS A 633 19.77 -11.03 2.36
N LEU A 634 21.03 -11.35 2.76
CA LEU A 634 21.81 -10.34 3.43
C LEU A 634 23.01 -9.99 2.56
N PRO A 635 23.37 -8.71 2.47
CA PRO A 635 24.44 -8.24 1.55
C PRO A 635 25.84 -8.42 2.13
N ILE A 636 26.19 -9.66 2.45
CA ILE A 636 27.46 -9.94 3.10
C ILE A 636 27.73 -11.43 2.91
N ASP A 637 29.00 -11.82 3.00
CA ASP A 637 29.34 -13.24 2.88
C ASP A 637 28.53 -14.07 3.88
N PRO A 638 28.11 -15.28 3.49
CA PRO A 638 27.16 -16.06 4.32
C PRO A 638 27.68 -16.40 5.71
N GLN A 639 28.98 -16.66 5.87
CA GLN A 639 29.51 -16.94 7.19
C GLN A 639 29.26 -15.77 8.11
N MET A 640 29.59 -14.56 7.65
CA MET A 640 29.34 -13.40 8.48
C MET A 640 27.85 -13.10 8.59
N GLY A 641 27.07 -13.47 7.59
CA GLY A 641 25.63 -13.33 7.72
C GLY A 641 25.10 -14.23 8.82
N LYS A 642 25.62 -15.45 8.89
CA LYS A 642 25.23 -16.37 9.96
C LYS A 642 25.53 -15.76 11.32
N MET A 643 26.75 -15.24 11.49
CA MET A 643 27.17 -14.59 12.71
C MET A 643 26.22 -13.47 13.10
N ILE A 644 25.85 -12.62 12.14
CA ILE A 644 24.91 -11.54 12.43
C ILE A 644 23.58 -12.10 12.92
N LEU A 645 23.08 -13.15 12.26
CA LEU A 645 21.82 -13.74 12.68
C LEU A 645 21.94 -14.33 14.09
N MET A 646 23.09 -14.93 14.40
CA MET A 646 23.25 -15.49 15.74
C MET A 646 23.26 -14.40 16.79
N SER A 647 23.84 -13.23 16.44
CA SER A 647 23.91 -12.13 17.40
C SER A 647 22.53 -11.58 17.71
N ALA A 648 21.59 -11.74 16.78
CA ALA A 648 20.20 -11.39 17.08
C ALA A 648 19.60 -12.36 18.10
N LEU A 649 19.88 -13.66 17.94
CA LEU A 649 19.34 -14.64 18.89
C LEU A 649 20.01 -14.53 20.26
N PHE A 650 21.29 -14.22 20.28
CA PHE A 650 22.03 -14.15 21.53
C PHE A 650 22.19 -12.74 22.08
N CYS A 651 21.51 -11.74 21.50
CA CYS A 651 21.38 -10.40 22.07
C CYS A 651 22.71 -9.66 22.19
N CYS A 652 23.63 -9.91 21.28
CA CYS A 652 24.88 -9.18 21.14
C CYS A 652 24.96 -8.35 19.85
N LEU A 653 23.81 -7.93 19.30
CA LEU A 653 23.78 -7.36 17.95
C LEU A 653 24.88 -6.34 17.67
N ASP A 654 25.06 -5.33 18.57
CA ASP A 654 25.93 -4.21 18.23
C ASP A 654 27.41 -4.58 18.09
N PRO A 655 28.04 -5.29 19.04
CA PRO A 655 29.44 -5.66 18.76
C PRO A 655 29.58 -6.57 17.56
N ILE A 656 28.62 -7.47 17.34
CA ILE A 656 28.82 -8.42 16.26
C ILE A 656 28.63 -7.75 14.90
N THR A 657 27.66 -6.84 14.75
CA THR A 657 27.57 -6.17 13.45
C THR A 657 28.80 -5.32 13.18
N SER A 658 29.44 -4.77 14.24
CA SER A 658 30.69 -4.04 14.04
C SER A 658 31.77 -4.95 13.47
N ALA A 659 31.96 -6.12 14.09
CA ALA A 659 32.95 -7.05 13.58
C ALA A 659 32.64 -7.47 12.14
N ALA A 660 31.38 -7.85 11.87
CA ALA A 660 31.00 -8.28 10.53
C ALA A 660 31.26 -7.19 9.49
N ALA A 661 30.85 -5.95 9.80
CA ALA A 661 30.96 -4.86 8.82
C ALA A 661 32.42 -4.55 8.52
N ALA A 662 33.29 -4.60 9.55
CA ALA A 662 34.71 -4.34 9.31
C ALA A 662 35.35 -5.43 8.44
N LEU A 663 34.99 -6.69 8.66
CA LEU A 663 35.49 -7.77 7.83
C LEU A 663 34.95 -7.70 6.42
N SER A 664 33.69 -7.29 6.28
CA SER A 664 33.08 -7.22 4.96
C SER A 664 33.60 -6.02 4.19
N PHE A 665 33.86 -4.91 4.88
CA PHE A 665 34.35 -3.70 4.22
C PHE A 665 35.83 -3.53 4.53
N LYS A 666 36.21 -2.92 5.64
CA LYS A 666 37.63 -2.72 5.93
C LYS A 666 37.81 -2.06 7.28
N SER A 667 39.06 -2.09 7.77
CA SER A 667 39.38 -1.45 9.04
C SER A 667 39.37 0.06 8.92
N PRO A 668 38.87 0.77 9.93
CA PRO A 668 38.89 2.24 9.91
C PRO A 668 40.28 2.83 10.12
N PHE A 669 41.27 2.06 10.54
CA PHE A 669 42.58 2.62 10.85
C PHE A 669 43.38 2.92 9.58
N TYR A 670 43.95 4.13 9.51
CA TYR A 670 45.01 4.44 8.56
C TYR A 670 46.34 3.80 9.00
N SER A 671 47.29 3.80 8.07
CA SER A 671 48.69 3.47 8.35
C SER A 671 49.59 4.49 7.67
N PRO A 672 49.71 5.68 8.24
CA PRO A 672 50.53 6.71 7.60
C PRO A 672 52.02 6.46 7.76
N LEU A 673 52.77 6.98 6.79
CA LEU A 673 54.21 6.74 6.69
C LEU A 673 54.95 7.14 7.96
N GLY A 674 55.74 6.19 8.50
CA GLY A 674 56.56 6.44 9.66
C GLY A 674 55.85 6.36 10.99
N LYS A 675 54.52 6.28 10.99
CA LYS A 675 53.70 6.25 12.19
C LYS A 675 53.31 4.84 12.62
N GLU A 676 53.91 3.80 12.01
CA GLU A 676 53.37 2.45 12.14
C GLU A 676 53.46 1.90 13.56
N SER A 677 54.52 2.20 14.30
CA SER A 677 54.54 1.78 15.70
C SER A 677 53.54 2.57 16.54
N ARG A 678 53.33 3.84 16.21
CA ARG A 678 52.30 4.62 16.88
C ARG A 678 50.92 4.03 16.63
N VAL A 679 50.65 3.64 15.37
CA VAL A 679 49.38 2.99 15.05
C VAL A 679 49.21 1.69 15.82
N ASP A 680 50.28 0.90 15.91
CA ASP A 680 50.24 -0.35 16.68
C ASP A 680 49.83 -0.08 18.11
N GLU A 681 50.37 0.98 18.71
CA GLU A 681 50.05 1.26 20.11
C GLU A 681 48.59 1.69 20.26
N ILE A 682 48.06 2.47 19.30
CA ILE A 682 46.66 2.86 19.34
C ILE A 682 45.77 1.62 19.30
N LYS A 683 46.06 0.70 18.39
CA LYS A 683 45.22 -0.51 18.24
C LYS A 683 45.20 -1.31 19.53
N ARG A 684 46.35 -1.40 20.19
CA ARG A 684 46.47 -2.04 21.50
C ARG A 684 45.57 -1.44 22.53
N ARG A 685 45.49 -0.13 22.49
CA ARG A 685 44.72 0.50 23.53
C ARG A 685 43.25 0.33 23.22
N MET A 686 42.88 0.34 21.93
CA MET A 686 41.48 0.09 21.57
C MET A 686 41.10 -1.37 21.79
N ALA A 687 42.05 -2.29 21.71
CA ALA A 687 41.70 -3.70 21.91
C ALA A 687 41.40 -3.99 23.38
N ARG A 688 41.87 -3.15 24.30
CA ARG A 688 41.51 -3.23 25.71
C ARG A 688 41.83 -4.60 26.28
N ASN A 689 42.96 -5.18 25.84
CA ASN A 689 43.44 -6.47 26.30
C ASN A 689 42.45 -7.60 26.05
N MET A 690 41.54 -7.44 25.09
CA MET A 690 40.56 -8.47 24.80
C MET A 690 41.06 -9.49 23.77
N ARG A 691 42.27 -9.29 23.24
CA ARG A 691 42.92 -10.22 22.30
C ARG A 691 42.05 -10.56 21.09
N SER A 692 41.39 -9.54 20.54
CA SER A 692 40.58 -9.73 19.34
C SER A 692 40.66 -8.49 18.45
N ASP A 693 41.05 -8.69 17.18
CA ASP A 693 40.95 -7.58 16.23
C ASP A 693 39.49 -7.21 15.98
N HIS A 694 38.60 -8.18 16.07
CA HIS A 694 37.21 -7.90 15.80
C HIS A 694 36.57 -7.08 16.92
N LEU A 695 36.79 -7.46 18.18
CA LEU A 695 36.26 -6.62 19.25
C LEU A 695 36.96 -5.27 19.30
N MET A 696 38.23 -5.22 18.89
CA MET A 696 38.95 -3.96 18.79
C MET A 696 38.23 -2.96 17.89
N VAL A 697 37.74 -3.43 16.73
CA VAL A 697 37.01 -2.52 15.85
C VAL A 697 35.78 -1.98 16.55
N HIS A 698 35.05 -2.83 17.28
CA HIS A 698 33.83 -2.35 17.94
C HIS A 698 34.16 -1.36 19.05
N ASN A 699 35.25 -1.59 19.79
CA ASN A 699 35.63 -0.61 20.79
C ASN A 699 35.94 0.71 20.13
N THR A 700 36.54 0.66 18.93
CA THR A 700 36.81 1.87 18.20
C THR A 700 35.53 2.61 17.85
N ILE A 701 34.51 1.87 17.42
CA ILE A 701 33.24 2.48 17.09
C ILE A 701 32.58 3.09 18.32
N ILE A 702 32.65 2.39 19.46
CA ILE A 702 32.11 2.94 20.72
C ILE A 702 32.79 4.26 21.05
N ALA A 703 34.12 4.29 20.92
CA ALA A 703 34.86 5.51 21.23
C ALA A 703 34.56 6.59 20.20
N TYR A 704 34.34 6.19 18.94
CA TYR A 704 34.00 7.17 17.91
C TYR A 704 32.66 7.84 18.21
N ARG A 705 31.65 7.07 18.63
CA ARG A 705 30.37 7.65 19.00
C ARG A 705 30.53 8.63 20.16
N ASP A 706 31.32 8.26 21.16
CA ASP A 706 31.57 9.15 22.28
C ASP A 706 32.16 10.47 21.80
N SER A 707 33.10 10.42 20.84
CA SER A 707 33.72 11.65 20.32
C SER A 707 32.71 12.53 19.58
N ARG A 708 31.73 11.93 18.89
CA ARG A 708 30.70 12.75 18.26
C ARG A 708 29.81 13.37 19.32
N TYR A 709 29.43 12.57 20.30
CA TYR A 709 28.67 13.07 21.43
C TYR A 709 29.42 14.16 22.19
N SER A 710 30.76 14.09 22.21
CA SER A 710 31.57 15.10 22.90
C SER A 710 31.96 16.26 22.00
N HIS A 711 31.52 16.28 20.72
CA HIS A 711 32.00 17.28 19.75
C HIS A 711 33.53 17.31 19.67
N ALA A 712 34.16 16.16 19.90
CA ALA A 712 35.60 15.92 19.78
C ALA A 712 35.98 15.09 18.55
N GLU A 713 35.05 14.89 17.60
CA GLU A 713 35.25 13.91 16.53
C GLU A 713 36.58 14.09 15.80
N ARG A 714 36.87 15.30 15.34
CA ARG A 714 38.12 15.53 14.60
C ARG A 714 39.34 15.19 15.44
N ASP A 715 39.40 15.72 16.66
CA ASP A 715 40.52 15.43 17.56
C ASP A 715 40.67 13.92 17.79
N PHE A 716 39.55 13.22 18.03
CA PHE A 716 39.61 11.79 18.24
C PHE A 716 40.19 11.05 17.02
N CYS A 717 39.68 11.36 15.83
CA CYS A 717 40.16 10.70 14.62
C CYS A 717 41.63 11.02 14.34
N TYR A 718 42.05 12.24 14.66
CA TYR A 718 43.44 12.59 14.46
C TYR A 718 44.34 11.81 15.41
N LYS A 719 44.05 11.84 16.70
CA LYS A 719 44.92 11.19 17.69
C LYS A 719 45.04 9.70 17.46
N ASN A 720 43.99 9.06 16.95
CA ASN A 720 43.96 7.61 16.82
C ASN A 720 44.16 7.08 15.39
N PHE A 721 44.50 7.96 14.44
CA PHE A 721 44.73 7.57 13.04
C PHE A 721 43.55 6.81 12.45
N LEU A 722 42.39 7.42 12.52
CA LEU A 722 41.14 6.79 12.10
C LEU A 722 40.48 7.63 11.02
N SER A 723 39.87 6.93 10.07
CA SER A 723 39.10 7.58 9.02
C SER A 723 37.67 7.76 9.51
N SER A 724 37.23 9.00 9.68
CA SER A 724 35.84 9.19 10.05
C SER A 724 34.90 8.76 8.91
N MET A 725 35.37 8.84 7.67
CA MET A 725 34.57 8.38 6.54
C MET A 725 34.33 6.88 6.60
N THR A 726 35.37 6.10 6.91
CA THR A 726 35.16 4.66 7.05
C THR A 726 34.28 4.37 8.24
N LEU A 727 34.49 5.07 9.35
CA LEU A 727 33.70 4.79 10.54
C LEU A 727 32.22 5.05 10.26
N GLN A 728 31.92 6.15 9.56
CA GLN A 728 30.53 6.46 9.23
C GLN A 728 29.94 5.42 8.27
N GLN A 729 30.74 4.89 7.35
CA GLN A 729 30.23 3.84 6.48
C GLN A 729 29.98 2.54 7.24
N LEU A 730 30.87 2.19 8.19
CA LEU A 730 30.62 1.02 9.03
C LEU A 730 29.33 1.18 9.84
N GLU A 731 29.09 2.37 10.36
CA GLU A 731 27.85 2.63 11.06
C GLU A 731 26.64 2.43 10.14
N ARG A 732 26.71 2.95 8.90
CA ARG A 732 25.62 2.74 7.94
C ARG A 732 25.40 1.25 7.68
N MET A 733 26.47 0.49 7.48
CA MET A 733 26.32 -0.95 7.25
C MET A 733 25.76 -1.68 8.47
N LYS A 734 26.16 -1.29 9.69
CA LYS A 734 25.56 -1.93 10.87
C LYS A 734 24.05 -1.67 10.89
N ASN A 735 23.66 -0.42 10.58
CA ASN A 735 22.26 -0.05 10.49
C ASN A 735 21.54 -0.77 9.37
N GLN A 736 22.21 -1.03 8.22
CA GLN A 736 21.51 -1.80 7.20
C GLN A 736 21.24 -3.22 7.68
N PHE A 737 22.22 -3.85 8.34
CA PHE A 737 22.02 -5.20 8.87
C PHE A 737 20.87 -5.22 9.87
N SER A 738 20.85 -4.25 10.78
CA SER A 738 19.80 -4.17 11.78
C SER A 738 18.43 -3.99 11.17
N GLU A 739 18.32 -3.12 10.17
CA GLU A 739 17.02 -2.91 9.53
C GLU A 739 16.57 -4.17 8.80
N LEU A 740 17.47 -4.86 8.11
CA LEU A 740 17.05 -6.06 7.41
C LEU A 740 16.60 -7.16 8.39
N LEU A 741 17.34 -7.34 9.48
CA LEU A 741 16.95 -8.32 10.49
C LEU A 741 15.60 -7.96 11.11
N TYR A 742 15.38 -6.67 11.34
CA TYR A 742 14.06 -6.23 11.80
C TYR A 742 12.98 -6.60 10.80
N ASN A 743 13.20 -6.26 9.51
CA ASN A 743 12.24 -6.57 8.45
C ASN A 743 12.01 -8.07 8.29
N TYR A 744 13.02 -8.87 8.57
CA TYR A 744 12.87 -10.32 8.50
C TYR A 744 12.30 -10.91 9.78
N LYS A 745 11.93 -10.06 10.74
CA LYS A 745 11.33 -10.41 12.01
C LYS A 745 12.28 -11.15 12.95
N PHE A 746 13.60 -10.97 12.82
CA PHE A 746 14.49 -11.49 13.85
C PHE A 746 14.70 -10.54 15.01
N LEU A 747 14.37 -9.25 14.83
CA LEU A 747 14.57 -8.26 15.87
C LEU A 747 13.27 -7.49 16.09
N ALA A 748 13.05 -7.08 17.35
CA ALA A 748 11.92 -6.22 17.67
C ALA A 748 12.17 -4.77 17.27
N SER A 749 13.42 -4.36 17.15
CA SER A 749 13.75 -2.99 16.80
C SER A 749 14.76 -3.01 15.66
N SER A 750 14.72 -1.97 14.81
CA SER A 750 15.66 -1.82 13.71
C SER A 750 16.94 -1.11 14.10
N ASN A 751 17.06 -0.65 15.34
CA ASN A 751 18.21 0.09 15.82
C ASN A 751 19.25 -0.89 16.35
N CYS A 752 20.45 -0.90 15.75
CA CYS A 752 21.43 -1.89 16.19
C CYS A 752 21.95 -1.64 17.59
N LYS A 753 21.70 -0.46 18.16
CA LYS A 753 22.05 -0.15 19.53
C LYS A 753 20.94 -0.46 20.51
N ASP A 754 19.78 -0.91 20.03
CA ASP A 754 18.61 -1.08 20.89
C ASP A 754 18.95 -1.95 22.10
N ALA A 755 18.50 -1.51 23.28
CA ALA A 755 18.90 -2.18 24.51
C ALA A 755 18.45 -3.62 24.52
N ALA A 756 17.28 -3.90 23.94
CA ALA A 756 16.78 -5.28 23.95
C ALA A 756 17.68 -6.21 23.15
N SER A 757 18.20 -5.73 22.02
CA SER A 757 19.05 -6.55 21.19
C SER A 757 20.45 -6.69 21.74
N ASN A 758 20.82 -5.91 22.75
CA ASN A 758 22.17 -5.83 23.30
C ASN A 758 22.38 -6.30 24.74
N LYS A 759 21.38 -6.94 25.36
CA LYS A 759 21.54 -7.31 26.78
C LYS A 759 22.82 -8.07 27.07
N ASN A 760 23.35 -8.84 26.12
CA ASN A 760 24.57 -9.61 26.32
C ASN A 760 25.82 -8.94 25.76
N SER A 761 25.69 -7.71 25.27
CA SER A 761 26.77 -7.17 24.45
C SER A 761 28.01 -6.83 25.26
N GLU A 762 27.95 -6.81 26.59
CA GLU A 762 29.17 -6.63 27.36
C GLU A 762 29.69 -7.94 27.92
N LYS A 763 29.14 -9.09 27.50
CA LYS A 763 29.66 -10.37 27.95
C LYS A 763 30.67 -10.89 26.92
N ILE A 764 31.94 -10.73 27.26
CA ILE A 764 33.00 -10.96 26.28
C ILE A 764 33.06 -12.44 25.93
N PRO A 765 32.95 -13.39 26.87
CA PRO A 765 32.97 -14.79 26.44
C PRO A 765 31.82 -15.13 25.51
N LEU A 766 30.66 -14.52 25.71
CA LEU A 766 29.59 -14.70 24.73
C LEU A 766 29.94 -14.11 23.38
N LEU A 767 30.57 -12.92 23.35
CA LEU A 767 30.94 -12.34 22.05
C LEU A 767 32.02 -13.16 21.35
N ARG A 768 32.98 -13.72 22.10
CA ARG A 768 33.93 -14.62 21.45
C ARG A 768 33.24 -15.84 20.86
N ALA A 769 32.21 -16.36 21.56
CA ALA A 769 31.49 -17.53 21.07
C ALA A 769 30.79 -17.22 19.75
N ILE A 770 30.16 -16.06 19.63
CA ILE A 770 29.43 -15.73 18.41
C ILE A 770 30.39 -15.43 17.26
N ILE A 771 31.45 -14.66 17.55
CA ILE A 771 32.51 -14.47 16.56
C ILE A 771 33.06 -15.81 16.09
N GLY A 772 33.30 -16.73 17.03
CA GLY A 772 33.76 -18.06 16.64
C GLY A 772 32.75 -18.79 15.79
N ALA A 773 31.46 -18.68 16.13
CA ALA A 773 30.45 -19.32 15.32
C ALA A 773 30.45 -18.81 13.89
N GLY A 774 30.88 -17.56 13.67
CA GLY A 774 30.94 -17.04 12.31
C GLY A 774 32.23 -17.33 11.54
N LEU A 775 33.38 -17.37 12.22
CA LEU A 775 34.67 -17.61 11.56
C LEU A 775 35.05 -19.08 11.53
N TYR A 776 34.33 -19.92 12.26
CA TYR A 776 34.52 -21.35 12.23
C TYR A 776 34.23 -21.76 10.80
N PRO A 777 34.99 -22.72 10.24
CA PRO A 777 36.04 -23.44 10.95
C PRO A 777 37.47 -22.94 10.79
N ASN A 778 37.78 -21.64 10.80
CA ASN A 778 39.18 -21.22 10.69
C ASN A 778 39.71 -21.13 12.11
N MET A 779 40.56 -22.08 12.51
CA MET A 779 41.00 -22.18 13.89
C MET A 779 42.52 -22.26 13.94
N ALA A 780 43.09 -21.74 15.01
CA ALA A 780 44.52 -21.84 15.24
C ALA A 780 44.76 -22.16 16.70
N HIS A 781 45.92 -22.78 16.98
CA HIS A 781 46.29 -23.22 18.30
C HIS A 781 47.73 -22.78 18.57
N LEU A 782 47.93 -22.07 19.68
CA LEU A 782 49.24 -21.53 20.05
C LEU A 782 49.87 -22.35 21.19
N ARG A 783 51.10 -22.83 20.95
CA ARG A 783 51.85 -23.69 21.88
C ARG A 783 53.01 -23.01 22.66
N LYS A 784 53.16 -21.69 22.61
CA LYS A 784 54.47 -21.03 22.68
C LYS A 784 54.65 -20.04 23.85
N SER A 785 55.94 -19.70 24.13
CA SER A 785 56.35 -18.71 25.14
C SER A 785 57.38 -17.70 24.59
N ARG A 786 57.55 -16.60 25.35
CA ARG A 786 58.73 -15.68 25.29
C ARG A 786 58.53 -14.48 26.22
N ARG A 793 57.98 -7.84 22.72
CA ARG A 793 57.37 -8.82 21.81
C ARG A 793 57.81 -10.24 22.10
N ALA A 794 56.93 -11.19 21.79
CA ALA A 794 57.18 -12.61 21.96
C ALA A 794 57.20 -13.30 20.59
N ILE A 795 57.96 -14.39 20.53
CA ILE A 795 57.98 -15.31 19.39
C ILE A 795 56.82 -16.28 19.59
N HIS A 796 56.14 -16.68 18.51
CA HIS A 796 54.99 -17.59 18.60
C HIS A 796 55.22 -18.88 17.81
N THR A 797 54.91 -20.04 18.42
CA THR A 797 54.74 -21.32 17.75
C THR A 797 53.25 -21.63 17.68
N MET A 798 52.69 -21.52 16.49
CA MET A 798 51.25 -21.59 16.31
C MET A 798 50.97 -22.28 15.00
N ALA A 799 49.91 -23.07 14.96
CA ALA A 799 49.53 -23.78 13.75
C ALA A 799 48.03 -23.64 13.53
N THR A 800 47.61 -23.52 12.27
CA THR A 800 46.18 -23.60 12.06
C THR A 800 45.74 -25.06 12.22
N ASP A 801 44.45 -25.30 12.15
CA ASP A 801 43.95 -26.64 12.46
C ASP A 801 44.37 -27.68 11.43
N ASP A 802 44.85 -27.24 10.27
CA ASP A 802 45.39 -28.11 9.23
C ASP A 802 46.86 -28.45 9.44
N GLY A 803 47.46 -27.97 10.52
CA GLY A 803 48.82 -28.31 10.87
C GLY A 803 49.88 -27.37 10.38
N ARG A 804 49.54 -26.42 9.51
CA ARG A 804 50.56 -25.51 9.00
C ARG A 804 50.86 -24.47 10.06
N ARG A 805 52.15 -24.23 10.25
CA ARG A 805 52.58 -23.20 11.15
C ARG A 805 52.17 -21.82 10.63
N VAL A 806 51.70 -20.95 11.55
CA VAL A 806 51.30 -19.58 11.23
C VAL A 806 51.80 -18.64 12.32
N ASN A 807 51.75 -17.34 12.02
CA ASN A 807 51.93 -16.28 13.00
C ASN A 807 50.83 -15.23 12.80
N PHE A 808 50.55 -14.46 13.84
CA PHE A 808 49.68 -13.29 13.67
C PHE A 808 50.34 -12.26 12.76
N HIS A 809 49.56 -11.68 11.87
CA HIS A 809 50.12 -10.62 11.03
C HIS A 809 50.53 -9.45 11.91
N PRO A 810 51.69 -8.84 11.66
CA PRO A 810 52.14 -7.72 12.50
C PRO A 810 51.11 -6.61 12.64
N SER A 811 50.20 -6.49 11.68
CA SER A 811 49.17 -5.48 11.80
C SER A 811 48.02 -5.94 12.73
N SER A 812 47.99 -7.21 13.10
CA SER A 812 46.97 -7.79 13.95
C SER A 812 47.18 -7.46 15.40
N VAL A 813 46.07 -7.35 16.13
CA VAL A 813 46.19 -7.10 17.55
C VAL A 813 46.66 -8.32 18.37
N ASN A 814 46.95 -9.46 17.79
CA ASN A 814 47.54 -10.46 18.64
C ASN A 814 49.05 -10.63 18.40
N SER A 815 49.64 -9.97 17.38
CA SER A 815 51.07 -10.13 17.11
C SER A 815 51.95 -9.74 18.28
N GLY A 816 52.87 -10.63 18.62
CA GLY A 816 53.88 -10.38 19.64
C GLY A 816 53.40 -10.41 21.07
N GLU A 817 52.10 -10.52 21.32
CA GLU A 817 51.63 -10.52 22.69
C GLU A 817 51.82 -11.88 23.36
N SER A 818 51.85 -11.85 24.68
CA SER A 818 52.01 -13.03 25.53
C SER A 818 50.95 -13.01 26.63
N GLY A 819 50.84 -14.12 27.34
CA GLY A 819 49.82 -14.24 28.36
C GLY A 819 48.37 -14.40 27.93
N PHE A 820 48.12 -15.00 26.76
CA PHE A 820 46.75 -15.27 26.34
C PHE A 820 46.04 -16.14 27.36
N ASP A 821 44.82 -15.76 27.72
CA ASP A 821 44.00 -16.63 28.57
C ASP A 821 43.64 -17.92 27.88
N SER A 822 43.64 -17.96 26.55
CA SER A 822 43.35 -19.20 25.86
C SER A 822 44.31 -19.34 24.69
N ALA A 823 44.64 -20.57 24.36
CA ALA A 823 45.59 -20.85 23.30
C ALA A 823 44.91 -21.02 21.94
N TYR A 824 43.61 -20.76 21.86
CA TYR A 824 42.86 -21.00 20.63
C TYR A 824 42.40 -19.69 20.02
N PHE A 825 42.35 -19.67 18.70
CA PHE A 825 42.03 -18.48 17.94
C PHE A 825 41.18 -18.85 16.74
N VAL A 826 40.31 -17.93 16.34
CA VAL A 826 39.68 -18.01 15.03
C VAL A 826 40.11 -16.78 14.25
N TYR A 827 39.98 -16.88 12.93
CA TYR A 827 40.48 -15.85 12.02
C TYR A 827 39.63 -15.85 10.76
N PHE A 828 39.52 -14.67 10.14
CA PHE A 828 38.79 -14.55 8.89
C PHE A 828 39.66 -14.92 7.69
N GLN A 829 40.90 -14.44 7.66
CA GLN A 829 41.72 -14.58 6.48
C GLN A 829 43.13 -14.95 6.87
N ARG A 830 43.68 -15.96 6.20
CA ARG A 830 45.08 -16.31 6.34
C ARG A 830 45.78 -16.03 5.01
N GLN A 831 46.99 -15.48 5.08
CA GLN A 831 47.65 -15.06 3.85
C GLN A 831 49.15 -15.18 3.96
N LYS A 832 49.77 -15.68 2.89
CA LYS A 832 51.21 -15.86 2.80
C LYS A 832 51.86 -14.63 2.18
N SER A 833 52.77 -13.99 2.91
CA SER A 833 53.67 -13.09 2.22
C SER A 833 55.14 -13.45 2.45
N THR A 834 55.72 -12.97 3.56
CA THR A 834 57.03 -13.44 4.02
C THR A 834 56.90 -14.61 4.98
N ASP A 835 55.68 -14.87 5.43
CA ASP A 835 55.34 -15.94 6.35
C ASP A 835 53.87 -16.20 6.12
N LEU A 836 53.36 -17.28 6.69
CA LEU A 836 51.94 -17.56 6.62
C LEU A 836 51.29 -16.87 7.82
N PHE A 837 50.51 -15.82 7.54
CA PHE A 837 50.03 -14.90 8.56
C PHE A 837 48.52 -15.00 8.70
N LEU A 838 48.05 -14.88 9.94
CA LEU A 838 46.64 -14.62 10.20
C LEU A 838 46.45 -13.10 10.28
N LEU A 839 45.64 -12.56 9.38
CA LEU A 839 45.52 -11.11 9.24
C LEU A 839 44.65 -10.50 10.31
N ASP A 840 43.83 -11.31 10.96
CA ASP A 840 42.89 -10.88 11.99
C ASP A 840 42.64 -12.10 12.85
N SER A 841 42.39 -11.89 14.14
CA SER A 841 42.09 -13.06 14.96
C SER A 841 41.30 -12.63 16.18
N THR A 842 40.53 -13.58 16.72
CA THR A 842 39.92 -13.44 18.04
C THR A 842 40.29 -14.67 18.85
N MET A 843 40.83 -14.45 20.05
CA MET A 843 41.09 -15.55 20.97
C MET A 843 39.76 -16.14 21.42
N VAL A 844 39.67 -17.48 21.41
CA VAL A 844 38.41 -18.16 21.68
C VAL A 844 38.62 -19.25 22.72
N PHE A 845 37.51 -19.69 23.31
CA PHE A 845 37.66 -20.73 24.30
C PHE A 845 37.13 -22.06 23.77
N PRO A 846 37.75 -23.18 24.16
CA PRO A 846 37.32 -24.48 23.64
C PRO A 846 35.82 -24.75 23.76
N MET A 847 35.23 -24.46 24.93
CA MET A 847 33.83 -24.85 25.13
C MET A 847 32.89 -24.14 24.16
N ALA A 848 33.25 -22.91 23.76
CA ALA A 848 32.51 -22.18 22.73
C ALA A 848 32.66 -22.84 21.37
N LEU A 849 33.88 -23.22 21.00
CA LEU A 849 34.07 -23.92 19.75
C LEU A 849 33.26 -25.21 19.74
N ILE A 850 33.24 -25.91 20.87
CA ILE A 850 32.53 -27.18 20.92
C ILE A 850 31.03 -26.97 20.77
N ILE A 851 30.48 -25.97 21.46
CA ILE A 851 29.04 -25.78 21.41
C ILE A 851 28.57 -25.38 20.02
N PHE A 852 29.30 -24.47 19.35
CA PHE A 852 28.84 -23.94 18.07
C PHE A 852 29.45 -24.63 16.87
N GLY A 853 30.39 -25.54 17.07
CA GLY A 853 31.13 -26.13 15.97
C GLY A 853 30.52 -27.43 15.48
N ASP A 854 31.36 -28.26 14.88
CA ASP A 854 30.94 -29.57 14.40
C ASP A 854 32.10 -30.54 14.61
N GLY A 855 31.91 -31.78 14.16
CA GLY A 855 32.90 -32.81 14.43
C GLY A 855 33.07 -33.04 15.91
N VAL A 856 31.99 -32.98 16.68
CA VAL A 856 32.01 -33.09 18.13
C VAL A 856 31.67 -34.52 18.51
N GLU A 857 32.53 -35.12 19.32
CA GLU A 857 32.22 -36.43 19.86
C GLU A 857 32.85 -36.57 21.23
N ALA A 858 32.25 -37.41 22.06
CA ALA A 858 32.80 -37.77 23.35
C ALA A 858 33.36 -39.19 23.26
N GLY A 859 34.39 -39.46 24.04
CA GLY A 859 35.00 -40.78 24.01
C GLY A 859 36.07 -40.93 25.06
N VAL A 860 36.86 -41.99 24.90
CA VAL A 860 38.01 -42.29 25.76
C VAL A 860 39.18 -42.62 24.83
N THR A 861 40.30 -41.93 25.01
CA THR A 861 41.49 -42.22 24.21
C THR A 861 42.54 -42.96 25.03
N GLN A 862 43.09 -42.38 26.09
CA GLN A 862 44.05 -43.23 26.77
C GLN A 862 43.26 -44.08 27.75
N ASN A 863 43.16 -43.66 29.01
CA ASN A 863 42.00 -43.98 29.83
C ASN A 863 41.15 -42.76 30.16
N THR A 864 41.45 -41.59 29.55
CA THR A 864 40.82 -40.31 29.84
C THR A 864 39.55 -40.10 28.99
N PRO A 865 38.44 -39.69 29.60
CA PRO A 865 37.30 -39.24 28.78
C PRO A 865 37.61 -37.91 28.14
N TYR A 866 37.16 -37.73 26.90
CA TYR A 866 37.45 -36.53 26.12
C TYR A 866 36.18 -36.04 25.46
N LEU A 867 36.27 -34.81 24.94
CA LEU A 867 35.28 -34.20 24.07
C LEU A 867 36.06 -33.40 23.03
N CYS A 868 35.73 -33.59 21.76
CA CYS A 868 36.52 -32.99 20.71
C CYS A 868 35.66 -32.06 19.87
N VAL A 869 36.32 -31.33 18.97
CA VAL A 869 35.65 -30.46 18.00
C VAL A 869 36.42 -30.55 16.70
N ALA A 870 35.71 -30.55 15.58
CA ALA A 870 36.27 -30.71 14.23
C ALA A 870 37.10 -31.99 14.08
N LYS A 871 36.88 -32.99 14.95
CA LYS A 871 37.72 -34.18 15.01
C LYS A 871 39.21 -33.80 14.99
N THR A 872 39.54 -32.66 15.57
CA THR A 872 40.89 -32.10 15.48
C THR A 872 41.44 -31.77 16.87
N TYR A 873 40.75 -30.94 17.62
CA TYR A 873 41.13 -30.56 18.97
C TYR A 873 40.37 -31.40 19.98
N TYR A 874 41.12 -32.18 20.77
CA TYR A 874 40.53 -33.10 21.75
C TYR A 874 40.81 -32.55 23.15
N PHE A 875 39.76 -32.37 23.92
CA PHE A 875 39.85 -31.78 25.25
C PHE A 875 39.49 -32.81 26.30
N LYS A 876 40.22 -32.79 27.41
CA LYS A 876 39.83 -33.58 28.56
C LYS A 876 38.46 -33.10 28.99
N CYS A 877 37.51 -34.03 29.14
CA CYS A 877 36.17 -33.66 29.56
C CYS A 877 35.56 -34.85 30.27
N ASN A 878 34.85 -34.63 31.38
CA ASN A 878 34.27 -35.80 32.04
C ASN A 878 32.92 -36.14 31.37
N ARG A 879 32.36 -37.30 31.75
CA ARG A 879 31.20 -37.86 31.06
C ARG A 879 29.97 -36.98 31.22
N GLU A 880 29.86 -36.47 32.43
CA GLU A 880 28.76 -35.66 32.93
C GLU A 880 28.62 -34.39 32.10
N THR A 881 29.75 -33.74 31.82
CA THR A 881 29.79 -32.54 31.02
C THR A 881 29.63 -32.89 29.54
N ALA A 882 30.23 -33.99 29.10
CA ALA A 882 30.07 -34.39 27.70
C ALA A 882 28.62 -34.67 27.38
N ASP A 883 27.94 -35.45 28.21
CA ASP A 883 26.56 -35.78 27.87
C ASP A 883 25.66 -34.56 27.86
N VAL A 884 25.95 -33.57 28.71
CA VAL A 884 25.13 -32.36 28.75
C VAL A 884 25.41 -31.46 27.55
N VAL A 885 26.69 -31.35 27.16
CA VAL A 885 27.05 -30.51 26.01
C VAL A 885 26.51 -31.10 24.71
N ILE A 886 26.58 -32.43 24.59
CA ILE A 886 26.04 -33.08 23.40
C ILE A 886 24.53 -32.90 23.35
N GLN A 887 23.87 -33.01 24.50
CA GLN A 887 22.43 -32.73 24.55
C GLN A 887 22.14 -31.26 24.23
N LEU A 888 23.00 -30.34 24.70
CA LEU A 888 22.80 -28.93 24.43
C LEU A 888 22.90 -28.64 22.94
N ARG A 889 23.89 -29.23 22.26
CA ARG A 889 24.03 -29.05 20.82
C ARG A 889 22.79 -29.54 20.05
N SER A 890 22.22 -30.66 20.47
CA SER A 890 21.00 -31.15 19.83
C SER A 890 19.87 -30.14 19.95
N ASN A 891 19.67 -29.60 21.15
CA ASN A 891 18.62 -28.60 21.29
C ASN A 891 18.94 -27.31 20.57
N LEU A 892 20.21 -26.93 20.48
CA LEU A 892 20.55 -25.71 19.78
C LEU A 892 20.28 -25.85 18.29
N GLU A 893 20.62 -27.01 17.72
CA GLU A 893 20.29 -27.25 16.31
C GLU A 893 18.79 -27.20 16.10
N LYS A 894 18.02 -27.77 17.02
CA LYS A 894 16.57 -27.70 16.88
C LYS A 894 16.07 -26.26 16.95
N LEU A 895 16.64 -25.46 17.85
CA LEU A 895 16.22 -24.07 17.97
C LEU A 895 16.56 -23.26 16.72
N LEU A 896 17.79 -23.41 16.20
CA LEU A 896 18.23 -22.68 15.01
C LEU A 896 17.38 -23.01 13.79
N LEU A 897 17.03 -24.28 13.61
CA LEU A 897 16.18 -24.63 12.48
C LEU A 897 14.79 -24.02 12.61
N LYS A 898 14.29 -23.92 13.84
CA LYS A 898 12.95 -23.39 14.02
C LYS A 898 12.91 -21.87 13.88
N LYS A 899 13.94 -21.18 14.38
CA LYS A 899 13.99 -19.73 14.22
C LYS A 899 14.13 -19.35 12.76
N ALA A 900 14.90 -20.13 12.00
CA ALA A 900 15.06 -19.83 10.57
C ALA A 900 13.76 -20.04 9.81
N LEU A 901 13.00 -21.09 10.14
CA LEU A 901 11.75 -21.36 9.43
C LEU A 901 10.62 -20.45 9.89
N TYR A 902 10.63 -20.06 11.17
CA TYR A 902 9.59 -19.25 11.78
C TYR A 902 10.29 -18.08 12.47
N PRO A 903 10.75 -17.11 11.71
CA PRO A 903 11.45 -15.97 12.32
C PRO A 903 10.57 -15.24 13.31
N ALA A 904 11.17 -14.85 14.42
CA ALA A 904 10.55 -14.13 15.51
C ALA A 904 11.64 -13.79 16.51
N PRO A 905 11.57 -12.64 17.15
CA PRO A 905 12.52 -12.35 18.22
C PRO A 905 12.36 -13.36 19.36
N ILE A 906 13.45 -13.63 20.04
CA ILE A 906 13.36 -14.52 21.19
C ILE A 906 12.79 -13.73 22.35
N GLU A 907 11.61 -14.13 22.82
CA GLU A 907 10.94 -13.42 23.90
C GLU A 907 11.72 -13.62 25.20
N GLU A 908 11.71 -12.58 26.03
CA GLU A 908 12.62 -12.52 27.18
C GLU A 908 12.34 -13.65 28.18
N ASN A 909 11.07 -13.94 28.45
CA ASN A 909 10.71 -14.91 29.49
C ASN A 909 10.29 -16.28 28.96
N GLY A 910 10.37 -16.53 27.65
CA GLY A 910 9.78 -17.72 27.06
C GLY A 910 10.66 -18.97 27.15
N TYR A 911 10.20 -20.02 26.45
CA TYR A 911 10.92 -21.30 26.42
C TYR A 911 12.28 -21.17 25.75
N GLU A 912 12.32 -20.54 24.59
CA GLU A 912 13.56 -20.48 23.83
C GLU A 912 14.63 -19.76 24.62
N LYS A 913 14.24 -18.74 25.38
CA LYS A 913 15.21 -18.02 26.19
C LYS A 913 15.90 -18.95 27.18
N GLN A 914 15.21 -19.98 27.67
CA GLN A 914 15.85 -20.84 28.66
C GLN A 914 17.00 -21.64 28.04
N LEU A 915 16.94 -21.95 26.74
CA LEU A 915 18.09 -22.57 26.09
C LEU A 915 19.20 -21.57 25.86
N ILE A 916 18.83 -20.32 25.53
CA ILE A 916 19.84 -19.29 25.41
C ILE A 916 20.55 -19.09 26.76
N LYS A 917 19.78 -19.11 27.85
CA LYS A 917 20.37 -18.97 29.18
C LYS A 917 21.30 -20.15 29.52
N ALA A 918 20.92 -21.38 29.13
CA ALA A 918 21.77 -22.54 29.39
C ALA A 918 23.14 -22.33 28.78
N ILE A 919 23.18 -21.82 27.55
CA ILE A 919 24.42 -21.62 26.82
C ILE A 919 25.21 -20.46 27.41
N GLU A 920 24.54 -19.35 27.74
CA GLU A 920 25.22 -18.24 28.40
C GLU A 920 25.91 -18.71 29.67
N LEU A 921 25.24 -19.60 30.43
CA LEU A 921 25.81 -20.02 31.70
C LEU A 921 27.10 -20.80 31.47
N LEU A 922 27.09 -21.74 30.52
CA LEU A 922 28.29 -22.52 30.22
C LEU A 922 29.42 -21.63 29.72
N LEU A 923 29.11 -20.67 28.87
CA LEU A 923 30.18 -19.84 28.31
C LEU A 923 30.72 -18.86 29.33
N SER A 924 29.91 -18.43 30.29
CA SER A 924 30.40 -17.52 31.31
C SER A 924 31.48 -18.12 32.21
N LEU A 925 31.67 -19.46 32.18
CA LEU A 925 32.68 -20.05 33.05
C LEU A 925 34.09 -19.62 32.69
N ASP A 926 34.30 -19.16 31.45
CA ASP A 926 35.61 -18.76 30.96
C ASP A 926 35.86 -17.26 31.15
N GLU A 927 35.00 -16.57 31.90
CA GLU A 927 35.21 -15.14 32.13
C GLU A 927 36.57 -14.88 32.77
N ARG A 928 37.17 -13.74 32.40
CA ARG A 928 38.42 -13.31 33.02
C ARG A 928 38.18 -12.97 34.49
N LEU A 929 38.90 -13.63 35.39
CA LEU A 929 38.72 -13.35 36.80
C LEU A 929 39.81 -12.41 37.29
N LEU B 54 -44.70 22.17 37.27
CA LEU B 54 -43.53 21.59 37.94
C LEU B 54 -43.67 20.08 38.10
N GLY B 55 -42.69 19.34 37.62
CA GLY B 55 -42.78 17.90 37.52
C GLY B 55 -42.23 17.15 38.71
N CYS B 56 -42.01 15.86 38.49
CA CYS B 56 -41.59 14.95 39.56
C CYS B 56 -40.18 15.29 40.06
N ASN B 57 -39.89 14.79 41.27
CA ASN B 57 -38.63 15.05 41.93
C ASN B 57 -37.51 14.25 41.26
N VAL B 58 -36.46 14.95 40.88
CA VAL B 58 -35.30 14.35 40.24
C VAL B 58 -34.08 14.26 41.17
N SER B 59 -34.19 14.66 42.44
CA SER B 59 -33.02 14.68 43.34
C SER B 59 -32.45 13.28 43.56
N ALA B 60 -31.10 13.20 43.62
CA ALA B 60 -30.34 11.98 43.86
C ALA B 60 -29.93 11.89 45.33
N PRO B 61 -29.73 10.67 45.87
CA PRO B 61 -29.27 10.53 47.26
C PRO B 61 -27.85 11.02 47.45
N SER B 62 -27.58 11.49 48.68
CA SER B 62 -26.25 12.04 49.02
C SER B 62 -25.13 11.05 48.74
N GLY B 63 -25.32 9.78 49.09
CA GLY B 63 -24.29 8.79 48.87
C GLY B 63 -23.98 8.62 47.40
N VAL B 64 -24.98 8.80 46.56
CA VAL B 64 -24.70 8.75 45.13
C VAL B 64 -24.03 10.05 44.69
N LEU B 65 -24.59 11.19 45.11
CA LEU B 65 -23.97 12.47 44.81
C LEU B 65 -22.50 12.50 45.23
N GLU B 66 -22.19 11.98 46.42
CA GLU B 66 -20.81 12.00 46.90
C GLU B 66 -19.91 11.23 45.95
N ARG B 67 -20.34 10.02 45.57
CA ARG B 67 -19.53 9.21 44.68
C ARG B 67 -19.43 9.83 43.28
N VAL B 68 -20.51 10.45 42.79
CA VAL B 68 -20.43 11.11 41.49
C VAL B 68 -19.36 12.21 41.50
N LYS B 69 -19.27 12.99 42.59
CA LYS B 69 -18.26 14.05 42.59
C LYS B 69 -16.85 13.50 42.75
N GLU B 70 -16.68 12.40 43.48
CA GLU B 70 -15.37 11.75 43.48
C GLU B 70 -14.97 11.38 42.05
N LEU B 71 -15.87 10.75 41.30
CA LEU B 71 -15.54 10.30 39.94
C LEU B 71 -15.24 11.47 39.02
N MET B 72 -15.99 12.56 39.13
CA MET B 72 -15.70 13.75 38.33
C MET B 72 -14.34 14.31 38.69
N GLU B 73 -14.01 14.34 39.99
CA GLU B 73 -12.71 14.84 40.41
C GLU B 73 -11.57 14.02 39.83
N ASP B 74 -11.69 12.68 39.86
CA ASP B 74 -10.65 11.84 39.25
C ASP B 74 -10.50 12.12 37.77
N TYR B 75 -11.63 12.35 37.08
CA TYR B 75 -11.58 12.63 35.65
C TYR B 75 -10.86 13.93 35.34
N SER B 76 -11.11 14.98 36.12
CA SER B 76 -10.47 16.26 35.86
C SER B 76 -8.98 16.25 36.19
N ARG B 77 -8.47 15.21 36.84
CA ARG B 77 -7.03 15.04 37.03
C ARG B 77 -6.55 14.20 35.85
N ALA B 78 -5.89 14.84 34.88
CA ALA B 78 -5.31 14.15 33.72
C ALA B 78 -4.71 15.16 32.75
N PRO B 79 -3.52 14.90 32.20
CA PRO B 79 -2.86 15.75 31.21
C PRO B 79 -3.53 15.74 29.84
N ASP B 90 -1.44 8.69 19.30
CA ASP B 90 -1.22 9.51 18.10
C ASP B 90 -2.54 9.98 17.45
N ALA B 91 -2.53 11.17 16.85
CA ALA B 91 -3.73 11.75 16.24
C ALA B 91 -3.50 12.11 14.78
N LYS B 92 -3.92 11.24 13.87
CA LYS B 92 -3.92 11.60 12.47
C LYS B 92 -5.22 12.25 12.06
N PHE B 93 -6.29 12.04 12.83
CA PHE B 93 -7.59 12.61 12.49
C PHE B 93 -7.59 14.12 12.68
N GLN B 94 -6.96 14.59 13.76
CA GLN B 94 -6.96 16.02 14.01
C GLN B 94 -6.27 16.78 12.88
N GLN B 95 -5.18 16.24 12.35
CA GLN B 95 -4.51 16.93 11.25
C GLN B 95 -5.28 16.77 9.95
N GLN B 96 -6.00 15.66 9.77
CA GLN B 96 -6.88 15.60 8.59
C GLN B 96 -7.98 16.65 8.68
N PHE B 97 -8.54 16.83 9.89
CA PHE B 97 -9.63 17.79 10.05
C PHE B 97 -9.15 19.21 9.82
N ARG B 98 -7.98 19.54 10.37
CA ARG B 98 -7.42 20.87 10.19
C ARG B 98 -7.04 21.10 8.72
N HIS B 99 -6.52 20.07 8.06
CA HIS B 99 -6.18 20.21 6.66
C HIS B 99 -7.42 20.50 5.82
N LEU B 100 -8.52 19.78 6.07
CA LEU B 100 -9.77 20.04 5.35
C LEU B 100 -10.21 21.50 5.52
N LEU B 101 -10.08 22.03 6.74
CA LEU B 101 -10.56 23.38 6.99
C LEU B 101 -9.65 24.45 6.42
N SER B 102 -8.37 24.17 6.21
CA SER B 102 -7.40 25.19 5.81
C SER B 102 -7.24 25.36 4.30
N VAL B 103 -7.76 24.46 3.47
CA VAL B 103 -7.52 24.55 2.03
C VAL B 103 -8.70 25.25 1.35
N ASN B 104 -8.38 26.06 0.33
CA ASN B 104 -9.42 26.64 -0.51
C ASN B 104 -9.83 25.64 -1.59
N PHE B 105 -10.85 26.00 -2.36
CA PHE B 105 -11.38 25.06 -3.33
C PHE B 105 -10.37 24.78 -4.42
N GLU B 106 -9.60 25.79 -4.78
CA GLU B 106 -8.53 25.63 -5.77
C GLU B 106 -7.49 24.62 -5.30
N GLU B 107 -7.08 24.73 -4.03
CA GLU B 107 -6.13 23.76 -3.49
C GLU B 107 -6.75 22.38 -3.38
N PHE B 108 -8.01 22.31 -2.94
CA PHE B 108 -8.69 21.02 -2.86
C PHE B 108 -8.72 20.35 -4.24
N VAL B 109 -8.98 21.12 -5.30
CA VAL B 109 -9.01 20.55 -6.65
C VAL B 109 -7.63 20.07 -7.07
N ALA B 110 -6.60 20.91 -6.85
CA ALA B 110 -5.24 20.48 -7.18
C ALA B 110 -4.86 19.21 -6.41
N GLU B 111 -5.14 19.16 -5.11
CA GLU B 111 -4.64 18.03 -4.34
C GLU B 111 -5.34 16.73 -4.75
N THR B 112 -6.66 16.78 -4.99
CA THR B 112 -7.37 15.57 -5.34
C THR B 112 -6.95 15.07 -6.71
N LYS B 113 -6.52 15.97 -7.59
CA LYS B 113 -6.01 15.55 -8.90
C LYS B 113 -4.79 14.66 -8.77
N GLU B 114 -3.83 15.07 -7.92
CA GLU B 114 -2.63 14.26 -7.75
C GLU B 114 -2.96 12.99 -7.02
N ARG B 115 -4.03 13.05 -6.24
CA ARG B 115 -4.30 12.00 -5.30
C ARG B 115 -5.07 10.85 -6.00
N ASN B 116 -5.91 11.14 -7.03
CA ASN B 116 -6.50 10.09 -7.90
C ASN B 116 -5.94 10.26 -9.31
N ALA B 117 -4.81 9.59 -9.60
CA ALA B 117 -4.18 9.69 -10.91
C ALA B 117 -4.27 8.42 -11.75
N ASP B 118 -4.86 7.33 -11.22
CA ASP B 118 -4.67 6.00 -11.82
C ASP B 118 -5.08 5.93 -13.28
N LEU B 119 -6.18 6.58 -13.65
CA LEU B 119 -6.67 6.48 -15.02
C LEU B 119 -5.83 7.27 -16.02
N ASP B 120 -4.85 8.04 -15.57
CA ASP B 120 -3.86 8.60 -16.49
C ASP B 120 -2.97 7.52 -17.10
N TRP B 121 -3.05 6.29 -16.63
CA TRP B 121 -2.18 5.20 -17.04
C TRP B 121 -2.96 4.16 -17.83
N VAL B 122 -2.41 3.75 -18.96
CA VAL B 122 -3.07 2.74 -19.79
C VAL B 122 -2.10 1.58 -20.01
N ASN B 123 -2.67 0.46 -20.45
CA ASN B 123 -1.94 -0.82 -20.56
C ASN B 123 -2.03 -1.30 -22.00
N PRO B 124 -1.06 -0.96 -22.85
CA PRO B 124 -1.20 -1.32 -24.28
C PRO B 124 -1.24 -2.81 -24.53
N LYS B 125 -0.55 -3.65 -23.74
CA LYS B 125 -0.65 -5.09 -23.97
C LYS B 125 -2.04 -5.59 -23.66
N LEU B 126 -2.65 -5.06 -22.59
CA LEU B 126 -4.05 -5.35 -22.28
C LEU B 126 -4.99 -4.84 -23.38
N ASP B 127 -4.75 -3.63 -23.88
CA ASP B 127 -5.57 -3.11 -24.96
C ASP B 127 -5.54 -4.06 -26.15
N GLU B 128 -4.36 -4.53 -26.50
CA GLU B 128 -4.22 -5.40 -27.66
C GLU B 128 -4.89 -6.75 -27.41
N ARG B 129 -4.76 -7.30 -26.21
CA ARG B 129 -5.33 -8.61 -25.89
C ARG B 129 -6.86 -8.57 -25.90
N LEU B 130 -7.45 -7.52 -25.31
CA LEU B 130 -8.90 -7.46 -25.32
C LEU B 130 -9.43 -7.20 -26.73
N GLN B 131 -8.66 -6.48 -27.54
CA GLN B 131 -9.07 -6.27 -28.92
C GLN B 131 -9.07 -7.58 -29.71
N LEU B 132 -8.02 -8.37 -29.54
CA LEU B 132 -7.94 -9.68 -30.17
C LEU B 132 -9.04 -10.62 -29.69
N GLU B 133 -9.32 -10.59 -28.39
CA GLU B 133 -10.36 -11.47 -27.85
C GLU B 133 -11.71 -11.09 -28.41
N LEU B 134 -11.96 -9.80 -28.63
CA LEU B 134 -13.23 -9.41 -29.22
C LEU B 134 -13.33 -9.93 -30.65
N GLY B 135 -12.26 -9.77 -31.44
CA GLY B 135 -12.28 -10.32 -32.80
C GLY B 135 -12.55 -11.81 -32.83
N GLN B 136 -11.93 -12.56 -31.92
CA GLN B 136 -12.19 -14.00 -31.85
C GLN B 136 -13.64 -14.27 -31.47
N ARG B 137 -14.13 -13.60 -30.42
CA ARG B 137 -15.47 -13.90 -29.93
C ARG B 137 -16.52 -13.56 -30.96
N GLN B 138 -16.21 -12.66 -31.88
CA GLN B 138 -17.13 -12.40 -32.98
C GLN B 138 -17.23 -13.58 -33.94
N LEU B 139 -16.37 -14.60 -33.83
CA LEU B 139 -16.50 -15.81 -34.63
C LEU B 139 -17.10 -17.02 -33.89
N GLU B 140 -17.48 -16.90 -32.61
CA GLU B 140 -18.29 -17.90 -31.92
C GLU B 140 -19.78 -17.60 -32.14
N GLU B 141 -20.62 -18.64 -32.17
CA GLU B 141 -22.06 -18.42 -32.34
C GLU B 141 -22.86 -18.41 -31.04
N ASN B 142 -22.24 -18.55 -29.86
CA ASN B 142 -22.93 -18.09 -28.65
C ASN B 142 -23.10 -16.58 -28.71
N ALA B 143 -22.01 -15.89 -29.07
CA ALA B 143 -22.02 -14.54 -29.64
C ALA B 143 -22.49 -14.67 -31.08
N LYS B 144 -22.26 -13.66 -31.91
CA LYS B 144 -22.85 -13.65 -33.24
C LYS B 144 -24.38 -13.65 -33.05
N LYS B 145 -25.07 -14.77 -33.27
CA LYS B 145 -26.55 -14.82 -33.25
C LYS B 145 -27.10 -14.11 -32.03
N ARG B 146 -26.31 -14.08 -30.96
CA ARG B 146 -26.57 -13.18 -29.83
C ARG B 146 -26.65 -11.72 -30.26
N LEU B 147 -25.85 -11.32 -31.25
CA LEU B 147 -25.77 -9.89 -31.58
C LEU B 147 -26.93 -9.45 -32.47
N GLU B 148 -27.45 -10.33 -33.32
CA GLU B 148 -28.64 -9.95 -34.08
C GLU B 148 -29.86 -9.88 -33.17
N ALA B 149 -29.84 -10.64 -32.07
CA ALA B 149 -30.87 -10.47 -31.05
C ALA B 149 -30.76 -9.10 -30.41
N ARG B 150 -29.53 -8.63 -30.14
CA ARG B 150 -29.36 -7.27 -29.63
C ARG B 150 -29.82 -6.22 -30.65
N LYS B 151 -29.61 -6.48 -31.94
CA LYS B 151 -29.98 -5.47 -32.94
C LYS B 151 -31.48 -5.31 -33.11
N LYS B 152 -32.30 -6.21 -32.58
CA LYS B 152 -33.73 -5.95 -32.53
C LYS B 152 -34.09 -4.79 -31.61
N LEU B 153 -33.20 -4.40 -30.69
CA LEU B 153 -33.47 -3.32 -29.75
C LEU B 153 -33.30 -1.96 -30.42
N PRO B 154 -34.26 -1.04 -30.28
CA PRO B 154 -34.17 0.26 -30.96
C PRO B 154 -32.89 1.03 -30.70
N THR B 155 -32.30 0.94 -29.50
CA THR B 155 -31.05 1.68 -29.23
C THR B 155 -29.95 1.31 -30.20
N MET B 156 -29.91 0.06 -30.66
CA MET B 156 -28.81 -0.39 -31.51
C MET B 156 -28.81 0.29 -32.89
N LYS B 157 -29.94 0.80 -33.36
CA LYS B 157 -29.90 1.60 -34.60
C LYS B 157 -29.13 2.89 -34.42
N TYR B 158 -28.99 3.38 -33.19
CA TYR B 158 -28.33 4.63 -32.93
C TYR B 158 -26.89 4.48 -32.48
N ALA B 159 -26.34 3.26 -32.45
CA ALA B 159 -25.03 3.03 -31.84
C ALA B 159 -23.97 4.01 -32.38
N ASP B 160 -23.82 4.07 -33.69
CA ASP B 160 -22.77 4.89 -34.28
C ASP B 160 -23.01 6.38 -34.01
N ASP B 161 -24.27 6.82 -34.05
CA ASP B 161 -24.55 8.22 -33.75
C ASP B 161 -24.29 8.54 -32.27
N ILE B 162 -24.52 7.58 -31.37
CA ILE B 162 -24.23 7.84 -29.97
C ILE B 162 -22.74 7.90 -29.72
N ILE B 163 -21.98 6.97 -30.31
CA ILE B 163 -20.54 7.00 -30.16
C ILE B 163 -19.99 8.34 -30.63
N GLN B 164 -20.41 8.76 -31.83
CA GLN B 164 -20.02 10.04 -32.38
C GLN B 164 -20.42 11.22 -31.49
N ALA B 165 -21.65 11.22 -30.97
CA ALA B 165 -22.08 12.31 -30.10
C ALA B 165 -21.30 12.32 -28.79
N VAL B 166 -20.97 11.14 -28.23
CA VAL B 166 -20.15 11.12 -27.02
C VAL B 166 -18.77 11.70 -27.31
N ARG B 167 -18.17 11.31 -28.44
CA ARG B 167 -16.85 11.85 -28.78
C ARG B 167 -16.88 13.38 -28.95
N GLU B 168 -17.97 13.94 -29.44
CA GLU B 168 -18.00 15.38 -29.68
C GLU B 168 -18.53 16.21 -28.52
N ASN B 169 -19.13 15.60 -27.51
CA ASN B 169 -19.74 16.36 -26.41
C ASN B 169 -19.38 15.77 -25.06
N GLN B 170 -19.24 16.64 -24.08
CA GLN B 170 -18.97 16.19 -22.73
C GLN B 170 -20.21 15.55 -22.13
N VAL B 171 -21.38 16.14 -22.40
CA VAL B 171 -22.67 15.69 -21.86
C VAL B 171 -23.66 15.47 -23.01
N ILE B 172 -24.27 14.28 -23.07
CA ILE B 172 -25.42 14.03 -23.93
C ILE B 172 -26.55 13.43 -23.09
N LEU B 173 -27.74 13.47 -23.66
CA LEU B 173 -28.97 13.00 -23.03
C LEU B 173 -29.63 11.99 -23.94
N ILE B 174 -29.96 10.81 -23.41
CA ILE B 174 -30.63 9.77 -24.18
C ILE B 174 -32.02 9.56 -23.56
N VAL B 175 -33.07 9.75 -24.34
CA VAL B 175 -34.46 9.72 -23.88
C VAL B 175 -35.17 8.54 -24.54
N GLY B 176 -35.74 7.66 -23.73
CA GLY B 176 -36.49 6.53 -24.26
C GLY B 176 -37.18 5.81 -23.14
N SER B 177 -38.13 4.96 -23.51
CA SER B 177 -38.95 4.25 -22.54
C SER B 177 -38.41 2.85 -22.34
N THR B 178 -38.75 2.27 -21.19
CA THR B 178 -38.32 0.91 -20.85
C THR B 178 -38.67 -0.02 -22.00
N GLY B 179 -37.74 -0.90 -22.34
CA GLY B 179 -37.85 -1.71 -23.53
C GLY B 179 -37.11 -1.16 -24.73
N CYS B 180 -36.72 0.13 -24.71
CA CYS B 180 -35.96 0.69 -25.83
C CYS B 180 -34.51 0.21 -25.84
N GLY B 181 -34.01 -0.30 -24.71
CA GLY B 181 -32.68 -0.89 -24.58
C GLY B 181 -31.54 0.03 -24.20
N LYS B 182 -31.81 1.30 -23.86
CA LYS B 182 -30.71 2.23 -23.57
C LYS B 182 -29.88 1.80 -22.37
N THR B 183 -30.54 1.24 -21.35
CA THR B 183 -29.81 0.92 -20.11
C THR B 183 -28.92 -0.31 -20.30
N THR B 184 -29.40 -1.31 -21.02
CA THR B 184 -28.58 -2.49 -21.25
C THR B 184 -27.57 -2.27 -22.39
N GLN B 185 -27.95 -1.52 -23.44
CA GLN B 185 -27.08 -1.42 -24.62
C GLN B 185 -26.08 -0.26 -24.65
N VAL B 186 -26.43 0.94 -24.16
CA VAL B 186 -25.49 2.08 -24.28
C VAL B 186 -24.14 1.79 -23.62
N PRO B 187 -24.06 1.31 -22.37
CA PRO B 187 -22.72 0.98 -21.81
C PRO B 187 -21.97 -0.01 -22.66
N GLN B 188 -22.66 -1.00 -23.20
CA GLN B 188 -22.01 -1.98 -24.06
C GLN B 188 -21.53 -1.34 -25.35
N ILE B 189 -22.35 -0.48 -25.94
CA ILE B 189 -21.93 0.24 -27.15
C ILE B 189 -20.61 0.97 -26.90
N LEU B 190 -20.52 1.72 -25.79
CA LEU B 190 -19.31 2.49 -25.56
C LEU B 190 -18.12 1.60 -25.22
N LEU B 191 -18.35 0.54 -24.44
CA LEU B 191 -17.23 -0.32 -24.08
C LEU B 191 -16.70 -1.06 -25.30
N ASP B 192 -17.60 -1.62 -26.11
CA ASP B 192 -17.13 -2.41 -27.23
C ASP B 192 -16.43 -1.54 -28.28
N ASP B 193 -16.83 -0.27 -28.37
CA ASP B 193 -16.13 0.65 -29.27
C ASP B 193 -14.72 0.96 -28.78
N ALA B 194 -14.55 1.21 -27.48
CA ALA B 194 -13.21 1.46 -26.95
C ALA B 194 -12.33 0.22 -27.11
N ILE B 195 -12.89 -0.96 -26.87
CA ILE B 195 -12.13 -2.19 -27.10
C ILE B 195 -11.80 -2.35 -28.58
N SER B 196 -12.78 -2.09 -29.45
CA SER B 196 -12.53 -2.25 -30.88
C SER B 196 -11.49 -1.26 -31.39
N ARG B 197 -11.49 -0.03 -30.88
CA ARG B 197 -10.53 0.97 -31.33
C ARG B 197 -9.15 0.79 -30.70
N GLY B 198 -8.94 -0.24 -29.89
CA GLY B 198 -7.67 -0.46 -29.23
C GLY B 198 -7.40 0.43 -28.02
N CYS B 199 -8.44 1.02 -27.43
CA CYS B 199 -8.38 1.88 -26.25
C CYS B 199 -8.85 1.23 -24.95
N ALA B 200 -9.04 -0.10 -24.91
CA ALA B 200 -9.82 -0.75 -23.85
C ALA B 200 -9.46 -0.30 -22.43
N SER B 201 -8.18 -0.20 -22.12
CA SER B 201 -7.90 0.00 -20.69
C SER B 201 -8.17 1.42 -20.25
N SER B 202 -8.38 2.35 -21.17
CA SER B 202 -8.80 3.68 -20.76
C SER B 202 -10.27 3.74 -20.39
N CYS B 203 -11.04 2.66 -20.58
CA CYS B 203 -12.49 2.71 -20.51
C CYS B 203 -12.99 2.14 -19.19
N ARG B 204 -13.52 3.00 -18.33
CA ARG B 204 -14.17 2.56 -17.10
C ARG B 204 -15.52 3.24 -16.97
N ILE B 205 -16.59 2.47 -17.10
CA ILE B 205 -17.94 3.02 -17.20
C ILE B 205 -18.69 2.72 -15.91
N ILE B 206 -19.28 3.75 -15.33
CA ILE B 206 -20.16 3.63 -14.18
C ILE B 206 -21.57 4.04 -14.60
N CYS B 207 -22.54 3.17 -14.36
CA CYS B 207 -23.94 3.48 -14.62
C CYS B 207 -24.70 3.46 -13.30
N THR B 208 -25.23 4.61 -12.90
CA THR B 208 -26.01 4.69 -11.68
C THR B 208 -27.44 4.29 -11.95
N GLN B 209 -28.06 3.69 -10.94
CA GLN B 209 -29.45 3.26 -10.90
C GLN B 209 -30.09 3.73 -9.60
N PRO B 210 -31.39 4.05 -9.64
CA PRO B 210 -32.07 4.44 -8.40
C PRO B 210 -32.26 3.28 -7.43
N ARG B 211 -32.39 2.05 -7.91
CA ARG B 211 -32.87 0.99 -7.05
C ARG B 211 -31.91 -0.18 -7.03
N ARG B 212 -31.73 -0.74 -5.83
CA ARG B 212 -30.80 -1.83 -5.60
C ARG B 212 -31.13 -3.01 -6.51
N ILE B 213 -32.41 -3.40 -6.57
CA ILE B 213 -32.74 -4.60 -7.33
C ILE B 213 -32.41 -4.40 -8.80
N SER B 214 -32.60 -3.17 -9.31
CA SER B 214 -32.31 -2.87 -10.72
C SER B 214 -30.82 -2.97 -11.02
N ALA B 215 -29.97 -2.44 -10.12
CA ALA B 215 -28.54 -2.52 -10.32
C ALA B 215 -28.09 -3.97 -10.47
N ILE B 216 -28.58 -4.86 -9.61
CA ILE B 216 -28.21 -6.27 -9.70
C ILE B 216 -28.78 -6.89 -10.97
N ALA B 217 -30.10 -6.75 -11.17
CA ALA B 217 -30.76 -7.44 -12.27
C ALA B 217 -30.21 -7.01 -13.62
N ILE B 218 -29.93 -5.71 -13.79
CA ILE B 218 -29.37 -5.22 -15.05
C ILE B 218 -27.94 -5.72 -15.24
N ALA B 219 -27.12 -5.69 -14.20
CA ALA B 219 -25.75 -6.20 -14.32
C ALA B 219 -25.75 -7.68 -14.70
N GLU B 220 -26.63 -8.46 -14.08
CA GLU B 220 -26.73 -9.87 -14.43
C GLU B 220 -27.20 -10.04 -15.87
N TRP B 221 -28.10 -9.17 -16.32
CA TRP B 221 -28.63 -9.27 -17.68
C TRP B 221 -27.55 -9.03 -18.72
N VAL B 222 -26.86 -7.91 -18.59
CA VAL B 222 -25.79 -7.56 -19.51
C VAL B 222 -24.66 -8.58 -19.44
N SER B 223 -24.35 -9.06 -18.25
CA SER B 223 -23.28 -10.06 -18.14
C SER B 223 -23.64 -11.32 -18.90
N TYR B 224 -24.87 -11.80 -18.75
CA TYR B 224 -25.35 -12.93 -19.53
C TYR B 224 -25.32 -12.64 -21.02
N GLU B 225 -25.73 -11.44 -21.41
CA GLU B 225 -25.75 -11.07 -22.83
C GLU B 225 -24.35 -11.12 -23.43
N ARG B 226 -23.33 -10.95 -22.59
CA ARG B 226 -21.95 -10.94 -23.02
C ARG B 226 -21.29 -12.30 -22.88
N CYS B 227 -22.06 -13.33 -22.51
CA CYS B 227 -21.55 -14.70 -22.32
C CYS B 227 -20.49 -14.76 -21.23
N GLU B 228 -20.70 -13.99 -20.16
CA GLU B 228 -19.75 -13.92 -19.07
C GLU B 228 -20.51 -14.06 -17.75
N SER B 229 -19.86 -14.70 -16.78
CA SER B 229 -20.34 -14.61 -15.42
C SER B 229 -20.06 -13.20 -14.87
N LEU B 230 -20.93 -12.76 -13.96
CA LEU B 230 -20.77 -11.48 -13.30
C LEU B 230 -19.37 -11.32 -12.73
N GLY B 231 -18.79 -10.13 -12.88
CA GLY B 231 -17.48 -9.85 -12.32
C GLY B 231 -16.35 -9.80 -13.34
N ASN B 232 -16.64 -9.95 -14.64
CA ASN B 232 -15.55 -9.78 -15.59
C ASN B 232 -15.63 -8.42 -16.25
N SER B 233 -16.35 -8.30 -17.36
CA SER B 233 -16.49 -6.99 -17.98
C SER B 233 -17.65 -6.21 -17.40
N VAL B 234 -18.56 -6.87 -16.67
CA VAL B 234 -19.71 -6.24 -16.01
C VAL B 234 -19.71 -6.56 -14.53
N GLY B 235 -20.07 -5.57 -13.71
CA GLY B 235 -20.18 -5.73 -12.27
C GLY B 235 -21.32 -4.87 -11.74
N TYR B 236 -21.60 -5.03 -10.44
CA TYR B 236 -22.50 -4.13 -9.76
C TYR B 236 -21.97 -3.85 -8.35
N GLN B 237 -22.30 -2.67 -7.83
CA GLN B 237 -21.98 -2.36 -6.44
C GLN B 237 -23.17 -1.64 -5.84
N ILE B 238 -23.72 -2.19 -4.76
CA ILE B 238 -24.72 -1.49 -3.98
C ILE B 238 -24.24 -1.52 -2.53
N ARG B 239 -25.01 -0.91 -1.63
CA ARG B 239 -24.56 -0.85 -0.26
C ARG B 239 -24.37 -2.26 0.29
N LEU B 240 -23.16 -2.54 0.78
CA LEU B 240 -22.83 -3.80 1.44
C LEU B 240 -23.02 -5.00 0.55
N GLU B 241 -23.06 -4.83 -0.76
CA GLU B 241 -23.00 -6.02 -1.61
C GLU B 241 -22.40 -5.63 -2.94
N SER B 242 -21.48 -6.46 -3.43
CA SER B 242 -20.91 -6.14 -4.72
C SER B 242 -20.46 -7.41 -5.40
N ARG B 243 -20.55 -7.41 -6.73
CA ARG B 243 -19.69 -8.26 -7.54
C ARG B 243 -18.97 -7.31 -8.48
N LYS B 244 -17.72 -7.03 -8.14
CA LYS B 244 -17.04 -5.95 -8.83
C LYS B 244 -16.52 -6.44 -10.16
N ALA B 245 -16.65 -5.58 -11.16
CA ALA B 245 -16.09 -5.87 -12.46
C ALA B 245 -14.58 -5.78 -12.38
N ARG B 246 -13.90 -6.29 -13.41
CA ARG B 246 -12.47 -6.04 -13.51
C ARG B 246 -12.21 -4.54 -13.61
N GLU B 247 -10.97 -4.13 -13.30
CA GLU B 247 -10.71 -2.71 -13.09
C GLU B 247 -10.91 -1.89 -14.36
N ARG B 248 -10.46 -2.40 -15.50
CA ARG B 248 -10.47 -1.66 -16.76
C ARG B 248 -11.33 -2.35 -17.81
N ALA B 249 -11.78 -1.56 -18.78
CA ALA B 249 -12.64 -2.08 -19.83
C ALA B 249 -13.84 -2.79 -19.19
N SER B 250 -14.62 -2.01 -18.44
CA SER B 250 -15.63 -2.63 -17.61
C SER B 250 -16.80 -1.68 -17.42
N ILE B 251 -17.95 -2.27 -17.11
CA ILE B 251 -19.17 -1.54 -16.79
C ILE B 251 -19.61 -1.94 -15.39
N THR B 252 -19.79 -0.95 -14.51
CA THR B 252 -20.32 -1.21 -13.18
C THR B 252 -21.64 -0.47 -13.03
N TYR B 253 -22.70 -1.21 -12.69
CA TYR B 253 -23.98 -0.63 -12.29
C TYR B 253 -23.98 -0.45 -10.77
N CYS B 254 -24.34 0.73 -10.30
CA CYS B 254 -24.37 0.99 -8.87
C CYS B 254 -25.60 1.82 -8.54
N THR B 255 -26.02 1.75 -7.28
CA THR B 255 -27.01 2.71 -6.83
C THR B 255 -26.36 4.10 -6.81
N THR B 256 -27.18 5.13 -7.06
CA THR B 256 -26.68 6.50 -7.13
C THR B 256 -25.98 6.90 -5.85
N GLY B 257 -26.51 6.45 -4.70
CA GLY B 257 -25.88 6.76 -3.40
C GLY B 257 -24.48 6.20 -3.24
N VAL B 258 -24.18 5.04 -3.83
CA VAL B 258 -22.80 4.53 -3.79
C VAL B 258 -21.85 5.53 -4.44
N LEU B 259 -22.18 6.02 -5.63
CA LEU B 259 -21.28 6.96 -6.30
C LEU B 259 -21.15 8.24 -5.47
N LEU B 260 -22.26 8.72 -4.90
CA LEU B 260 -22.20 9.92 -4.06
C LEU B 260 -21.28 9.72 -2.86
N GLN B 261 -21.39 8.57 -2.18
CA GLN B 261 -20.49 8.28 -1.08
C GLN B 261 -19.04 8.25 -1.55
N GLN B 262 -18.80 7.69 -2.74
CA GLN B 262 -17.42 7.59 -3.23
C GLN B 262 -16.82 8.96 -3.57
N LEU B 263 -17.65 9.98 -3.78
CA LEU B 263 -17.12 11.32 -4.01
C LEU B 263 -16.25 11.82 -2.84
N GLN B 264 -16.45 11.30 -1.63
CA GLN B 264 -15.63 11.78 -0.51
C GLN B 264 -14.15 11.47 -0.74
N SER B 265 -13.84 10.33 -1.34
CA SER B 265 -12.48 9.98 -1.74
C SER B 265 -12.09 10.47 -3.12
N ASP B 266 -13.02 10.67 -4.04
CA ASP B 266 -12.68 11.03 -5.42
C ASP B 266 -13.67 12.12 -5.85
N PRO B 267 -13.56 13.31 -5.25
CA PRO B 267 -14.61 14.32 -5.43
C PRO B 267 -14.72 14.82 -6.86
N LEU B 268 -13.64 14.74 -7.63
CA LEU B 268 -13.70 15.15 -9.03
C LEU B 268 -13.85 13.99 -10.00
N MET B 269 -14.13 12.78 -9.51
CA MET B 269 -14.49 11.65 -10.38
C MET B 269 -13.35 11.30 -11.33
N HIS B 270 -12.11 11.28 -10.84
CA HIS B 270 -10.99 10.91 -11.70
C HIS B 270 -10.92 9.41 -11.98
N ASN B 271 -11.65 8.58 -11.24
CA ASN B 271 -11.50 7.14 -11.31
C ASN B 271 -12.50 6.48 -12.27
N LEU B 272 -13.19 7.27 -13.08
CA LEU B 272 -14.05 6.73 -14.12
C LEU B 272 -13.86 7.56 -15.38
N SER B 273 -14.00 6.91 -16.54
CA SER B 273 -13.99 7.62 -17.83
C SER B 273 -15.38 8.02 -18.32
N VAL B 274 -16.43 7.26 -17.97
CA VAL B 274 -17.78 7.55 -18.45
C VAL B 274 -18.76 7.38 -17.29
N LEU B 275 -19.58 8.40 -17.06
CA LEU B 275 -20.63 8.38 -16.05
C LEU B 275 -21.99 8.38 -16.75
N ILE B 276 -22.82 7.39 -16.41
CA ILE B 276 -24.15 7.28 -16.98
C ILE B 276 -25.14 7.35 -15.83
N LEU B 277 -25.95 8.42 -15.80
CA LEU B 277 -27.01 8.58 -14.81
C LEU B 277 -28.34 8.15 -15.43
N ASP B 278 -28.99 7.15 -14.83
CA ASP B 278 -30.20 6.57 -15.37
C ASP B 278 -31.40 7.02 -14.52
N GLU B 279 -32.56 7.07 -15.17
CA GLU B 279 -33.84 7.36 -14.50
C GLU B 279 -33.84 8.73 -13.83
N ILE B 280 -33.16 9.71 -14.41
CA ILE B 280 -33.13 11.03 -13.79
C ILE B 280 -34.48 11.72 -13.80
N HIS B 281 -35.39 11.35 -14.71
CA HIS B 281 -36.73 11.93 -14.74
C HIS B 281 -37.50 11.69 -13.44
N GLU B 282 -37.08 10.70 -12.64
CA GLU B 282 -37.74 10.40 -11.37
C GLU B 282 -37.43 11.45 -10.31
N ARG B 283 -36.42 12.27 -10.51
CA ARG B 283 -36.03 13.34 -9.59
C ARG B 283 -35.81 12.83 -8.16
N SER B 284 -35.04 11.75 -8.04
CA SER B 284 -34.57 11.39 -6.72
C SER B 284 -33.62 12.46 -6.24
N VAL B 285 -33.51 12.59 -4.91
CA VAL B 285 -32.54 13.51 -4.30
C VAL B 285 -31.15 13.25 -4.86
N GLU B 286 -30.78 11.97 -4.97
CA GLU B 286 -29.42 11.60 -5.33
C GLU B 286 -29.06 12.06 -6.75
N THR B 287 -29.92 11.76 -7.73
CA THR B 287 -29.57 12.17 -9.08
C THR B 287 -29.68 13.68 -9.22
N ASP B 288 -30.64 14.30 -8.54
CA ASP B 288 -30.68 15.77 -8.57
C ASP B 288 -29.38 16.34 -8.01
N LEU B 289 -28.90 15.76 -6.90
CA LEU B 289 -27.66 16.27 -6.32
C LEU B 289 -26.49 16.01 -7.24
N LEU B 290 -26.41 14.80 -7.82
CA LEU B 290 -25.31 14.46 -8.71
C LEU B 290 -25.22 15.45 -9.87
N MET B 291 -26.37 15.83 -10.45
CA MET B 291 -26.32 16.73 -11.59
C MET B 291 -25.87 18.13 -11.19
N GLY B 292 -26.30 18.62 -10.02
CA GLY B 292 -25.74 19.85 -9.49
C GLY B 292 -24.25 19.73 -9.21
N LEU B 293 -23.80 18.58 -8.73
CA LEU B 293 -22.36 18.42 -8.49
C LEU B 293 -21.58 18.35 -9.80
N LEU B 294 -22.19 17.82 -10.86
CA LEU B 294 -21.50 17.81 -12.15
C LEU B 294 -21.25 19.22 -12.66
N LYS B 295 -22.13 20.19 -12.31
CA LYS B 295 -21.86 21.56 -12.75
C LYS B 295 -20.58 22.09 -12.12
N VAL B 296 -20.25 21.63 -10.91
CA VAL B 296 -19.03 22.01 -10.21
C VAL B 296 -17.83 21.21 -10.73
N ILE B 297 -18.05 19.94 -11.05
CA ILE B 297 -16.95 19.04 -11.40
C ILE B 297 -16.51 19.23 -12.86
N LEU B 298 -17.45 19.24 -13.79
CA LEU B 298 -17.10 19.17 -15.21
C LEU B 298 -16.15 20.25 -15.69
N PRO B 299 -16.24 21.51 -15.23
CA PRO B 299 -15.21 22.48 -15.61
C PRO B 299 -13.79 22.06 -15.27
N HIS B 300 -13.60 21.19 -14.30
CA HIS B 300 -12.27 20.70 -13.95
C HIS B 300 -11.94 19.34 -14.56
N ARG B 301 -12.83 18.74 -15.34
CA ARG B 301 -12.62 17.40 -15.91
C ARG B 301 -12.99 17.44 -17.39
N PRO B 302 -12.16 18.08 -18.23
CA PRO B 302 -12.53 18.23 -19.66
C PRO B 302 -12.75 16.89 -20.35
N ASP B 303 -12.01 15.85 -19.95
CA ASP B 303 -12.06 14.56 -20.63
C ASP B 303 -13.13 13.62 -20.10
N LEU B 304 -13.84 13.98 -19.04
CA LEU B 304 -14.88 13.09 -18.53
C LEU B 304 -16.09 13.13 -19.46
N LYS B 305 -16.70 11.97 -19.67
CA LYS B 305 -17.92 11.84 -20.46
C LYS B 305 -19.10 11.57 -19.55
N VAL B 306 -20.22 12.27 -19.79
CA VAL B 306 -21.45 12.09 -19.04
C VAL B 306 -22.59 11.82 -20.02
N ILE B 307 -23.32 10.74 -19.75
CA ILE B 307 -24.52 10.39 -20.49
C ILE B 307 -25.69 10.38 -19.52
N LEU B 308 -26.61 11.32 -19.71
CA LEU B 308 -27.85 11.37 -18.94
C LEU B 308 -28.90 10.55 -19.66
N MET B 309 -29.67 9.80 -18.89
CA MET B 309 -30.70 8.94 -19.46
C MET B 309 -32.00 9.15 -18.71
N SER B 310 -33.07 9.32 -19.45
CA SER B 310 -34.37 9.73 -18.91
C SER B 310 -35.45 8.99 -19.65
N ALA B 311 -36.58 8.75 -18.98
CA ALA B 311 -37.82 8.41 -19.66
C ALA B 311 -38.38 9.68 -20.31
N THR B 312 -39.51 9.58 -21.04
CA THR B 312 -40.03 10.82 -21.66
C THR B 312 -40.95 11.46 -20.62
N VAL B 313 -40.32 12.16 -19.68
CA VAL B 313 -41.01 12.86 -18.60
C VAL B 313 -40.24 14.14 -18.33
N ARG B 314 -40.78 15.27 -18.79
CA ARG B 314 -40.07 16.54 -18.75
C ARG B 314 -38.60 16.36 -19.12
N GLU B 315 -38.31 15.56 -20.15
CA GLU B 315 -36.94 15.35 -20.57
C GLU B 315 -36.24 16.68 -20.88
N GLN B 316 -37.00 17.70 -21.32
CA GLN B 316 -36.36 18.94 -21.72
C GLN B 316 -35.74 19.68 -20.53
N ASP B 317 -36.19 19.39 -19.29
CA ASP B 317 -35.56 19.98 -18.11
C ASP B 317 -34.06 19.68 -18.05
N PHE B 318 -33.68 18.44 -18.35
CA PHE B 318 -32.27 18.04 -18.25
C PHE B 318 -31.47 18.55 -19.42
N CYS B 319 -32.06 18.58 -20.62
CA CYS B 319 -31.43 19.21 -21.77
C CYS B 319 -31.15 20.69 -21.50
N ASP B 320 -32.16 21.42 -20.99
CA ASP B 320 -31.97 22.83 -20.64
C ASP B 320 -30.93 23.01 -19.53
N TYR B 321 -30.94 22.13 -18.53
CA TYR B 321 -30.05 22.31 -17.38
C TYR B 321 -28.59 22.18 -17.79
N PHE B 322 -28.31 21.33 -18.78
CA PHE B 322 -26.97 21.15 -19.33
C PHE B 322 -26.73 21.98 -20.60
N ASN B 323 -27.39 23.12 -20.72
CA ASN B 323 -27.08 24.08 -21.78
C ASN B 323 -27.33 23.51 -23.18
N ASN B 324 -28.54 22.92 -23.36
CA ASN B 324 -28.99 22.43 -24.68
C ASN B 324 -28.05 21.38 -25.26
N CYS B 325 -27.62 20.43 -24.42
CA CYS B 325 -26.80 19.32 -24.87
C CYS B 325 -27.57 18.46 -25.88
N PRO B 326 -26.87 17.65 -26.68
CA PRO B 326 -27.57 16.77 -27.64
C PRO B 326 -28.55 15.85 -26.93
N MET B 327 -29.68 15.59 -27.58
CA MET B 327 -30.70 14.75 -26.97
C MET B 327 -31.10 13.69 -27.98
N PHE B 328 -30.87 12.43 -27.64
CA PHE B 328 -31.33 11.33 -28.45
C PHE B 328 -32.71 10.92 -27.98
N ARG B 329 -33.67 10.88 -28.90
CA ARG B 329 -34.98 10.33 -28.59
C ARG B 329 -35.02 8.95 -29.21
N ILE B 330 -35.07 7.94 -28.37
CA ILE B 330 -35.01 6.57 -28.85
C ILE B 330 -36.40 6.02 -28.67
N GLU B 331 -37.03 5.75 -29.79
CA GLU B 331 -38.38 5.23 -29.85
C GLU B 331 -38.38 3.80 -29.36
N GLY B 332 -39.55 3.32 -29.06
CA GLY B 332 -39.71 1.93 -28.73
C GLY B 332 -40.14 1.73 -27.31
N VAL B 333 -40.83 0.63 -27.10
CA VAL B 333 -41.50 0.35 -25.86
C VAL B 333 -41.67 -1.16 -25.90
N MET B 334 -42.27 -1.73 -24.88
CA MET B 334 -42.68 -3.13 -24.91
C MET B 334 -44.02 -3.20 -25.65
N PHE B 335 -44.81 -4.23 -25.41
CA PHE B 335 -46.08 -4.34 -26.13
C PHE B 335 -46.95 -3.10 -25.92
N PRO B 336 -47.73 -2.74 -26.93
CA PRO B 336 -48.65 -1.59 -26.80
C PRO B 336 -49.67 -1.79 -25.69
N VAL B 337 -50.03 -0.68 -25.04
CA VAL B 337 -51.07 -0.70 -24.02
C VAL B 337 -52.11 0.36 -24.35
N LYS B 338 -53.35 -0.08 -24.54
CA LYS B 338 -54.44 0.84 -24.82
C LYS B 338 -54.86 1.56 -23.54
N MET B 339 -55.14 2.86 -23.65
CA MET B 339 -55.56 3.72 -22.54
C MET B 339 -57.05 4.00 -22.61
N LEU B 340 -57.78 3.59 -21.58
CA LEU B 340 -59.17 4.00 -21.39
C LEU B 340 -59.25 4.94 -20.19
N TYR B 341 -60.21 5.87 -20.26
CA TYR B 341 -60.51 6.78 -19.17
C TYR B 341 -61.90 6.49 -18.62
N LEU B 342 -62.28 7.26 -17.59
CA LEU B 342 -63.47 6.91 -16.86
C LEU B 342 -64.68 6.86 -17.78
N GLU B 343 -64.78 7.81 -18.71
CA GLU B 343 -65.86 7.79 -19.70
C GLU B 343 -65.85 6.49 -20.50
N ASP B 344 -64.67 6.01 -20.91
CA ASP B 344 -64.64 4.77 -21.66
C ASP B 344 -64.97 3.55 -20.79
N VAL B 345 -64.53 3.56 -19.52
CA VAL B 345 -64.84 2.46 -18.60
C VAL B 345 -66.35 2.34 -18.39
N LEU B 346 -67.01 3.46 -18.10
CA LEU B 346 -68.45 3.41 -17.86
C LEU B 346 -69.23 3.05 -19.12
N SER B 347 -68.77 3.53 -20.27
CA SER B 347 -69.42 3.15 -21.52
C SER B 347 -69.37 1.64 -21.75
N LYS B 348 -68.41 0.95 -21.15
CA LYS B 348 -68.35 -0.52 -21.25
C LYS B 348 -69.14 -1.23 -20.13
N THR B 349 -68.85 -0.93 -18.86
CA THR B 349 -69.44 -1.69 -17.77
C THR B 349 -70.87 -1.27 -17.38
N ASN B 350 -71.26 -0.02 -17.68
CA ASN B 350 -72.56 0.52 -17.30
C ASN B 350 -72.82 0.45 -15.81
N TYR B 351 -71.76 0.46 -14.99
CA TYR B 351 -71.94 0.42 -13.55
C TYR B 351 -72.75 1.64 -13.09
N GLU B 352 -73.58 1.45 -12.08
CA GLU B 352 -74.40 2.52 -11.56
C GLU B 352 -73.95 2.86 -10.13
N PHE B 353 -73.80 4.14 -9.85
CA PHE B 353 -73.38 4.58 -8.54
C PHE B 353 -74.58 4.83 -7.63
N GLN B 354 -74.44 4.44 -6.37
CA GLN B 354 -75.47 4.73 -5.38
C GLN B 354 -74.90 4.59 -3.98
N PRO B 365 -69.00 17.50 2.70
CA PRO B 365 -67.86 18.12 2.02
C PRO B 365 -68.31 19.37 1.25
N PRO B 366 -67.87 20.55 1.69
CA PRO B 366 -68.69 21.76 1.50
C PRO B 366 -68.93 22.19 0.06
N GLU B 367 -67.87 22.43 -0.71
CA GLU B 367 -67.96 22.92 -2.07
C GLU B 367 -67.68 21.84 -3.12
N ARG B 368 -67.55 20.60 -2.68
CA ARG B 368 -67.00 19.55 -3.54
C ARG B 368 -67.73 19.45 -4.88
N ARG B 369 -69.06 19.36 -4.86
CA ARG B 369 -69.80 19.22 -6.10
C ARG B 369 -69.57 20.41 -7.02
N MET B 370 -69.58 21.62 -6.45
CA MET B 370 -69.37 22.81 -7.28
C MET B 370 -68.00 22.78 -7.94
N LYS B 371 -66.96 22.43 -7.18
CA LYS B 371 -65.62 22.38 -7.75
C LYS B 371 -65.50 21.28 -8.80
N HIS B 372 -66.01 20.09 -8.49
CA HIS B 372 -65.98 19.02 -9.48
C HIS B 372 -66.62 19.45 -10.79
N GLU B 373 -67.72 20.17 -10.70
CA GLU B 373 -68.48 20.46 -11.89
C GLU B 373 -67.77 21.55 -12.70
N ALA B 374 -67.11 22.50 -12.01
CA ALA B 374 -66.29 23.46 -12.72
C ALA B 374 -65.11 22.78 -13.42
N MET B 375 -64.69 21.62 -12.90
CA MET B 375 -63.57 20.93 -13.53
C MET B 375 -64.01 20.20 -14.79
N ILE B 376 -65.07 19.40 -14.68
CA ILE B 376 -65.44 18.46 -15.73
C ILE B 376 -66.40 19.02 -16.79
N GLU B 377 -67.16 20.05 -16.46
CA GLU B 377 -68.28 20.41 -17.31
C GLU B 377 -67.86 20.97 -18.68
N PRO B 378 -66.84 21.84 -18.78
CA PRO B 378 -66.38 22.22 -20.14
C PRO B 378 -66.04 21.01 -21.00
N TYR B 379 -65.38 20.02 -20.41
CA TYR B 379 -65.02 18.81 -21.14
C TYR B 379 -66.26 18.03 -21.60
N LEU B 380 -67.24 17.84 -20.70
CA LEU B 380 -68.44 17.09 -21.05
C LEU B 380 -69.22 17.76 -22.17
N ARG B 381 -69.19 19.08 -22.20
CA ARG B 381 -69.77 19.83 -23.30
C ARG B 381 -69.14 19.43 -24.64
N ARG B 382 -67.80 19.36 -24.69
CA ARG B 382 -67.09 19.06 -25.93
C ARG B 382 -67.29 17.63 -26.42
N ILE B 383 -67.49 16.66 -25.53
CA ILE B 383 -67.60 15.23 -25.88
C ILE B 383 -69.05 14.75 -25.96
N ARG B 384 -70.02 15.68 -25.98
CA ARG B 384 -71.45 15.36 -25.90
C ARG B 384 -71.91 14.29 -26.89
N ASN B 385 -71.31 14.24 -28.09
CA ASN B 385 -71.72 13.27 -29.09
C ASN B 385 -70.92 11.97 -29.06
N SER B 386 -69.84 11.89 -28.30
CA SER B 386 -68.99 10.71 -28.34
C SER B 386 -69.37 9.64 -27.33
N TYR B 387 -70.26 9.97 -26.40
CA TYR B 387 -70.71 9.03 -25.39
C TYR B 387 -72.19 9.21 -25.15
N ASP B 388 -72.80 8.17 -24.61
CA ASP B 388 -74.19 8.20 -24.19
C ASP B 388 -74.37 9.25 -23.10
N SER B 389 -75.50 9.94 -23.13
CA SER B 389 -75.76 11.00 -22.16
C SER B 389 -75.75 10.47 -20.72
N ARG B 390 -76.08 9.19 -20.52
CA ARG B 390 -76.04 8.60 -19.17
C ARG B 390 -74.60 8.39 -18.70
N VAL B 391 -73.68 8.11 -19.61
CA VAL B 391 -72.27 8.05 -19.25
C VAL B 391 -71.79 9.40 -18.72
N LEU B 392 -72.04 10.46 -19.48
CA LEU B 392 -71.61 11.79 -19.09
C LEU B 392 -72.22 12.22 -17.76
N ASP B 393 -73.50 11.90 -17.52
CA ASP B 393 -74.09 12.24 -16.23
C ASP B 393 -73.39 11.55 -15.07
N LYS B 394 -72.89 10.31 -15.27
CA LYS B 394 -72.16 9.72 -14.15
C LYS B 394 -70.85 10.44 -13.92
N LEU B 395 -70.25 10.98 -14.99
CA LEU B 395 -69.01 11.72 -14.79
C LEU B 395 -69.25 12.99 -13.99
N ARG B 396 -70.49 13.49 -13.96
CA ARG B 396 -70.83 14.60 -13.08
C ARG B 396 -70.86 14.20 -11.61
N LEU B 397 -70.87 12.90 -11.32
CA LEU B 397 -70.79 12.46 -9.93
C LEU B 397 -69.35 12.59 -9.45
N PRO B 398 -69.09 13.38 -8.40
CA PRO B 398 -67.73 13.43 -7.87
C PRO B 398 -67.21 12.06 -7.44
N GLU B 399 -68.11 11.14 -7.07
CA GLU B 399 -67.63 9.84 -6.60
C GLU B 399 -67.41 8.84 -7.73
N SER B 400 -67.59 9.23 -8.98
CA SER B 400 -67.25 8.34 -10.09
C SER B 400 -65.74 8.23 -10.34
N GLU B 401 -64.93 9.19 -9.88
CA GLU B 401 -63.50 9.21 -10.15
C GLU B 401 -62.69 8.82 -8.91
N GLY B 402 -61.52 8.23 -9.16
CA GLY B 402 -60.69 7.83 -8.05
C GLY B 402 -61.04 6.46 -7.50
N CYS B 403 -60.86 6.26 -6.21
CA CYS B 403 -61.24 4.99 -5.55
C CYS B 403 -62.41 5.12 -4.58
N GLU B 404 -63.19 6.22 -4.62
CA GLU B 404 -64.21 6.42 -3.60
C GLU B 404 -65.22 5.29 -3.52
N ASP B 405 -65.60 4.71 -4.67
CA ASP B 405 -66.56 3.60 -4.69
C ASP B 405 -65.80 2.33 -5.02
N ILE B 406 -65.59 1.49 -4.01
CA ILE B 406 -64.78 0.30 -4.20
C ILE B 406 -65.55 -0.77 -4.96
N ASP B 407 -66.88 -0.78 -4.82
CA ASP B 407 -67.68 -1.73 -5.60
C ASP B 407 -67.61 -1.44 -7.09
N PHE B 408 -67.44 -0.17 -7.49
CA PHE B 408 -67.18 0.16 -8.90
C PHE B 408 -65.91 -0.52 -9.39
N ILE B 409 -64.85 -0.48 -8.60
CA ILE B 409 -63.59 -1.13 -8.97
C ILE B 409 -63.78 -2.64 -9.04
N ALA B 410 -64.47 -3.22 -8.04
CA ALA B 410 -64.75 -4.65 -8.09
C ALA B 410 -65.52 -5.01 -9.36
N ASP B 411 -66.49 -4.19 -9.74
CA ASP B 411 -67.27 -4.53 -10.92
C ASP B 411 -66.41 -4.43 -12.19
N LEU B 412 -65.45 -3.50 -12.24
CA LEU B 412 -64.51 -3.45 -13.35
C LEU B 412 -63.62 -4.70 -13.38
N VAL B 413 -63.23 -5.21 -12.21
CA VAL B 413 -62.48 -6.47 -12.16
C VAL B 413 -63.30 -7.59 -12.78
N TYR B 414 -64.55 -7.74 -12.33
CA TYR B 414 -65.41 -8.79 -12.87
C TYR B 414 -65.59 -8.62 -14.38
N TYR B 415 -65.73 -7.38 -14.84
CA TYR B 415 -65.87 -7.13 -16.27
C TYR B 415 -64.69 -7.69 -17.04
N ILE B 416 -63.46 -7.44 -16.54
CA ILE B 416 -62.27 -7.93 -17.24
C ILE B 416 -62.23 -9.46 -17.20
N CYS B 417 -62.61 -10.06 -16.06
CA CYS B 417 -62.61 -11.52 -15.96
C CYS B 417 -63.51 -12.15 -17.01
N GLU B 418 -64.65 -11.49 -17.30
CA GLU B 418 -65.65 -11.99 -18.25
C GLU B 418 -65.32 -11.73 -19.72
N ASN B 419 -64.91 -10.51 -20.06
CA ASN B 419 -64.74 -10.12 -21.46
C ASN B 419 -63.31 -10.07 -22.02
N GLU B 420 -62.26 -10.28 -21.22
CA GLU B 420 -60.93 -10.09 -21.78
C GLU B 420 -60.08 -11.35 -21.78
N PRO B 421 -59.07 -11.42 -22.67
CA PRO B 421 -58.18 -12.59 -22.71
C PRO B 421 -57.43 -12.75 -21.40
N GLU B 422 -56.85 -13.93 -21.24
CA GLU B 422 -56.06 -14.25 -20.07
C GLU B 422 -54.99 -13.18 -19.82
N GLY B 423 -54.86 -12.83 -18.55
CA GLY B 423 -53.76 -11.98 -18.10
C GLY B 423 -54.05 -11.48 -16.71
N ALA B 424 -53.04 -11.05 -15.97
CA ALA B 424 -53.28 -10.61 -14.60
C ALA B 424 -53.83 -9.19 -14.57
N ILE B 425 -54.57 -8.88 -13.51
CA ILE B 425 -55.09 -7.54 -13.26
C ILE B 425 -54.28 -6.93 -12.14
N LEU B 426 -53.80 -5.71 -12.33
CA LEU B 426 -53.04 -5.01 -11.30
C LEU B 426 -53.82 -3.75 -10.96
N VAL B 427 -54.29 -3.68 -9.71
CA VAL B 427 -55.15 -2.59 -9.26
C VAL B 427 -54.34 -1.67 -8.36
N PHE B 428 -54.17 -0.43 -8.78
CA PHE B 428 -53.44 0.58 -8.03
C PHE B 428 -54.42 1.34 -7.14
N LEU B 429 -54.27 1.17 -5.84
CA LEU B 429 -55.04 1.87 -4.82
C LEU B 429 -54.10 2.68 -3.93
N PRO B 430 -54.60 3.70 -3.24
CA PRO B 430 -53.71 4.60 -2.46
C PRO B 430 -52.95 3.91 -1.34
N GLY B 431 -53.64 3.11 -0.53
CA GLY B 431 -53.02 2.63 0.68
C GLY B 431 -53.63 1.37 1.27
N TYR B 432 -53.09 1.02 2.44
CA TYR B 432 -53.47 -0.19 3.16
C TYR B 432 -54.99 -0.33 3.29
N ASP B 433 -55.65 0.74 3.73
CA ASP B 433 -57.07 0.70 4.01
C ASP B 433 -57.90 0.35 2.77
N LYS B 434 -57.60 0.98 1.63
CA LYS B 434 -58.43 0.69 0.45
C LYS B 434 -58.06 -0.63 -0.20
N ILE B 435 -56.80 -1.07 -0.05
CA ILE B 435 -56.46 -2.43 -0.44
C ILE B 435 -57.30 -3.43 0.34
N SER B 436 -57.38 -3.23 1.65
CA SER B 436 -58.14 -4.14 2.51
C SER B 436 -59.61 -4.17 2.12
N GLN B 437 -60.17 -3.02 1.78
CA GLN B 437 -61.58 -2.97 1.39
C GLN B 437 -61.83 -3.75 0.10
N LEU B 438 -60.99 -3.54 -0.92
CA LEU B 438 -61.21 -4.26 -2.17
C LEU B 438 -60.93 -5.75 -1.99
N TYR B 439 -59.91 -6.08 -1.20
CA TYR B 439 -59.65 -7.49 -0.94
C TYR B 439 -60.89 -8.19 -0.36
N ASN B 440 -61.51 -7.56 0.66
CA ASN B 440 -62.65 -8.20 1.31
C ASN B 440 -63.85 -8.30 0.38
N ILE B 441 -64.07 -7.28 -0.45
CA ILE B 441 -65.16 -7.33 -1.41
C ILE B 441 -64.96 -8.50 -2.37
N LEU B 442 -63.73 -8.71 -2.83
CA LEU B 442 -63.52 -9.80 -3.77
C LEU B 442 -63.49 -11.15 -3.09
N ASP B 443 -63.04 -11.22 -1.84
CA ASP B 443 -62.92 -12.50 -1.14
C ASP B 443 -64.25 -12.95 -0.54
N LYS B 444 -65.06 -12.03 -0.06
CA LYS B 444 -66.37 -12.34 0.52
C LYS B 444 -67.40 -11.44 -0.14
N PRO B 445 -67.78 -11.73 -1.39
CA PRO B 445 -68.65 -10.82 -2.13
C PRO B 445 -70.10 -10.86 -1.65
N LYS B 446 -70.71 -9.69 -1.60
CA LYS B 446 -72.16 -9.58 -1.41
C LYS B 446 -72.95 -9.66 -2.71
N THR B 447 -72.34 -9.33 -3.85
CA THR B 447 -73.04 -9.30 -5.14
C THR B 447 -73.08 -10.66 -5.82
N SER B 448 -74.16 -10.90 -6.58
CA SER B 448 -74.24 -12.12 -7.39
C SER B 448 -73.09 -12.22 -8.39
N LYS B 449 -72.75 -11.11 -9.05
CA LYS B 449 -71.61 -11.14 -9.96
C LYS B 449 -70.33 -11.50 -9.22
N GLY B 450 -70.16 -10.99 -8.00
CA GLY B 450 -68.96 -11.28 -7.24
C GLY B 450 -68.87 -12.73 -6.83
N GLN B 451 -69.99 -13.32 -6.39
CA GLN B 451 -69.94 -14.73 -6.02
C GLN B 451 -69.66 -15.60 -7.22
N ARG B 452 -70.14 -15.22 -8.40
CA ARG B 452 -69.85 -15.98 -9.61
C ARG B 452 -68.35 -16.05 -9.87
N TRP B 453 -67.61 -14.96 -9.61
CA TRP B 453 -66.18 -14.88 -9.94
C TRP B 453 -65.23 -15.22 -8.79
N ARG B 454 -65.74 -15.34 -7.56
CA ARG B 454 -64.86 -15.36 -6.39
C ARG B 454 -63.88 -16.54 -6.41
N ASP B 455 -64.33 -17.73 -6.82
CA ASP B 455 -63.44 -18.87 -6.85
C ASP B 455 -62.58 -18.95 -8.11
N HIS B 456 -62.77 -18.04 -9.06
CA HIS B 456 -61.98 -17.99 -10.28
C HIS B 456 -60.91 -16.90 -10.29
N MET B 457 -60.72 -16.20 -9.18
CA MET B 457 -59.66 -15.21 -9.05
C MET B 457 -58.68 -15.64 -7.97
N ALA B 458 -57.40 -15.38 -8.20
CA ALA B 458 -56.35 -15.52 -7.17
C ALA B 458 -55.90 -14.11 -6.79
N VAL B 459 -56.24 -13.68 -5.57
CA VAL B 459 -56.19 -12.27 -5.20
C VAL B 459 -55.04 -12.05 -4.24
N PHE B 460 -54.13 -11.15 -4.59
CA PHE B 460 -52.97 -10.83 -3.77
C PHE B 460 -52.95 -9.36 -3.36
N PRO B 461 -53.01 -9.02 -2.07
CA PRO B 461 -52.67 -7.64 -1.67
C PRO B 461 -51.17 -7.44 -1.76
N LEU B 462 -50.74 -6.25 -2.21
CA LEU B 462 -49.32 -5.92 -2.37
C LEU B 462 -49.05 -4.55 -1.75
N HIS B 463 -48.17 -4.51 -0.76
CA HIS B 463 -47.90 -3.32 0.05
C HIS B 463 -46.52 -3.50 0.68
N SER B 464 -45.82 -2.39 0.95
CA SER B 464 -44.47 -2.54 1.50
C SER B 464 -44.48 -3.15 2.89
N LEU B 465 -45.63 -3.16 3.58
CA LEU B 465 -45.73 -3.77 4.89
C LEU B 465 -46.32 -5.18 4.85
N MET B 466 -46.68 -5.70 3.68
CA MET B 466 -47.29 -7.02 3.59
C MET B 466 -46.31 -8.01 2.97
N GLN B 467 -46.52 -9.28 3.31
CA GLN B 467 -45.58 -10.34 2.99
C GLN B 467 -45.55 -10.70 1.50
N SER B 468 -46.64 -10.45 0.77
CA SER B 468 -46.79 -11.02 -0.57
C SER B 468 -45.62 -10.65 -1.49
N GLY B 469 -45.14 -9.41 -1.42
CA GLY B 469 -44.00 -9.00 -2.25
C GLY B 469 -42.71 -9.72 -1.96
N GLU B 470 -42.55 -10.28 -0.76
CA GLU B 470 -41.36 -11.05 -0.42
C GLU B 470 -41.56 -12.57 -0.57
N GLN B 471 -42.71 -13.02 -1.08
CA GLN B 471 -42.91 -14.42 -1.46
C GLN B 471 -43.11 -14.52 -2.98
N GLN B 472 -43.22 -15.75 -3.48
CA GLN B 472 -43.26 -15.91 -4.93
C GLN B 472 -44.64 -15.98 -5.55
N ALA B 473 -45.68 -16.20 -4.74
CA ALA B 473 -46.99 -16.46 -5.34
C ALA B 473 -47.42 -15.29 -6.20
N VAL B 474 -47.21 -14.05 -5.73
CA VAL B 474 -47.65 -12.90 -6.49
C VAL B 474 -46.93 -12.77 -7.83
N PHE B 475 -45.72 -13.33 -7.96
CA PHE B 475 -44.99 -13.25 -9.23
C PHE B 475 -45.27 -14.39 -10.19
N ARG B 476 -45.84 -15.49 -9.70
CA ARG B 476 -46.10 -16.66 -10.53
C ARG B 476 -47.36 -16.49 -11.37
N ARG B 477 -47.47 -17.29 -12.36
CA ARG B 477 -48.77 -17.29 -13.02
C ARG B 477 -49.74 -18.23 -12.30
N PRO B 478 -51.01 -17.87 -12.23
CA PRO B 478 -51.94 -18.55 -11.33
C PRO B 478 -52.32 -19.93 -11.83
N PRO B 479 -52.90 -20.76 -10.97
CA PRO B 479 -53.44 -22.05 -11.42
C PRO B 479 -54.48 -21.89 -12.51
N ALA B 480 -54.65 -22.96 -13.29
CA ALA B 480 -55.60 -22.96 -14.39
C ALA B 480 -57.02 -22.64 -13.90
N GLY B 481 -57.75 -21.87 -14.73
CA GLY B 481 -59.09 -21.45 -14.41
C GLY B 481 -59.19 -20.26 -13.48
N GLN B 482 -58.08 -19.76 -12.96
CA GLN B 482 -58.06 -18.60 -12.08
C GLN B 482 -57.31 -17.44 -12.74
N ARG B 483 -57.83 -16.23 -12.56
CA ARG B 483 -57.14 -15.04 -13.03
C ARG B 483 -56.52 -14.35 -11.82
N LYS B 484 -55.23 -13.99 -11.93
CA LYS B 484 -54.55 -13.31 -10.84
C LYS B 484 -54.95 -11.85 -10.79
N VAL B 485 -55.26 -11.38 -9.58
CA VAL B 485 -55.63 -10.00 -9.32
C VAL B 485 -54.75 -9.49 -8.18
N ILE B 486 -54.00 -8.42 -8.45
CA ILE B 486 -53.08 -7.83 -7.49
C ILE B 486 -53.62 -6.48 -7.08
N ILE B 487 -53.78 -6.28 -5.77
CA ILE B 487 -54.31 -5.06 -5.20
C ILE B 487 -53.17 -4.36 -4.48
N SER B 488 -52.70 -3.26 -5.06
CA SER B 488 -51.38 -2.76 -4.78
C SER B 488 -51.40 -1.27 -4.51
N THR B 489 -50.41 -0.84 -3.75
CA THR B 489 -50.05 0.57 -3.68
C THR B 489 -49.15 0.91 -4.86
N ILE B 490 -48.64 2.14 -4.84
CA ILE B 490 -47.67 2.60 -5.82
C ILE B 490 -46.41 1.75 -5.84
N ILE B 491 -46.23 0.84 -4.87
CA ILE B 491 -45.03 -0.01 -4.87
C ILE B 491 -44.87 -0.78 -6.18
N ALA B 492 -45.97 -1.11 -6.85
CA ALA B 492 -45.87 -1.87 -8.09
C ALA B 492 -45.66 -0.98 -9.31
N GLU B 493 -45.55 0.35 -9.11
CA GLU B 493 -45.23 1.23 -10.24
C GLU B 493 -43.79 1.00 -10.73
N THR B 494 -42.81 1.00 -9.83
CA THR B 494 -41.39 0.77 -10.16
C THR B 494 -40.74 -0.27 -9.25
N SER B 495 -40.83 -0.07 -7.93
CA SER B 495 -40.12 -0.90 -6.96
C SER B 495 -40.33 -2.41 -7.17
N VAL B 496 -41.58 -2.85 -7.38
CA VAL B 496 -41.89 -4.26 -7.50
C VAL B 496 -42.52 -4.50 -8.87
N THR B 497 -42.09 -5.56 -9.55
CA THR B 497 -42.47 -5.79 -10.95
C THR B 497 -43.08 -7.17 -11.10
N ILE B 498 -44.32 -7.22 -11.56
CA ILE B 498 -45.02 -8.46 -11.83
C ILE B 498 -45.23 -8.54 -13.33
N ASP B 499 -44.66 -9.58 -13.96
CA ASP B 499 -44.50 -9.55 -15.41
C ASP B 499 -45.76 -9.97 -16.18
N ASP B 500 -46.63 -10.80 -15.61
CA ASP B 500 -47.78 -11.32 -16.36
C ASP B 500 -48.99 -10.39 -16.32
N VAL B 501 -48.81 -9.17 -15.80
CA VAL B 501 -49.89 -8.19 -15.81
C VAL B 501 -50.24 -7.84 -17.25
N VAL B 502 -51.51 -8.04 -17.61
CA VAL B 502 -52.05 -7.51 -18.87
C VAL B 502 -53.02 -6.33 -18.69
N TYR B 503 -53.53 -6.10 -17.49
CA TYR B 503 -54.60 -5.13 -17.27
C TYR B 503 -54.24 -4.34 -16.02
N VAL B 504 -54.18 -3.03 -16.16
CA VAL B 504 -53.90 -2.14 -15.04
C VAL B 504 -55.14 -1.31 -14.78
N ILE B 505 -55.66 -1.35 -13.55
CA ILE B 505 -56.70 -0.43 -13.12
C ILE B 505 -56.03 0.67 -12.31
N ASN B 506 -55.98 1.88 -12.90
CA ASN B 506 -55.28 2.99 -12.26
C ASN B 506 -56.35 3.88 -11.63
N SER B 507 -56.47 3.79 -10.31
CA SER B 507 -57.48 4.59 -9.62
C SER B 507 -57.14 6.07 -9.67
N GLY B 508 -55.88 6.39 -9.92
CA GLY B 508 -55.41 7.77 -9.96
C GLY B 508 -55.11 8.36 -8.60
N ARG B 509 -55.19 7.57 -7.54
CA ARG B 509 -55.01 8.10 -6.20
C ARG B 509 -53.84 7.41 -5.51
N THR B 510 -53.03 8.19 -4.83
CA THR B 510 -51.93 7.66 -4.03
C THR B 510 -51.93 8.42 -2.71
N LYS B 511 -50.98 8.10 -1.85
CA LYS B 511 -50.78 8.86 -0.63
C LYS B 511 -49.42 9.51 -0.71
N ALA B 512 -49.34 10.73 -0.18
CA ALA B 512 -48.13 11.54 -0.18
C ALA B 512 -47.96 12.17 1.20
N THR B 513 -46.70 12.37 1.59
CA THR B 513 -46.34 13.05 2.83
C THR B 513 -46.05 14.51 2.55
N ASN B 514 -46.66 15.39 3.34
CA ASN B 514 -46.54 16.83 3.17
C ASN B 514 -46.07 17.46 4.48
N TYR B 515 -45.07 18.33 4.38
CA TYR B 515 -44.54 19.04 5.52
C TYR B 515 -45.00 20.49 5.48
N ASP B 516 -45.49 20.99 6.61
CA ASP B 516 -45.90 22.39 6.75
C ASP B 516 -44.84 23.13 7.57
N ILE B 517 -44.18 24.09 6.93
CA ILE B 517 -43.08 24.84 7.55
C ILE B 517 -43.52 25.53 8.84
N GLU B 518 -44.72 26.13 8.88
CA GLU B 518 -45.06 27.00 10.00
C GLU B 518 -45.53 26.22 11.23
N THR B 519 -46.21 25.09 11.05
CA THR B 519 -46.64 24.28 12.18
C THR B 519 -45.68 23.14 12.51
N ASN B 520 -44.67 22.90 11.67
CA ASN B 520 -43.76 21.76 11.85
C ASN B 520 -44.54 20.44 11.92
N ILE B 521 -45.59 20.31 11.11
CA ILE B 521 -46.39 19.09 11.12
C ILE B 521 -46.23 18.37 9.79
N GLN B 522 -45.83 17.11 9.87
CA GLN B 522 -45.86 16.24 8.69
C GLN B 522 -47.17 15.48 8.66
N SER B 523 -47.84 15.48 7.51
CA SER B 523 -49.08 14.74 7.38
C SER B 523 -48.97 13.77 6.21
N LEU B 524 -49.84 12.77 6.22
CA LEU B 524 -49.89 11.76 5.17
C LEU B 524 -51.29 11.84 4.58
N ASP B 525 -51.38 12.26 3.33
CA ASP B 525 -52.66 12.58 2.69
C ASP B 525 -52.85 11.78 1.42
N GLU B 526 -54.12 11.45 1.14
CA GLU B 526 -54.49 10.88 -0.15
C GLU B 526 -54.57 12.00 -1.19
N VAL B 527 -53.90 11.83 -2.33
CA VAL B 527 -53.82 12.86 -3.37
C VAL B 527 -54.01 12.21 -4.73
N TRP B 528 -54.23 13.06 -5.73
CA TRP B 528 -54.18 12.63 -7.13
C TRP B 528 -52.73 12.36 -7.54
N VAL B 529 -52.54 11.30 -8.35
CA VAL B 529 -51.25 10.99 -8.93
C VAL B 529 -50.95 12.00 -10.03
N THR B 530 -49.77 11.91 -10.65
CA THR B 530 -49.42 12.84 -11.72
C THR B 530 -49.44 12.11 -13.07
N LYS B 531 -49.27 12.91 -14.13
CA LYS B 531 -49.22 12.34 -15.47
C LYS B 531 -48.06 11.37 -15.60
N ALA B 532 -46.93 11.69 -14.98
CA ALA B 532 -45.79 10.76 -15.01
C ALA B 532 -46.15 9.43 -14.37
N ASN B 533 -46.91 9.45 -13.25
CA ASN B 533 -47.32 8.21 -12.63
C ASN B 533 -48.19 7.38 -13.57
N THR B 534 -49.18 8.03 -14.19
CA THR B 534 -50.08 7.32 -15.07
C THR B 534 -49.34 6.73 -16.27
N GLN B 535 -48.38 7.49 -16.81
CA GLN B 535 -47.58 6.96 -17.91
C GLN B 535 -46.78 5.75 -17.44
N GLN B 536 -46.22 5.81 -16.23
CA GLN B 536 -45.47 4.67 -15.74
C GLN B 536 -46.40 3.49 -15.47
N ARG B 537 -47.60 3.73 -14.93
CA ARG B 537 -48.51 2.63 -14.66
C ARG B 537 -48.99 1.99 -15.95
N ARG B 538 -49.07 2.77 -17.03
CA ARG B 538 -49.54 2.24 -18.31
C ARG B 538 -48.59 1.17 -18.83
N GLY B 539 -47.27 1.43 -18.77
CA GLY B 539 -46.28 0.46 -19.18
C GLY B 539 -46.33 -0.82 -18.37
N ARG B 540 -46.88 -0.77 -17.16
CA ARG B 540 -46.98 -1.94 -16.31
C ARG B 540 -47.91 -3.03 -16.85
N ALA B 541 -48.74 -2.71 -17.85
CA ALA B 541 -49.64 -3.68 -18.47
C ALA B 541 -49.10 -4.25 -19.77
N GLY B 542 -47.94 -3.80 -20.22
CA GLY B 542 -47.40 -4.14 -21.52
C GLY B 542 -46.15 -4.99 -21.57
N ARG B 543 -45.80 -5.69 -20.49
CA ARG B 543 -44.52 -6.37 -20.52
C ARG B 543 -44.56 -7.77 -21.16
N VAL B 544 -45.63 -8.54 -21.01
CA VAL B 544 -45.76 -9.86 -21.67
C VAL B 544 -46.55 -9.79 -22.99
N ARG B 545 -47.66 -9.04 -23.04
CA ARG B 545 -48.43 -8.96 -24.28
C ARG B 545 -49.17 -7.62 -24.39
N PRO B 546 -49.88 -7.32 -25.48
CA PRO B 546 -50.64 -6.06 -25.54
C PRO B 546 -51.67 -5.96 -24.43
N GLY B 547 -51.58 -4.86 -23.67
CA GLY B 547 -52.37 -4.65 -22.49
C GLY B 547 -53.44 -3.57 -22.62
N ILE B 548 -54.09 -3.33 -21.48
CA ILE B 548 -55.07 -2.26 -21.31
C ILE B 548 -54.86 -1.60 -19.95
N CYS B 549 -54.90 -0.28 -19.93
CA CYS B 549 -54.79 0.51 -18.70
C CYS B 549 -56.10 1.28 -18.53
N TYR B 550 -56.86 0.95 -17.48
CA TYR B 550 -58.15 1.59 -17.20
C TYR B 550 -57.93 2.68 -16.16
N ASN B 551 -58.06 3.93 -16.59
CA ASN B 551 -57.90 5.06 -15.70
C ASN B 551 -59.28 5.51 -15.23
N LEU B 552 -59.45 5.55 -13.91
CA LEU B 552 -60.71 5.79 -13.20
C LEU B 552 -60.97 7.26 -12.96
N PHE B 553 -60.52 8.10 -13.87
CA PHE B 553 -60.83 9.51 -13.90
C PHE B 553 -61.03 9.94 -15.36
N SER B 554 -61.66 11.09 -15.54
CA SER B 554 -61.85 11.64 -16.89
C SER B 554 -60.57 12.24 -17.45
N ARG B 555 -60.54 12.39 -18.79
CA ARG B 555 -59.45 13.12 -19.44
C ARG B 555 -59.33 14.55 -18.93
N ALA B 556 -60.46 15.14 -18.49
CA ALA B 556 -60.44 16.46 -17.87
C ALA B 556 -59.71 16.42 -16.53
N ARG B 557 -59.88 15.35 -15.75
CA ARG B 557 -59.09 15.21 -14.53
C ARG B 557 -57.62 15.08 -14.87
N GLU B 558 -57.28 14.25 -15.85
CA GLU B 558 -55.89 14.15 -16.27
C GLU B 558 -55.30 15.51 -16.63
N ASP B 559 -56.04 16.32 -17.38
CA ASP B 559 -55.54 17.64 -17.73
C ASP B 559 -55.22 18.47 -16.50
N ARG B 560 -55.98 18.30 -15.43
CA ARG B 560 -55.71 19.07 -14.22
C ARG B 560 -54.53 18.53 -13.42
N MET B 561 -54.05 17.33 -13.70
CA MET B 561 -52.97 16.77 -12.91
C MET B 561 -51.62 17.41 -13.25
N ASP B 562 -50.74 17.43 -12.26
CA ASP B 562 -49.36 17.87 -12.47
C ASP B 562 -48.63 16.95 -13.43
N ASP B 563 -47.57 17.49 -14.04
CA ASP B 563 -46.65 16.68 -14.87
C ASP B 563 -45.97 15.59 -14.05
N ILE B 564 -45.37 15.98 -12.92
CA ILE B 564 -44.53 15.06 -12.13
C ILE B 564 -44.81 15.28 -10.65
N PRO B 565 -44.50 14.28 -9.80
CA PRO B 565 -44.52 14.54 -8.35
C PRO B 565 -43.55 15.64 -7.98
N THR B 566 -43.83 16.28 -6.85
CA THR B 566 -42.92 17.27 -6.31
C THR B 566 -41.53 16.65 -6.20
N PRO B 567 -40.50 17.24 -6.80
CA PRO B 567 -39.16 16.66 -6.74
C PRO B 567 -38.73 16.41 -5.30
N GLU B 568 -38.17 15.23 -5.05
CA GLU B 568 -38.01 14.75 -3.69
C GLU B 568 -37.14 15.67 -2.83
N ILE B 569 -36.19 16.40 -3.42
CA ILE B 569 -35.37 17.30 -2.61
C ILE B 569 -36.16 18.48 -2.03
N LEU B 570 -37.32 18.80 -2.58
CA LEU B 570 -38.17 19.82 -1.96
C LEU B 570 -38.97 19.28 -0.79
N ARG B 571 -39.07 17.95 -0.64
CA ARG B 571 -39.76 17.34 0.49
C ARG B 571 -38.82 16.83 1.58
N SER B 572 -37.51 16.99 1.43
CA SER B 572 -36.54 16.28 2.25
C SER B 572 -35.98 17.18 3.35
N LYS B 573 -35.69 16.55 4.49
CA LYS B 573 -34.80 17.16 5.48
C LYS B 573 -33.42 17.29 4.86
N LEU B 574 -32.77 18.45 5.08
CA LEU B 574 -31.52 18.76 4.39
C LEU B 574 -30.24 18.63 5.23
N GLU B 575 -30.33 18.35 6.53
CA GLU B 575 -29.13 18.38 7.38
C GLU B 575 -28.06 17.41 6.88
N SER B 576 -28.46 16.20 6.52
CA SER B 576 -27.48 15.21 6.07
C SER B 576 -26.79 15.69 4.79
N ILE B 577 -27.58 16.22 3.84
CA ILE B 577 -27.00 16.76 2.61
C ILE B 577 -26.04 17.90 2.93
N ILE B 578 -26.49 18.86 3.74
CA ILE B 578 -25.62 19.99 4.07
C ILE B 578 -24.31 19.51 4.68
N LEU B 579 -24.38 18.54 5.59
CA LEU B 579 -23.18 18.03 6.23
C LEU B 579 -22.27 17.34 5.21
N SER B 580 -22.85 16.52 4.33
CA SER B 580 -22.05 15.79 3.36
C SER B 580 -21.36 16.73 2.38
N LEU B 581 -22.03 17.82 1.99
CA LEU B 581 -21.42 18.77 1.06
C LEU B 581 -20.09 19.31 1.60
N LYS B 582 -19.97 19.43 2.93
CA LYS B 582 -18.75 19.96 3.54
C LYS B 582 -17.53 19.09 3.25
N LEU B 583 -17.70 17.77 3.12
CA LEU B 583 -16.57 16.91 2.81
C LEU B 583 -16.12 17.01 1.36
N LEU B 584 -16.96 17.54 0.49
CA LEU B 584 -16.62 17.87 -0.88
C LEU B 584 -16.19 19.31 -1.02
N HIS B 585 -15.99 19.99 0.11
CA HIS B 585 -15.54 21.37 0.13
C HIS B 585 -16.56 22.31 -0.48
N ILE B 586 -17.83 21.94 -0.41
CA ILE B 586 -18.89 22.86 -0.74
C ILE B 586 -19.43 23.30 0.61
N ASP B 587 -18.95 24.46 1.05
CA ASP B 587 -19.18 24.89 2.43
C ASP B 587 -20.39 25.79 2.57
N ASP B 588 -20.91 26.32 1.47
CA ASP B 588 -22.05 27.22 1.59
C ASP B 588 -23.23 26.51 0.95
N PRO B 589 -24.16 25.97 1.74
CA PRO B 589 -25.25 25.16 1.15
C PRO B 589 -26.27 26.00 0.42
N TYR B 590 -26.45 27.26 0.83
CA TYR B 590 -27.39 28.13 0.16
C TYR B 590 -26.98 28.37 -1.28
N ARG B 591 -25.69 28.67 -1.49
CA ARG B 591 -25.20 28.92 -2.84
C ARG B 591 -25.30 27.67 -3.71
N PHE B 592 -24.89 26.51 -3.19
CA PHE B 592 -24.87 25.32 -4.04
C PHE B 592 -26.28 24.83 -4.33
N LEU B 593 -27.12 24.75 -3.29
CA LEU B 593 -28.44 24.17 -3.50
C LEU B 593 -29.32 25.05 -4.37
N GLN B 594 -29.04 26.35 -4.44
CA GLN B 594 -29.78 27.22 -5.34
C GLN B 594 -29.56 26.84 -6.81
N THR B 595 -28.45 26.14 -7.14
CA THR B 595 -28.13 25.78 -8.52
C THR B 595 -28.78 24.48 -8.99
N LEU B 596 -29.49 23.75 -8.14
CA LEU B 596 -30.17 22.53 -8.53
C LEU B 596 -31.30 22.83 -9.53
N ILE B 597 -31.74 21.79 -10.24
CA ILE B 597 -32.86 21.94 -11.16
C ILE B 597 -34.05 22.60 -10.46
N ASN B 598 -34.37 22.11 -9.26
CA ASN B 598 -35.33 22.78 -8.40
C ASN B 598 -34.67 23.12 -7.06
N ALA B 599 -34.56 24.42 -6.77
CA ALA B 599 -33.86 24.87 -5.56
C ALA B 599 -34.71 24.62 -4.33
N PRO B 600 -34.19 23.92 -3.31
CA PRO B 600 -34.95 23.80 -2.07
C PRO B 600 -35.22 25.17 -1.48
N ASN B 601 -36.26 25.23 -0.69
CA ASN B 601 -36.58 26.44 0.05
C ASN B 601 -35.40 26.88 0.91
N PRO B 602 -34.90 28.11 0.78
CA PRO B 602 -33.81 28.56 1.67
C PRO B 602 -34.16 28.42 3.15
N GLU B 603 -35.43 28.53 3.53
CA GLU B 603 -35.78 28.28 4.93
C GLU B 603 -35.54 26.84 5.34
N ALA B 604 -35.72 25.88 4.43
CA ALA B 604 -35.39 24.50 4.78
C ALA B 604 -33.89 24.34 4.94
N ILE B 605 -33.10 25.07 4.17
CA ILE B 605 -31.65 25.01 4.38
C ILE B 605 -31.31 25.53 5.77
N LYS B 606 -31.87 26.68 6.14
CA LYS B 606 -31.62 27.25 7.47
C LYS B 606 -32.03 26.27 8.56
N MET B 607 -33.19 25.62 8.42
CA MET B 607 -33.61 24.65 9.41
C MET B 607 -32.59 23.51 9.54
N GLY B 608 -32.01 23.09 8.42
CA GLY B 608 -30.99 22.06 8.47
C GLY B 608 -29.72 22.54 9.15
N VAL B 609 -29.29 23.77 8.85
CA VAL B 609 -28.10 24.32 9.49
C VAL B 609 -28.31 24.45 11.00
N GLU B 610 -29.51 24.88 11.41
CA GLU B 610 -29.76 25.07 12.84
C GLU B 610 -29.73 23.75 13.58
N LEU B 611 -30.30 22.70 12.97
CA LEU B 611 -30.24 21.38 13.58
C LEU B 611 -28.78 20.94 13.74
N LEU B 612 -27.97 21.14 12.70
CA LEU B 612 -26.58 20.72 12.77
C LEU B 612 -25.81 21.52 13.82
N LYS B 613 -26.16 22.79 14.03
CA LYS B 613 -25.52 23.53 15.10
C LYS B 613 -25.99 23.03 16.46
N ARG B 614 -27.28 22.68 16.56
CA ARG B 614 -27.82 22.21 17.83
C ARG B 614 -27.14 20.92 18.28
N ILE B 615 -26.84 20.00 17.35
CA ILE B 615 -26.13 18.79 17.72
C ILE B 615 -24.61 18.98 17.66
N GLU B 616 -24.14 20.21 17.37
CA GLU B 616 -22.73 20.58 17.37
C GLU B 616 -21.91 19.86 16.30
N ALA B 617 -22.56 19.48 15.20
CA ALA B 617 -21.84 19.10 13.99
C ALA B 617 -21.26 20.30 13.25
N LEU B 618 -21.86 21.48 13.44
CA LEU B 618 -21.31 22.76 13.01
C LEU B 618 -21.16 23.67 14.23
N ASP B 619 -20.16 24.54 14.22
CA ASP B 619 -20.06 25.53 15.28
C ASP B 619 -20.97 26.72 14.94
N GLN B 620 -20.86 27.82 15.71
CA GLN B 620 -21.77 28.94 15.53
C GLN B 620 -21.52 29.71 14.25
N THR B 621 -20.34 29.58 13.66
CA THR B 621 -20.05 30.13 12.36
C THR B 621 -20.61 29.29 11.21
N GLY B 622 -21.13 28.10 11.50
CA GLY B 622 -21.50 27.20 10.43
C GLY B 622 -20.34 26.38 9.90
N THR B 623 -19.21 26.40 10.59
CA THR B 623 -18.04 25.64 10.18
C THR B 623 -18.10 24.24 10.78
N LEU B 624 -17.67 23.25 9.99
CA LEU B 624 -17.62 21.87 10.43
C LEU B 624 -16.80 21.73 11.71
N THR B 625 -17.35 21.02 12.69
CA THR B 625 -16.58 20.64 13.86
C THR B 625 -15.97 19.25 13.68
N PRO B 626 -15.07 18.83 14.56
CA PRO B 626 -14.58 17.45 14.45
C PRO B 626 -15.69 16.43 14.54
N LEU B 627 -16.66 16.61 15.44
CA LEU B 627 -17.79 15.70 15.49
C LEU B 627 -18.50 15.66 14.15
N GLY B 628 -18.77 16.84 13.58
CA GLY B 628 -19.47 16.92 12.31
C GLY B 628 -18.77 16.15 11.21
N MET B 629 -17.43 16.19 11.19
CA MET B 629 -16.71 15.41 10.19
C MET B 629 -16.97 13.92 10.36
N HIS B 630 -16.94 13.45 11.61
CA HIS B 630 -17.21 12.04 11.86
C HIS B 630 -18.60 11.67 11.38
N LEU B 631 -19.59 12.51 11.68
CA LEU B 631 -20.96 12.21 11.30
C LEU B 631 -21.14 12.25 9.79
N ALA B 632 -20.44 13.15 9.10
CA ALA B 632 -20.54 13.23 7.63
C ALA B 632 -20.01 11.95 6.98
N LYS B 633 -19.12 11.25 7.68
CA LYS B 633 -18.48 10.02 7.23
C LYS B 633 -19.22 8.77 7.69
N LEU B 634 -20.44 8.91 8.20
CA LEU B 634 -21.26 7.73 8.45
C LEU B 634 -22.49 7.75 7.57
N PRO B 635 -22.87 6.63 7.02
CA PRO B 635 -23.98 6.58 6.04
C PRO B 635 -25.36 6.54 6.70
N ILE B 636 -25.66 7.56 7.49
CA ILE B 636 -26.90 7.59 8.26
C ILE B 636 -27.15 9.04 8.64
N ASP B 637 -28.39 9.37 8.95
CA ASP B 637 -28.73 10.72 9.40
C ASP B 637 -27.87 11.10 10.60
N PRO B 638 -27.48 12.38 10.72
CA PRO B 638 -26.47 12.74 11.76
C PRO B 638 -26.94 12.52 13.18
N GLN B 639 -28.21 12.71 13.50
CA GLN B 639 -28.69 12.47 14.85
C GLN B 639 -28.43 11.02 15.24
N MET B 640 -28.80 10.08 14.37
CA MET B 640 -28.49 8.67 14.63
C MET B 640 -26.99 8.40 14.58
N GLY B 641 -26.26 9.02 13.64
CA GLY B 641 -24.81 8.89 13.66
C GLY B 641 -24.25 9.26 15.02
N LYS B 642 -24.75 10.35 15.58
CA LYS B 642 -24.33 10.76 16.92
C LYS B 642 -24.68 9.70 17.97
N MET B 643 -25.91 9.20 17.92
CA MET B 643 -26.36 8.17 18.85
C MET B 643 -25.45 6.94 18.82
N ILE B 644 -25.10 6.49 17.61
CA ILE B 644 -24.19 5.36 17.45
C ILE B 644 -22.83 5.68 18.07
N LEU B 645 -22.33 6.91 17.85
CA LEU B 645 -21.05 7.30 18.42
C LEU B 645 -21.10 7.28 19.93
N MET B 646 -22.22 7.73 20.51
CA MET B 646 -22.34 7.73 21.96
C MET B 646 -22.36 6.30 22.48
N SER B 647 -22.94 5.37 21.71
CA SER B 647 -22.99 3.98 22.14
C SER B 647 -21.60 3.36 22.19
N ALA B 648 -20.66 3.84 21.38
CA ALA B 648 -19.28 3.37 21.49
C ALA B 648 -18.64 3.88 22.77
N LEU B 649 -18.90 5.14 23.14
CA LEU B 649 -18.31 5.64 24.39
C LEU B 649 -18.94 4.98 25.61
N PHE B 650 -20.25 4.71 25.57
CA PHE B 650 -20.95 4.16 26.71
C PHE B 650 -21.14 2.63 26.66
N CYS B 651 -20.52 1.95 25.69
CA CYS B 651 -20.41 0.47 25.68
C CYS B 651 -21.77 -0.22 25.57
N CYS B 652 -22.71 0.41 24.87
CA CYS B 652 -24.00 -0.19 24.52
C CYS B 652 -24.15 -0.42 23.01
N LEU B 653 -23.04 -0.64 22.30
CA LEU B 653 -23.01 -0.64 20.84
C LEU B 653 -24.13 -1.48 20.21
N ASP B 654 -24.32 -2.72 20.64
CA ASP B 654 -25.22 -3.63 19.91
C ASP B 654 -26.68 -3.19 19.95
N PRO B 655 -27.29 -2.90 21.10
CA PRO B 655 -28.69 -2.44 21.04
C PRO B 655 -28.85 -1.10 20.33
N ILE B 656 -27.88 -0.17 20.43
CA ILE B 656 -28.10 1.14 19.82
C ILE B 656 -27.97 1.06 18.29
N THR B 657 -27.05 0.24 17.75
CA THR B 657 -27.00 0.11 16.29
C THR B 657 -28.27 -0.53 15.75
N SER B 658 -28.90 -1.42 16.52
CA SER B 658 -30.17 -1.99 16.13
C SER B 658 -31.25 -0.91 16.03
N ALA B 659 -31.35 -0.06 17.05
CA ALA B 659 -32.29 1.06 16.98
C ALA B 659 -31.98 1.94 15.78
N ALA B 660 -30.70 2.31 15.62
CA ALA B 660 -30.29 3.20 14.54
C ALA B 660 -30.63 2.59 13.18
N ALA B 661 -30.30 1.31 13.00
CA ALA B 661 -30.49 0.68 11.69
C ALA B 661 -31.96 0.59 11.34
N ALA B 662 -32.82 0.28 12.33
CA ALA B 662 -34.26 0.17 12.06
C ALA B 662 -34.85 1.53 11.71
N LEU B 663 -34.43 2.60 12.40
CA LEU B 663 -34.90 3.95 12.10
C LEU B 663 -34.42 4.41 10.74
N SER B 664 -33.17 4.10 10.38
CA SER B 664 -32.63 4.54 9.10
C SER B 664 -33.21 3.72 7.96
N PHE B 665 -33.45 2.42 8.17
CA PHE B 665 -34.04 1.60 7.14
C PHE B 665 -35.52 1.37 7.44
N LYS B 666 -35.86 0.35 8.23
CA LYS B 666 -37.27 0.08 8.53
C LYS B 666 -37.39 -1.09 9.51
N SER B 667 -38.58 -1.24 10.07
CA SER B 667 -38.87 -2.33 10.99
C SER B 667 -38.98 -3.65 10.24
N PRO B 668 -38.52 -4.76 10.83
CA PRO B 668 -38.67 -6.09 10.20
C PRO B 668 -40.10 -6.64 10.26
N PHE B 669 -41.01 -6.07 11.04
CA PHE B 669 -42.35 -6.64 11.19
C PHE B 669 -43.20 -6.44 9.96
N TYR B 670 -43.86 -7.50 9.50
CA TYR B 670 -44.96 -7.38 8.57
C TYR B 670 -46.21 -6.87 9.28
N SER B 671 -47.23 -6.56 8.48
CA SER B 671 -48.58 -6.29 8.96
C SER B 671 -49.57 -6.87 7.97
N PRO B 672 -49.75 -8.18 7.96
CA PRO B 672 -50.64 -8.80 6.97
C PRO B 672 -52.12 -8.61 7.27
N LEU B 673 -52.90 -8.58 6.19
CA LEU B 673 -54.33 -8.32 6.29
C LEU B 673 -54.98 -9.30 7.26
N GLY B 674 -55.73 -8.75 8.22
CA GLY B 674 -56.48 -9.52 9.19
C GLY B 674 -55.69 -10.04 10.38
N LYS B 675 -54.36 -9.98 10.34
CA LYS B 675 -53.50 -10.49 11.40
C LYS B 675 -52.98 -9.42 12.37
N GLU B 676 -53.46 -8.17 12.26
CA GLU B 676 -52.90 -7.06 13.06
C GLU B 676 -53.29 -7.18 14.53
N SER B 677 -54.35 -7.91 14.87
CA SER B 677 -54.56 -8.25 16.27
C SER B 677 -53.43 -9.15 16.77
N ARG B 678 -52.96 -10.03 15.90
CA ARG B 678 -51.89 -10.96 16.27
C ARG B 678 -50.55 -10.26 16.27
N VAL B 679 -50.35 -9.34 15.32
CA VAL B 679 -49.10 -8.61 15.25
C VAL B 679 -48.91 -7.76 16.50
N ASP B 680 -49.99 -7.15 17.00
CA ASP B 680 -49.89 -6.38 18.24
C ASP B 680 -49.35 -7.24 19.37
N GLU B 681 -49.85 -8.46 19.52
CA GLU B 681 -49.39 -9.28 20.64
C GLU B 681 -47.93 -9.68 20.47
N ILE B 682 -47.52 -10.01 19.25
CA ILE B 682 -46.12 -10.36 19.01
C ILE B 682 -45.21 -9.19 19.34
N LYS B 683 -45.59 -7.99 18.90
CA LYS B 683 -44.77 -6.81 19.20
C LYS B 683 -44.69 -6.59 20.71
N ARG B 684 -45.81 -6.76 21.41
CA ARG B 684 -45.80 -6.57 22.86
C ARG B 684 -44.89 -7.57 23.53
N ARG B 685 -44.82 -8.79 22.99
CA ARG B 685 -43.95 -9.77 23.64
C ARG B 685 -42.49 -9.58 23.27
N MET B 686 -42.19 -9.11 22.06
CA MET B 686 -40.82 -8.79 21.74
C MET B 686 -40.36 -7.55 22.50
N ALA B 687 -41.28 -6.67 22.88
CA ALA B 687 -40.91 -5.46 23.60
C ALA B 687 -40.46 -5.73 25.03
N ARG B 688 -40.82 -6.89 25.60
CA ARG B 688 -40.33 -7.32 26.90
C ARG B 688 -40.66 -6.30 27.99
N ASN B 689 -41.82 -5.65 27.84
CA ASN B 689 -42.30 -4.64 28.76
C ASN B 689 -41.37 -3.43 28.88
N MET B 690 -40.50 -3.17 27.89
CA MET B 690 -39.58 -2.05 28.02
C MET B 690 -40.13 -0.74 27.48
N ARG B 691 -41.34 -0.75 26.89
CA ARG B 691 -42.00 0.47 26.39
C ARG B 691 -41.12 1.23 25.40
N SER B 692 -40.50 0.49 24.49
CA SER B 692 -39.68 1.11 23.46
C SER B 692 -39.86 0.36 22.14
N ASP B 693 -40.28 1.07 21.09
CA ASP B 693 -40.24 0.42 19.78
C ASP B 693 -38.79 0.16 19.38
N HIS B 694 -37.87 0.99 19.86
CA HIS B 694 -36.48 0.86 19.44
C HIS B 694 -35.81 -0.34 20.11
N LEU B 695 -35.98 -0.51 21.43
CA LEU B 695 -35.42 -1.70 22.06
C LEU B 695 -36.14 -2.96 21.61
N MET B 696 -37.44 -2.84 21.28
CA MET B 696 -38.20 -3.95 20.73
C MET B 696 -37.55 -4.50 19.46
N VAL B 697 -37.06 -3.62 18.59
CA VAL B 697 -36.37 -4.10 17.40
C VAL B 697 -35.11 -4.86 17.78
N HIS B 698 -34.33 -4.35 18.73
CA HIS B 698 -33.10 -5.06 19.08
C HIS B 698 -33.42 -6.41 19.69
N ASN B 699 -34.49 -6.50 20.50
CA ASN B 699 -34.88 -7.80 21.06
C ASN B 699 -35.26 -8.76 19.94
N THR B 700 -35.91 -8.24 18.89
CA THR B 700 -36.24 -9.09 17.76
C THR B 700 -34.98 -9.61 17.10
N ILE B 701 -33.95 -8.75 16.98
CA ILE B 701 -32.69 -9.18 16.39
C ILE B 701 -31.99 -10.24 17.23
N ILE B 702 -32.02 -10.08 18.58
CA ILE B 702 -31.45 -11.09 19.49
C ILE B 702 -32.12 -12.44 19.27
N ALA B 703 -33.45 -12.45 19.18
CA ALA B 703 -34.16 -13.70 18.97
C ALA B 703 -33.90 -14.25 17.57
N TYR B 704 -33.74 -13.37 16.57
CA TYR B 704 -33.44 -13.83 15.22
C TYR B 704 -32.09 -14.56 15.16
N ARG B 705 -31.07 -14.00 15.82
CA ARG B 705 -29.77 -14.67 15.90
C ARG B 705 -29.90 -16.04 16.54
N ASP B 706 -30.65 -16.09 17.65
CA ASP B 706 -30.90 -17.36 18.32
C ASP B 706 -31.57 -18.35 17.37
N SER B 707 -32.54 -17.89 16.59
CA SER B 707 -33.19 -18.81 15.67
C SER B 707 -32.20 -19.35 14.64
N ARG B 708 -31.25 -18.51 14.24
CA ARG B 708 -30.27 -18.98 13.27
C ARG B 708 -29.30 -19.98 13.88
N TYR B 709 -28.86 -19.71 15.11
CA TYR B 709 -28.04 -20.66 15.84
C TYR B 709 -28.80 -21.97 16.04
N SER B 710 -30.13 -21.89 16.17
CA SER B 710 -30.98 -23.06 16.40
C SER B 710 -31.46 -23.71 15.12
N HIS B 711 -31.08 -23.20 13.95
CA HIS B 711 -31.63 -23.67 12.66
C HIS B 711 -33.16 -23.61 12.64
N ALA B 712 -33.74 -22.67 13.37
CA ALA B 712 -35.18 -22.42 13.37
C ALA B 712 -35.59 -21.17 12.57
N GLU B 713 -34.69 -20.60 11.75
CA GLU B 713 -34.92 -19.27 11.16
C GLU B 713 -36.28 -19.15 10.48
N ARG B 714 -36.61 -20.08 9.58
CA ARG B 714 -37.88 -19.99 8.85
C ARG B 714 -39.07 -20.01 9.79
N ASP B 715 -39.11 -20.98 10.70
CA ASP B 715 -40.20 -21.10 11.68
C ASP B 715 -40.32 -19.84 12.53
N PHE B 716 -39.18 -19.33 13.02
CA PHE B 716 -39.20 -18.12 13.84
C PHE B 716 -39.79 -16.93 13.08
N CYS B 717 -39.32 -16.69 11.84
CA CYS B 717 -39.83 -15.57 11.06
C CYS B 717 -41.31 -15.72 10.75
N TYR B 718 -41.76 -16.96 10.50
CA TYR B 718 -43.17 -17.22 10.20
C TYR B 718 -44.06 -16.96 11.40
N LYS B 719 -43.71 -17.52 12.56
CA LYS B 719 -44.55 -17.37 13.75
C LYS B 719 -44.70 -15.90 14.17
N ASN B 720 -43.66 -15.10 13.94
CA ASN B 720 -43.59 -13.73 14.42
C ASN B 720 -43.87 -12.66 13.37
N PHE B 721 -44.28 -13.05 12.17
CA PHE B 721 -44.57 -12.11 11.08
C PHE B 721 -43.41 -11.16 10.86
N LEU B 722 -42.25 -11.74 10.61
CA LEU B 722 -41.02 -10.98 10.45
C LEU B 722 -40.42 -11.24 9.09
N SER B 723 -39.81 -10.21 8.52
CA SER B 723 -39.15 -10.36 7.24
C SER B 723 -37.72 -10.79 7.49
N SER B 724 -37.38 -11.99 7.04
CA SER B 724 -36.02 -12.48 7.15
C SER B 724 -35.07 -11.61 6.32
N MET B 725 -35.57 -11.01 5.24
CA MET B 725 -34.77 -10.11 4.44
C MET B 725 -34.44 -8.81 5.17
N THR B 726 -35.42 -8.18 5.83
CA THR B 726 -35.12 -6.96 6.55
C THR B 726 -34.17 -7.24 7.72
N LEU B 727 -34.39 -8.35 8.42
CA LEU B 727 -33.52 -8.69 9.55
C LEU B 727 -32.07 -8.85 9.11
N GLN B 728 -31.86 -9.52 7.96
CA GLN B 728 -30.51 -9.72 7.47
C GLN B 728 -29.89 -8.42 7.04
N GLN B 729 -30.68 -7.53 6.47
CA GLN B 729 -30.12 -6.26 6.05
C GLN B 729 -29.79 -5.37 7.26
N LEU B 730 -30.67 -5.34 8.26
CA LEU B 730 -30.35 -4.63 9.50
C LEU B 730 -29.05 -5.13 10.11
N GLU B 731 -28.84 -6.46 10.13
CA GLU B 731 -27.58 -7.00 10.65
C GLU B 731 -26.38 -6.52 9.84
N ARG B 732 -26.46 -6.52 8.50
CA ARG B 732 -25.37 -5.98 7.70
C ARG B 732 -25.12 -4.51 8.01
N MET B 733 -26.19 -3.73 8.18
CA MET B 733 -26.00 -2.32 8.51
C MET B 733 -25.33 -2.14 9.87
N LYS B 734 -25.73 -2.94 10.85
CA LYS B 734 -25.12 -2.84 12.17
C LYS B 734 -23.63 -3.12 12.11
N ASN B 735 -23.27 -4.15 11.35
CA ASN B 735 -21.85 -4.47 11.16
C ASN B 735 -21.15 -3.40 10.32
N GLN B 736 -21.84 -2.74 9.38
CA GLN B 736 -21.18 -1.64 8.70
C GLN B 736 -20.86 -0.51 9.69
N PHE B 737 -21.81 -0.17 10.55
CA PHE B 737 -21.55 0.87 11.54
C PHE B 737 -20.40 0.50 12.47
N SER B 738 -20.41 -0.73 13.02
CA SER B 738 -19.33 -1.09 13.93
C SER B 738 -17.99 -1.11 13.20
N GLU B 739 -17.96 -1.58 11.96
CA GLU B 739 -16.71 -1.59 11.22
C GLU B 739 -16.21 -0.17 10.94
N LEU B 740 -17.10 0.77 10.61
CA LEU B 740 -16.61 2.13 10.38
C LEU B 740 -16.07 2.74 11.67
N LEU B 741 -16.75 2.51 12.80
CA LEU B 741 -16.31 3.05 14.08
C LEU B 741 -14.96 2.45 14.47
N TYR B 742 -14.77 1.16 14.20
CA TYR B 742 -13.46 0.56 14.39
C TYR B 742 -12.41 1.27 13.54
N ASN B 743 -12.70 1.48 12.25
CA ASN B 743 -11.75 2.15 11.39
C ASN B 743 -11.45 3.56 11.88
N TYR B 744 -12.44 4.21 12.47
CA TYR B 744 -12.27 5.57 12.97
C TYR B 744 -11.66 5.60 14.36
N LYS B 745 -11.27 4.44 14.89
CA LYS B 745 -10.63 4.30 16.20
C LYS B 745 -11.58 4.62 17.33
N PHE B 746 -12.90 4.49 17.14
CA PHE B 746 -13.79 4.59 18.29
C PHE B 746 -14.02 3.25 18.98
N LEU B 747 -13.70 2.12 18.33
CA LEU B 747 -13.90 0.80 18.92
C LEU B 747 -12.61 0.00 18.84
N ALA B 748 -12.41 -0.86 19.84
CA ALA B 748 -11.28 -1.78 19.81
C ALA B 748 -11.53 -2.95 18.87
N SER B 749 -12.79 -3.28 18.62
CA SER B 749 -13.17 -4.41 17.77
C SER B 749 -14.17 -3.94 16.72
N SER B 750 -14.15 -4.60 15.54
CA SER B 750 -15.10 -4.25 14.48
C SER B 750 -16.43 -4.99 14.59
N ASN B 751 -16.56 -5.90 15.56
CA ASN B 751 -17.74 -6.73 15.72
C ASN B 751 -18.75 -6.01 16.62
N CYS B 752 -19.96 -5.74 16.11
CA CYS B 752 -20.88 -4.96 16.92
C CYS B 752 -21.37 -5.72 18.14
N LYS B 753 -21.12 -7.03 18.20
CA LYS B 753 -21.44 -7.87 19.34
C LYS B 753 -20.31 -8.01 20.36
N ASP B 754 -19.13 -7.47 20.07
CA ASP B 754 -17.96 -7.70 20.92
C ASP B 754 -18.23 -7.30 22.37
N ALA B 755 -17.80 -8.16 23.30
CA ALA B 755 -18.14 -8.00 24.72
C ALA B 755 -17.60 -6.70 25.29
N ALA B 756 -16.41 -6.25 24.85
CA ALA B 756 -15.86 -5.00 25.36
C ALA B 756 -16.74 -3.80 24.98
N SER B 757 -17.29 -3.81 23.77
CA SER B 757 -18.15 -2.71 23.33
C SER B 757 -19.56 -2.81 23.90
N ASN B 758 -19.92 -3.94 24.52
CA ASN B 758 -21.26 -4.16 25.03
C ASN B 758 -21.39 -4.27 26.55
N LYS B 759 -20.35 -3.91 27.32
CA LYS B 759 -20.40 -4.08 28.77
C LYS B 759 -21.68 -3.54 29.41
N ASN B 760 -22.24 -2.46 28.87
CA ASN B 760 -23.45 -1.84 29.41
C ASN B 760 -24.73 -2.24 28.67
N SER B 761 -24.66 -3.18 27.73
CA SER B 761 -25.76 -3.31 26.79
C SER B 761 -27.05 -3.87 27.41
N GLU B 762 -27.01 -4.42 28.62
CA GLU B 762 -28.23 -4.80 29.31
C GLU B 762 -28.66 -3.81 30.39
N LYS B 763 -28.05 -2.62 30.46
CA LYS B 763 -28.54 -1.62 31.40
C LYS B 763 -29.57 -0.77 30.68
N ILE B 764 -30.85 -1.04 30.93
CA ILE B 764 -31.94 -0.48 30.14
C ILE B 764 -32.02 1.03 30.36
N PRO B 765 -31.90 1.57 31.58
CA PRO B 765 -31.96 3.03 31.72
C PRO B 765 -30.86 3.70 30.97
N LEU B 766 -29.69 3.07 30.88
CA LEU B 766 -28.61 3.60 30.07
C LEU B 766 -28.98 3.58 28.58
N LEU B 767 -29.61 2.50 28.10
CA LEU B 767 -30.00 2.48 26.69
C LEU B 767 -31.08 3.51 26.39
N ARG B 768 -32.01 3.75 27.32
CA ARG B 768 -32.97 4.83 27.11
C ARG B 768 -32.27 6.18 27.03
N ALA B 769 -31.23 6.38 27.84
CA ALA B 769 -30.50 7.63 27.80
C ALA B 769 -29.86 7.86 26.45
N ILE B 770 -29.26 6.82 25.88
CA ILE B 770 -28.55 6.98 24.61
C ILE B 770 -29.55 7.13 23.47
N ILE B 771 -30.60 6.31 23.46
CA ILE B 771 -31.69 6.53 22.51
C ILE B 771 -32.21 7.95 22.62
N GLY B 772 -32.40 8.44 23.85
CA GLY B 772 -32.87 9.81 24.04
C GLY B 772 -31.89 10.83 23.49
N ALA B 773 -30.60 10.60 23.67
CA ALA B 773 -29.61 11.53 23.15
C ALA B 773 -29.69 11.62 21.63
N GLY B 774 -30.12 10.53 20.97
CA GLY B 774 -30.21 10.53 19.53
C GLY B 774 -31.49 11.10 18.96
N LEU B 775 -32.61 10.93 19.68
CA LEU B 775 -33.91 11.42 19.22
C LEU B 775 -34.26 12.80 19.78
N TYR B 776 -33.52 13.29 20.77
CA TYR B 776 -33.74 14.63 21.30
C TYR B 776 -33.52 15.64 20.17
N PRO B 777 -34.31 16.74 20.11
CA PRO B 777 -35.34 17.10 21.09
C PRO B 777 -36.80 16.69 20.77
N ASN B 778 -37.09 15.50 20.25
CA ASN B 778 -38.47 15.12 20.01
C ASN B 778 -38.93 14.43 21.29
N MET B 779 -39.75 15.13 22.07
CA MET B 779 -40.16 14.68 23.39
C MET B 779 -41.67 14.78 23.49
N ALA B 780 -42.27 13.90 24.28
CA ALA B 780 -43.68 14.03 24.58
C ALA B 780 -43.88 13.72 26.05
N HIS B 781 -44.97 14.22 26.58
CA HIS B 781 -45.28 14.08 27.99
C HIS B 781 -46.71 13.58 28.12
N LEU B 782 -46.87 12.47 28.83
CA LEU B 782 -48.16 11.82 28.98
C LEU B 782 -48.72 12.20 30.35
N ARG B 783 -49.86 12.90 30.34
CA ARG B 783 -50.41 13.54 31.55
C ARG B 783 -51.46 12.67 32.23
N LYS B 784 -52.58 12.39 31.56
CA LYS B 784 -53.57 11.45 32.06
C LYS B 784 -53.57 10.18 31.22
N SER B 785 -53.91 9.07 31.87
CA SER B 785 -54.23 7.82 31.19
C SER B 785 -55.46 7.22 31.87
N ARG B 786 -56.47 6.88 31.06
CA ARG B 786 -57.72 6.30 31.55
C ARG B 786 -57.84 4.87 31.05
N GLN B 787 -58.49 4.02 31.84
CA GLN B 787 -58.70 2.63 31.43
C GLN B 787 -60.11 2.38 30.87
N ARG B 793 -57.35 -1.65 26.94
CA ARG B 793 -56.61 -0.53 26.34
C ARG B 793 -56.92 0.76 27.09
N ALA B 794 -55.97 1.69 27.06
CA ALA B 794 -56.08 2.95 27.78
C ALA B 794 -56.20 4.13 26.81
N ILE B 795 -56.90 5.19 27.28
CA ILE B 795 -56.95 6.47 26.58
C ILE B 795 -55.80 7.34 27.09
N HIS B 796 -55.15 8.07 26.20
CA HIS B 796 -53.96 8.85 26.54
C HIS B 796 -54.22 10.34 26.35
N THR B 797 -53.88 11.13 27.38
CA THR B 797 -53.79 12.59 27.26
C THR B 797 -52.30 12.89 27.24
N MET B 798 -51.78 13.21 26.05
CA MET B 798 -50.35 13.30 25.82
C MET B 798 -50.08 14.43 24.84
N ALA B 799 -49.01 15.17 25.07
CA ALA B 799 -48.68 16.29 24.22
C ALA B 799 -47.19 16.27 23.93
N THR B 800 -46.81 16.68 22.72
CA THR B 800 -45.39 16.89 22.49
C THR B 800 -44.96 18.18 23.17
N ASP B 801 -43.65 18.44 23.16
CA ASP B 801 -43.13 19.57 23.93
C ASP B 801 -43.52 20.93 23.34
N ASP B 802 -44.03 20.95 22.11
CA ASP B 802 -44.59 22.16 21.52
C ASP B 802 -46.04 22.39 21.93
N GLY B 803 -46.58 21.54 22.79
CA GLY B 803 -47.92 21.71 23.30
C GLY B 803 -48.99 20.98 22.52
N ARG B 804 -48.67 20.41 21.36
CA ARG B 804 -49.69 19.76 20.55
C ARG B 804 -50.04 18.40 21.11
N ARG B 805 -51.34 18.12 21.17
CA ARG B 805 -51.82 16.81 21.55
C ARG B 805 -51.45 15.77 20.50
N VAL B 806 -50.97 14.62 20.97
CA VAL B 806 -50.58 13.51 20.12
C VAL B 806 -51.04 12.22 20.79
N ASN B 807 -51.02 11.15 20.01
CA ASN B 807 -51.20 9.80 20.52
C ASN B 807 -50.14 8.90 19.89
N PHE B 808 -49.85 7.78 20.56
CA PHE B 808 -49.04 6.74 19.92
C PHE B 808 -49.81 6.16 18.74
N HIS B 809 -49.11 5.96 17.63
CA HIS B 809 -49.72 5.29 16.50
C HIS B 809 -50.09 3.85 16.89
N PRO B 810 -51.26 3.36 16.46
CA PRO B 810 -51.65 1.99 16.83
C PRO B 810 -50.60 0.94 16.50
N SER B 811 -49.70 1.21 15.55
CA SER B 811 -48.67 0.24 15.21
C SER B 811 -47.48 0.28 16.15
N SER B 812 -47.37 1.30 17.01
CA SER B 812 -46.31 1.38 18.02
C SER B 812 -46.68 0.55 19.22
N VAL B 813 -45.68 -0.04 19.89
CA VAL B 813 -45.96 -0.92 21.02
C VAL B 813 -46.48 -0.18 22.23
N ASN B 814 -46.36 1.15 22.28
CA ASN B 814 -46.89 1.86 23.42
C ASN B 814 -48.36 2.21 23.25
N SER B 815 -48.93 1.93 22.08
CA SER B 815 -50.33 2.21 21.82
C SER B 815 -51.20 1.47 22.83
N GLY B 816 -52.12 2.20 23.49
CA GLY B 816 -53.10 1.61 24.38
C GLY B 816 -52.60 1.11 25.73
N GLU B 817 -51.30 1.18 26.01
CA GLU B 817 -50.74 0.61 27.23
C GLU B 817 -51.02 1.53 28.42
N SER B 818 -50.85 0.98 29.64
CA SER B 818 -51.32 1.64 30.86
C SER B 818 -50.21 2.00 31.83
N GLY B 819 -49.39 1.05 32.25
CA GLY B 819 -48.52 1.17 33.42
C GLY B 819 -47.16 1.83 33.37
N PHE B 820 -46.97 2.83 32.54
CA PHE B 820 -45.65 3.41 32.30
C PHE B 820 -44.91 3.80 33.58
N ASP B 821 -43.65 3.36 33.69
CA ASP B 821 -42.80 3.80 34.80
C ASP B 821 -42.45 5.27 34.71
N SER B 822 -42.47 5.86 33.51
CA SER B 822 -42.17 7.27 33.32
C SER B 822 -43.18 7.84 32.34
N ALA B 823 -43.48 9.12 32.50
CA ALA B 823 -44.47 9.81 31.71
C ALA B 823 -43.88 10.50 30.48
N TYR B 824 -42.59 10.34 30.23
CA TYR B 824 -41.91 11.04 29.16
C TYR B 824 -41.45 10.06 28.10
N PHE B 825 -41.45 10.54 26.86
CA PHE B 825 -41.13 9.72 25.69
C PHE B 825 -40.33 10.54 24.69
N VAL B 826 -39.51 9.84 23.92
CA VAL B 826 -38.89 10.42 22.74
C VAL B 826 -39.37 9.64 21.53
N TYR B 827 -39.24 10.26 20.36
CA TYR B 827 -39.78 9.69 19.14
C TYR B 827 -38.96 10.18 17.95
N PHE B 828 -38.89 9.32 16.92
CA PHE B 828 -38.23 9.71 15.69
C PHE B 828 -39.16 10.49 14.78
N GLN B 829 -40.40 10.04 14.64
CA GLN B 829 -41.24 10.66 13.63
C GLN B 829 -42.64 10.89 14.17
N ARG B 830 -43.15 12.10 13.99
CA ARG B 830 -44.54 12.40 14.27
C ARG B 830 -45.26 12.69 12.95
N GLN B 831 -46.48 12.16 12.81
CA GLN B 831 -47.16 12.27 11.53
C GLN B 831 -48.67 12.38 11.72
N LYS B 832 -49.29 13.31 10.99
CA LYS B 832 -50.74 13.50 11.07
C LYS B 832 -51.43 12.67 10.00
N SER B 833 -52.33 11.79 10.42
CA SER B 833 -53.26 11.22 9.45
C SER B 833 -54.71 11.46 9.87
N THR B 834 -55.25 10.58 10.72
CA THR B 834 -56.54 10.80 11.37
C THR B 834 -56.39 11.52 12.70
N ASP B 835 -55.15 11.62 13.18
CA ASP B 835 -54.79 12.28 14.43
C ASP B 835 -53.30 12.59 14.27
N LEU B 836 -52.74 13.30 15.23
CA LEU B 836 -51.31 13.54 15.24
C LEU B 836 -50.66 12.40 16.04
N PHE B 837 -49.90 11.56 15.34
CA PHE B 837 -49.41 10.30 15.88
C PHE B 837 -47.90 10.31 16.02
N LEU B 838 -47.41 9.65 17.09
CA LEU B 838 -46.02 9.26 17.19
C LEU B 838 -45.89 7.85 16.61
N LEU B 839 -45.10 7.72 15.55
CA LEU B 839 -45.06 6.47 14.83
C LEU B 839 -44.20 5.44 15.55
N ASP B 840 -43.32 5.89 16.44
CA ASP B 840 -42.36 5.08 17.17
C ASP B 840 -42.03 5.85 18.45
N SER B 841 -41.74 5.16 19.53
CA SER B 841 -41.40 5.93 20.71
C SER B 841 -40.60 5.09 21.67
N THR B 842 -39.83 5.77 22.52
CA THR B 842 -39.18 5.14 23.66
C THR B 842 -39.50 5.93 24.92
N MET B 843 -39.95 5.23 25.97
CA MET B 843 -40.12 5.84 27.27
C MET B 843 -38.77 6.19 27.87
N VAL B 844 -38.65 7.41 28.40
CA VAL B 844 -37.36 7.90 28.88
C VAL B 844 -37.54 8.53 30.26
N PHE B 845 -36.45 8.62 31.00
CA PHE B 845 -36.49 9.24 32.32
C PHE B 845 -35.96 10.69 32.33
N PRO B 846 -36.58 11.57 33.12
CA PRO B 846 -36.14 12.98 33.17
C PRO B 846 -34.64 13.18 33.31
N MET B 847 -33.99 12.43 34.23
CA MET B 847 -32.58 12.71 34.49
C MET B 847 -31.71 12.42 33.27
N ALA B 848 -32.11 11.42 32.46
CA ALA B 848 -31.40 11.15 31.22
C ALA B 848 -31.58 12.30 30.23
N LEU B 849 -32.80 12.83 30.11
CA LEU B 849 -32.99 13.98 29.23
C LEU B 849 -32.15 15.16 29.69
N ILE B 850 -32.05 15.35 31.01
CA ILE B 850 -31.32 16.50 31.52
C ILE B 850 -29.83 16.35 31.27
N ILE B 851 -29.28 15.15 31.47
CA ILE B 851 -27.84 14.97 31.32
C ILE B 851 -27.41 15.17 29.88
N PHE B 852 -28.19 14.65 28.92
CA PHE B 852 -27.81 14.69 27.52
C PHE B 852 -28.49 15.79 26.72
N GLY B 853 -29.40 16.56 27.30
CA GLY B 853 -30.14 17.56 26.54
C GLY B 853 -29.51 18.94 26.60
N ASP B 854 -30.34 19.95 26.37
CA ASP B 854 -29.89 21.34 26.45
C ASP B 854 -31.04 22.15 27.05
N GLY B 855 -30.89 23.47 27.11
CA GLY B 855 -31.89 24.28 27.79
C GLY B 855 -32.04 23.88 29.24
N VAL B 856 -30.94 23.53 29.88
CA VAL B 856 -30.91 23.04 31.24
C VAL B 856 -30.53 24.20 32.15
N GLU B 857 -31.34 24.47 33.16
CA GLU B 857 -30.94 25.44 34.18
C GLU B 857 -31.54 25.05 35.52
N ALA B 858 -30.85 25.43 36.59
CA ALA B 858 -31.34 25.25 37.95
C ALA B 858 -31.81 26.60 38.50
N GLY B 859 -32.83 26.56 39.34
CA GLY B 859 -33.37 27.79 39.87
C GLY B 859 -34.45 27.49 40.89
N VAL B 860 -35.22 28.53 41.20
CA VAL B 860 -36.33 28.42 42.16
C VAL B 860 -37.56 29.11 41.56
N THR B 861 -38.63 28.34 41.39
CA THR B 861 -39.97 28.88 41.16
C THR B 861 -40.84 28.40 42.32
N GLN B 862 -41.99 29.04 42.50
CA GLN B 862 -42.75 28.91 43.74
C GLN B 862 -41.73 29.37 44.79
N ASN B 863 -41.44 28.58 45.81
CA ASN B 863 -40.17 28.56 46.52
C ASN B 863 -39.36 27.29 46.28
N THR B 864 -39.80 26.42 45.36
CA THR B 864 -39.19 25.11 45.16
C THR B 864 -37.98 25.20 44.23
N PRO B 865 -36.86 24.60 44.61
CA PRO B 865 -35.74 24.48 43.67
C PRO B 865 -36.08 23.51 42.54
N TYR B 866 -35.63 23.84 41.33
CA TYR B 866 -35.97 23.03 40.18
C TYR B 866 -34.74 22.83 39.31
N LEU B 867 -34.85 21.88 38.39
CA LEU B 867 -33.89 21.67 37.31
C LEU B 867 -34.70 21.38 36.05
N CYS B 868 -34.38 22.06 34.95
CA CYS B 868 -35.23 21.94 33.79
C CYS B 868 -34.44 21.46 32.59
N VAL B 869 -35.16 21.07 31.54
CA VAL B 869 -34.56 20.68 30.27
C VAL B 869 -35.41 21.24 29.14
N ALA B 870 -34.74 21.69 28.07
CA ALA B 870 -35.36 22.36 26.93
C ALA B 870 -36.14 23.63 27.32
N LYS B 871 -35.85 24.22 28.47
CA LYS B 871 -36.68 25.32 29.01
C LYS B 871 -38.17 24.98 28.90
N THR B 872 -38.50 23.69 29.04
CA THR B 872 -39.86 23.21 28.80
C THR B 872 -40.37 22.41 29.99
N TYR B 873 -39.66 21.33 30.32
CA TYR B 873 -40.02 20.45 31.43
C TYR B 873 -39.21 20.80 32.67
N TYR B 874 -39.91 21.19 33.74
CA TYR B 874 -39.27 21.64 34.97
C TYR B 874 -39.50 20.59 36.05
N PHE B 875 -38.42 20.09 36.63
CA PHE B 875 -38.49 19.02 37.62
C PHE B 875 -38.09 19.54 38.99
N LYS B 876 -38.81 19.10 40.02
CA LYS B 876 -38.36 19.36 41.39
C LYS B 876 -37.00 18.70 41.55
N CYS B 877 -36.03 19.49 41.98
CA CYS B 877 -34.68 18.98 42.15
C CYS B 877 -34.00 19.82 43.22
N ASN B 878 -33.25 19.18 44.11
CA ASN B 878 -32.64 20.01 45.14
C ASN B 878 -31.33 20.60 44.62
N ARG B 879 -30.74 21.48 45.44
CA ARG B 879 -29.57 22.25 45.06
C ARG B 879 -28.34 21.38 44.88
N GLU B 880 -28.13 20.42 45.79
CA GLU B 880 -26.95 19.56 45.69
C GLU B 880 -26.99 18.73 44.42
N THR B 881 -28.16 18.23 44.03
CA THR B 881 -28.26 17.43 42.81
C THR B 881 -28.09 18.32 41.58
N ALA B 882 -28.68 19.51 41.60
CA ALA B 882 -28.56 20.43 40.47
C ALA B 882 -27.11 20.82 40.22
N ASP B 883 -26.37 21.16 41.29
CA ASP B 883 -25.00 21.62 41.06
C ASP B 883 -24.13 20.51 40.51
N VAL B 884 -24.35 19.25 40.92
CA VAL B 884 -23.53 18.16 40.42
C VAL B 884 -23.92 17.82 38.98
N VAL B 885 -25.23 17.81 38.66
CA VAL B 885 -25.63 17.49 37.30
C VAL B 885 -25.14 18.55 36.33
N ILE B 886 -25.18 19.81 36.74
CA ILE B 886 -24.66 20.88 35.90
C ILE B 886 -23.15 20.72 35.73
N GLN B 887 -22.45 20.38 36.81
CA GLN B 887 -21.03 20.09 36.71
C GLN B 887 -20.77 18.88 35.82
N LEU B 888 -21.63 17.86 35.93
CA LEU B 888 -21.49 16.65 35.10
C LEU B 888 -21.68 16.97 33.62
N ARG B 889 -22.72 17.75 33.28
CA ARG B 889 -22.94 18.11 31.87
C ARG B 889 -21.75 18.86 31.30
N SER B 890 -21.16 19.76 32.10
CA SER B 890 -19.99 20.48 31.64
C SER B 890 -18.84 19.52 31.36
N ASN B 891 -18.58 18.56 32.27
CA ASN B 891 -17.51 17.61 32.01
C ASN B 891 -17.85 16.67 30.88
N LEU B 892 -19.14 16.35 30.70
CA LEU B 892 -19.50 15.49 29.57
C LEU B 892 -19.23 16.19 28.24
N GLU B 893 -19.56 17.48 28.15
CA GLU B 893 -19.28 18.21 26.91
C GLU B 893 -17.77 18.25 26.65
N LYS B 894 -16.97 18.46 27.69
CA LYS B 894 -15.53 18.43 27.51
C LYS B 894 -15.04 17.08 27.01
N LEU B 895 -15.59 16.00 27.55
CA LEU B 895 -15.22 14.66 27.10
C LEU B 895 -15.57 14.44 25.62
N LEU B 896 -16.79 14.84 25.24
CA LEU B 896 -17.21 14.63 23.86
C LEU B 896 -16.32 15.37 22.88
N LEU B 897 -15.94 16.60 23.20
CA LEU B 897 -15.07 17.35 22.29
C LEU B 897 -13.69 16.71 22.18
N LYS B 898 -13.21 16.10 23.27
CA LYS B 898 -11.90 15.45 23.18
C LYS B 898 -11.96 14.16 22.40
N LYS B 899 -13.03 13.37 22.56
CA LYS B 899 -13.10 12.10 21.84
C LYS B 899 -13.27 12.32 20.34
N ALA B 900 -14.00 13.35 19.93
CA ALA B 900 -14.18 13.60 18.49
C ALA B 900 -12.87 14.04 17.85
N LEU B 901 -12.08 14.86 18.55
CA LEU B 901 -10.83 15.38 18.01
C LEU B 901 -9.72 14.34 18.06
N TYR B 902 -9.77 13.43 19.03
CA TYR B 902 -8.74 12.40 19.21
C TYR B 902 -9.43 11.06 19.42
N PRO B 903 -9.94 10.44 18.34
CA PRO B 903 -10.65 9.17 18.50
C PRO B 903 -9.77 8.11 19.15
N ALA B 904 -10.37 7.35 20.06
CA ALA B 904 -9.72 6.28 20.79
C ALA B 904 -10.81 5.61 21.60
N PRO B 905 -10.79 4.29 21.77
CA PRO B 905 -11.76 3.66 22.65
C PRO B 905 -11.52 4.19 24.06
N ILE B 906 -12.58 4.20 24.87
CA ILE B 906 -12.39 4.58 26.27
C ILE B 906 -11.82 3.38 27.01
N GLU B 907 -10.64 3.56 27.59
CA GLU B 907 -9.99 2.46 28.31
C GLU B 907 -10.72 2.15 29.62
N GLU B 908 -10.70 0.86 29.99
CA GLU B 908 -11.49 0.41 31.13
C GLU B 908 -11.08 1.06 32.44
N ASN B 909 -9.78 1.22 32.68
CA ASN B 909 -9.30 1.70 33.97
C ASN B 909 -8.91 3.18 34.01
N GLY B 910 -9.11 3.92 32.92
CA GLY B 910 -8.58 5.27 32.84
C GLY B 910 -9.47 6.37 33.44
N TYR B 911 -9.01 7.60 33.22
CA TYR B 911 -9.70 8.78 33.73
C TYR B 911 -11.07 8.95 33.10
N GLU B 912 -11.13 8.82 31.77
CA GLU B 912 -12.38 9.09 31.05
C GLU B 912 -13.47 8.14 31.49
N LYS B 913 -13.10 6.88 31.77
CA LYS B 913 -14.08 5.90 32.24
C LYS B 913 -14.76 6.37 33.52
N GLN B 914 -14.04 7.11 34.38
CA GLN B 914 -14.65 7.55 35.63
C GLN B 914 -15.76 8.55 35.40
N LEU B 915 -15.68 9.33 34.32
CA LEU B 915 -16.80 10.18 33.98
C LEU B 915 -17.98 9.35 33.47
N ILE B 916 -17.71 8.32 32.67
CA ILE B 916 -18.77 7.44 32.18
C ILE B 916 -19.46 6.74 33.34
N LYS B 917 -18.69 6.27 34.31
CA LYS B 917 -19.26 5.60 35.48
C LYS B 917 -20.11 6.55 36.32
N ALA B 918 -19.69 7.82 36.47
CA ALA B 918 -20.52 8.80 37.16
C ALA B 918 -21.89 8.90 36.48
N ILE B 919 -21.91 8.96 35.16
CA ILE B 919 -23.19 9.08 34.46
C ILE B 919 -24.00 7.78 34.61
N GLU B 920 -23.36 6.62 34.45
CA GLU B 920 -24.07 5.36 34.66
C GLU B 920 -24.72 5.31 36.05
N LEU B 921 -24.00 5.79 37.07
CA LEU B 921 -24.51 5.67 38.43
C LEU B 921 -25.77 6.51 38.61
N LEU B 922 -25.74 7.76 38.11
CA LEU B 922 -26.92 8.61 38.19
C LEU B 922 -28.09 8.01 37.43
N LEU B 923 -27.84 7.47 36.24
CA LEU B 923 -28.93 6.92 35.44
C LEU B 923 -29.45 5.60 36.00
N SER B 924 -28.59 4.83 36.70
CA SER B 924 -29.04 3.56 37.24
C SER B 924 -30.12 3.74 38.30
N LEU B 925 -30.31 4.96 38.80
CA LEU B 925 -31.31 5.17 39.84
C LEU B 925 -32.74 4.97 39.34
N ASP B 926 -32.97 5.05 38.03
CA ASP B 926 -34.33 4.91 37.51
C ASP B 926 -34.68 3.46 37.18
N GLU B 927 -33.83 2.52 37.55
CA GLU B 927 -34.12 1.12 37.32
C GLU B 927 -35.41 0.69 38.00
N ARG B 928 -36.07 -0.30 37.39
CA ARG B 928 -37.39 -0.77 37.82
C ARG B 928 -37.46 -1.22 39.27
N LEU B 929 -36.77 -2.30 39.63
CA LEU B 929 -36.75 -2.72 41.03
C LEU B 929 -35.85 -1.80 41.89
#